data_6WXV
#
_entry.id   6WXV
#
_cell.length_a   1.00
_cell.length_b   1.00
_cell.length_c   1.00
_cell.angle_alpha   90.00
_cell.angle_beta   90.00
_cell.angle_gamma   90.00
#
_symmetry.space_group_name_H-M   'P 1'
#
loop_
_entity.id
_entity.type
_entity.pdbx_description
1 polymer 'Dual oxidase 1'
2 polymer 'Dual oxidase maturation factor 1'
3 branched alpha-D-mannopyranose-(1-3)-alpha-D-mannopyranose-(1-6)-beta-D-mannopyranose-(1-4)-2-acetamido-2-deoxy-beta-D-glucopyranose-(1-4)-2-acetamido-2-deoxy-beta-D-glucopyranose
4 non-polymer 'FLAVIN-ADENINE DINUCLEOTIDE'
5 non-polymer 2-acetamido-2-deoxy-beta-D-glucopyranose
6 non-polymer 'HEME B/C'
7 non-polymer 'NADPH DIHYDRO-NICOTINAMIDE-ADENINE-DINUCLEOTIDE PHOSPHATE'
8 non-polymer 'DIUNDECYL PHOSPHATIDYL CHOLINE'
9 non-polymer 'CALCIUM ION'
#
loop_
_entity_poly.entity_id
_entity_poly.type
_entity_poly.pdbx_seq_one_letter_code
_entity_poly.pdbx_strand_id
1 'polypeptide(L)'
;GPSRGAQNSISWEVQRFDGWYNNLMEHRWGSKGSRLQRLVPASYADGVYQPLKEPYLPNPRHLSNRVMRGSAGQPSLRNR
TVLGVFFGYHVLSDLVSVETPGCPAEFLNIYIPHGDPVFDPDKRGNVVLPFQRSRWDRNTGQSPSNPRDQSNQVTGWLDG
SAIYGSSHSWSDTLRSFSGGQLASGPDPAFPSDSQSSLLMWMAPDPSTGQGGPRGVYAFGAQRGNREPFLQALGLLWFRY
HNLCARKLAQEHPHWGDEELFQHARKRVIATYQNIAMYEWLPSFLKQTPPEYPGYRPFLDPSISPEFVVASEQFLSTMVP
SGVYMRNASCHFQGIPSHNSSVSGALRVCNSYWSREHPKLQRAEDVDALLLGMASQIAEREDHVVVEDMQDFWPGPLKFS
RTDYLASCLQRGRDLGLPSYTKAREALGLSPISHWQDINPALSRSNGTVLEATAALYNQDLSRLELLPGGLLESHGDPGP
LFSTIVLDQFVRLRDGDRYWFENTRNGLFSKEEIAEIRNTSLRDILVAVTNVDPSALQPNVFFWLAGDPCPQPSQLSAKG
LPACAPLFIRDYFEGSGFGFGLTIGTLCCFPLVSLLSAWIVARLRKRNFKRLQRQDRQSIMSEKLVGGVEALEWQGRNEP
CRPVLVHLQPGQIRVVDGRLTVLRTIQLRPPQQVNLILSSNRGRRTLLLKIPKEYDLVLLFNMEEERQALVENVRGALKE
NGLSFQEWELREQELMRAAVTRQQRGHLLETFFRHLFSQVLDINQADAGTLPLDSSTKVREALTCELSRAEFADSLGLKP
QDMFVESMFSLADKDGNGYLSFREFLDILVVFMKGSPEEKSRLMFRMYDFDGNGLISKDEFIRMLRSFIEISNNCLSKAQ
LAEVVESMFRESGFQDKEELTWEDFHFMLRDHDSDLRFTQLCVKGVEVPEVIKNLCRRASYISQEKICPSPRMSAHCARN
NMKTASSPQRLQCPMDTDPPQEIRRRFGKKVTSFQPLLFTEAHREKFQRSRRHQTVQQFKRFIENYRRHIGCVAVFYTIT
GALFLERAYYYAFAAHHSGITDTTRVGIILSRGTAASISFMFSYILLTMCRNLITFLRETFLNRYIPFDAAVDFHRLIAS
TAIILTVLHSAGHVVNVYLFSISPLSVLSCLFPGLFHDDGSEFPQKYYWWFFQTVPGLTGVLLLLALAIMYVFASHHFRR
RSFRGFWLTHHLYIFLYILLIIHGSFALIQMPRFHIFFLVPAIIYVGDKLVSLSRKKVEISVVKAELLPSGVTHLRFQRP
QGFEYKSGQWVRIACLALGTTEYHPFTLTSAPHEDTLSLHIRAAGPWTTRLREIYSPPTGDTCARYPKLYLDGPFGEGHQ
EWHKFEVSVLVGGGIGVTPFASILKDLVFKSSVSCQVFCKKIYFIWVTRTQRQFEWLADIIREVEENDRQDLVSVHIYIT
QLAEKFDLRTTMLYICERHFQKVLNRSLFTGLRSITHFGRPPFEPFFNSLQEVHPQVRKIGVFSCGPPGMTKNVEKACQL
INRQDRTHFSHHYENF
;
A
2 'polypeptide(L)'
;MAALGHTLPFYTGTKPTFPMDTTLAVIITIFLTALVTFIIILPGIRGKTRLFWLLRVVTSLFIGAVILAVNFSSEWSVGH
VNANTTYKAFSPKWVSVDVGLQIGLGGVNITLTGTPVQQLNETINYNEAFAWRLGRSYAEEYAKALEKGLPDPVLYLAEK
FTPRSPCGLYNQYRLAGHYASAMLWVAFLCWLLANVMLSMPVLVYGGHMLLATGLFQLLALFFFSMTTSLISPCPLRLGT
AVLHTHHGPAFWITLATGLLCILLGLVMAVAHRMQPHRLKAFFNQSSEDPVLEWGSEEGGLLSPHYRSIAESPETQDIPM
SVASSETCFKEEHPKESDCSL
;
B
#
loop_
_chem_comp.id
_chem_comp.type
_chem_comp.name
_chem_comp.formula
BMA D-saccharide, beta linking beta-D-mannopyranose 'C6 H12 O6'
CA non-polymer 'CALCIUM ION' 'Ca 2'
FAD non-polymer 'FLAVIN-ADENINE DINUCLEOTIDE' 'C27 H33 N9 O15 P2'
HEB non-polymer 'HEME B/C' 'C34 H34 Fe N4 O4'
MAN D-saccharide, alpha linking alpha-D-mannopyranose 'C6 H12 O6'
NAG D-saccharide, beta linking 2-acetamido-2-deoxy-beta-D-glucopyranose 'C8 H15 N O6'
NDP non-polymer 'NADPH DIHYDRO-NICOTINAMIDE-ADENINE-DINUCLEOTIDE PHOSPHATE' 'C21 H30 N7 O17 P3'
PLC non-polymer 'DIUNDECYL PHOSPHATIDYL CHOLINE' 'C32 H65 N O8 P 1'
#
# COMPACT_ATOMS: atom_id res chain seq x y z
N GLN A 7 -8.43 -18.07 43.66
CA GLN A 7 -9.44 -18.83 42.93
C GLN A 7 -8.86 -20.15 42.40
N ASN A 8 -7.56 -20.34 42.58
CA ASN A 8 -6.87 -21.53 42.11
C ASN A 8 -5.59 -21.70 42.92
N SER A 9 -4.71 -22.59 42.46
CA SER A 9 -3.50 -22.95 43.18
C SER A 9 -2.28 -22.14 42.76
N ILE A 10 -2.45 -21.14 41.91
CA ILE A 10 -1.34 -20.27 41.49
C ILE A 10 -1.32 -19.12 42.51
N SER A 11 -0.61 -19.35 43.61
CA SER A 11 -0.58 -18.41 44.73
C SER A 11 0.60 -17.44 44.65
N TRP A 12 0.75 -16.80 43.49
CA TRP A 12 1.78 -15.78 43.31
C TRP A 12 1.44 -14.99 42.05
N GLU A 13 2.32 -14.07 41.69
CA GLU A 13 2.12 -13.23 40.52
C GLU A 13 2.78 -13.90 39.32
N VAL A 14 1.97 -14.30 38.34
CA VAL A 14 2.50 -14.94 37.14
C VAL A 14 3.39 -13.96 36.41
N GLN A 15 4.60 -14.41 36.05
CA GLN A 15 5.59 -13.52 35.44
C GLN A 15 5.18 -13.18 34.02
N ARG A 16 5.21 -11.89 33.70
CA ARG A 16 4.86 -11.44 32.36
C ARG A 16 5.88 -11.94 31.35
N PHE A 17 5.43 -12.10 30.11
CA PHE A 17 6.32 -12.58 29.05
C PHE A 17 7.07 -11.45 28.38
N ASP A 18 6.42 -10.30 28.16
CA ASP A 18 7.09 -9.18 27.50
C ASP A 18 8.10 -8.48 28.40
N GLY A 19 8.16 -8.82 29.68
CA GLY A 19 9.09 -8.21 30.60
C GLY A 19 8.60 -6.95 31.27
N TRP A 20 7.47 -6.40 30.84
CA TRP A 20 6.95 -5.17 31.42
C TRP A 20 6.63 -5.36 32.90
N TYR A 21 6.39 -4.23 33.57
CA TYR A 21 5.93 -4.20 34.96
C TYR A 21 6.80 -5.05 35.88
N ASN A 22 8.11 -5.10 35.62
CA ASN A 22 8.95 -5.90 36.49
C ASN A 22 9.37 -5.15 37.74
N ASN A 23 9.64 -3.85 37.63
CA ASN A 23 9.94 -3.02 38.77
C ASN A 23 8.84 -1.98 38.96
N LEU A 24 8.51 -1.69 40.21
CA LEU A 24 7.36 -0.85 40.51
C LEU A 24 7.49 0.54 39.89
N MET A 25 8.58 1.24 40.23
CA MET A 25 8.66 2.66 39.92
C MET A 25 8.65 2.92 38.41
N GLU A 26 9.58 2.32 37.68
CA GLU A 26 9.64 2.45 36.23
C GLU A 26 9.42 1.08 35.61
N HIS A 27 8.43 1.00 34.71
CA HIS A 27 7.95 -0.27 34.20
C HIS A 27 8.77 -0.75 33.02
N ARG A 28 9.16 0.18 32.15
CA ARG A 28 9.68 -0.17 30.83
C ARG A 28 11.00 -0.92 30.87
N TRP A 29 11.79 -0.77 31.95
CA TRP A 29 13.21 -1.11 31.98
C TRP A 29 13.64 -2.33 31.16
N GLY A 30 13.24 -3.53 31.56
CA GLY A 30 13.54 -4.70 30.77
C GLY A 30 12.31 -5.20 30.05
N SER A 31 12.23 -4.95 28.74
CA SER A 31 11.03 -5.29 27.99
C SER A 31 11.44 -5.71 26.58
N LYS A 32 10.45 -5.92 25.72
CA LYS A 32 10.71 -6.49 24.40
C LYS A 32 11.38 -5.51 23.45
N GLY A 33 11.30 -4.21 23.72
CA GLY A 33 11.84 -3.26 22.78
C GLY A 33 12.57 -2.09 23.41
N SER A 34 13.08 -2.28 24.62
CA SER A 34 13.79 -1.22 25.30
C SER A 34 15.03 -0.82 24.49
N ARG A 35 15.60 0.33 24.85
CA ARG A 35 16.80 0.83 24.18
C ARG A 35 18.04 0.53 25.02
N LEU A 36 19.13 0.20 24.34
CA LEU A 36 20.37 -0.13 25.03
C LEU A 36 21.02 1.14 25.59
N GLN A 37 21.30 1.14 26.89
CA GLN A 37 22.07 2.23 27.46
C GLN A 37 23.53 2.13 27.01
N ARG A 38 24.33 3.11 27.41
CA ARG A 38 25.72 3.18 27.00
C ARG A 38 26.61 3.37 28.21
N LEU A 39 27.67 2.55 28.30
CA LEU A 39 28.72 2.83 29.28
C LEU A 39 29.49 4.08 28.90
N VAL A 40 29.69 4.31 27.61
CA VAL A 40 30.45 5.45 27.09
C VAL A 40 29.61 6.10 26.00
N PRO A 41 29.47 7.44 26.00
CA PRO A 41 28.63 8.10 24.99
C PRO A 41 28.99 7.74 23.56
N ALA A 42 28.05 7.97 22.64
CA ALA A 42 28.20 7.51 21.26
C ALA A 42 29.45 8.10 20.62
N SER A 43 30.03 7.33 19.71
CA SER A 43 31.22 7.74 18.96
C SER A 43 30.94 7.74 17.46
N TYR A 44 29.79 8.27 17.06
CA TYR A 44 29.44 8.35 15.65
C TYR A 44 30.35 9.36 14.94
N ALA A 45 30.28 9.36 13.60
CA ALA A 45 31.17 10.19 12.81
C ALA A 45 30.87 11.67 13.03
N ASP A 46 29.67 12.12 12.68
CA ASP A 46 29.30 13.50 12.96
C ASP A 46 28.93 13.69 14.42
N GLY A 47 28.18 12.74 14.98
CA GLY A 47 27.77 12.81 16.37
C GLY A 47 26.34 12.35 16.58
N VAL A 48 25.61 12.14 15.49
CA VAL A 48 24.20 11.78 15.58
C VAL A 48 24.00 10.33 15.18
N TYR A 49 24.15 10.02 13.89
CA TYR A 49 23.87 8.66 13.43
C TYR A 49 24.85 8.13 12.38
N GLN A 50 25.89 8.87 12.03
CA GLN A 50 26.74 8.36 10.96
C GLN A 50 27.94 7.62 11.54
N PRO A 51 28.26 6.43 11.05
CA PRO A 51 29.36 5.65 11.61
C PRO A 51 30.69 5.93 10.93
N LEU A 52 31.76 5.68 11.67
CA LEU A 52 33.10 5.79 11.10
C LEU A 52 33.26 4.76 9.99
N LYS A 53 34.13 5.07 9.03
CA LYS A 53 34.25 4.26 7.82
C LYS A 53 35.72 4.06 7.48
N GLU A 54 35.97 3.52 6.29
CA GLU A 54 37.26 3.04 5.81
C GLU A 54 38.34 4.11 5.62
N PRO A 55 38.00 5.36 5.28
CA PRO A 55 39.05 6.39 5.23
C PRO A 55 39.58 6.76 6.61
N TYR A 56 38.85 6.45 7.68
CA TYR A 56 39.27 6.75 9.04
C TYR A 56 39.80 5.51 9.76
N LEU A 57 39.00 4.43 9.79
CA LEU A 57 39.39 3.15 10.37
C LEU A 57 39.65 2.14 9.26
N PRO A 58 40.49 1.13 9.50
CA PRO A 58 40.88 0.22 8.42
C PRO A 58 39.70 -0.59 7.87
N ASN A 59 39.93 -1.17 6.70
CA ASN A 59 38.93 -1.98 6.04
C ASN A 59 38.59 -3.19 6.92
N PRO A 60 37.31 -3.51 7.11
CA PRO A 60 36.98 -4.68 7.95
C PRO A 60 37.61 -5.97 7.45
N ARG A 61 37.39 -6.33 6.18
CA ARG A 61 37.99 -7.54 5.63
C ARG A 61 39.51 -7.48 5.62
N HIS A 62 40.10 -6.29 5.71
CA HIS A 62 41.55 -6.16 5.76
C HIS A 62 42.08 -6.24 7.18
N LEU A 63 41.24 -5.99 8.17
CA LEU A 63 41.61 -6.21 9.57
C LEU A 63 41.30 -7.62 10.03
N SER A 64 40.36 -8.31 9.37
CA SER A 64 39.98 -9.67 9.68
C SER A 64 40.82 -10.70 8.94
N ASN A 65 41.99 -10.32 8.43
CA ASN A 65 42.87 -11.25 7.76
C ASN A 65 44.29 -11.16 8.33
N ARG A 66 44.62 -9.98 8.85
CA ARG A 66 45.97 -9.72 9.33
C ARG A 66 46.21 -10.23 10.74
N VAL A 67 45.18 -10.24 11.59
CA VAL A 67 45.32 -10.65 12.99
C VAL A 67 44.52 -11.92 13.27
N MET A 68 43.22 -11.91 12.99
CA MET A 68 42.33 -12.99 13.40
C MET A 68 42.30 -14.09 12.33
N ARG A 69 43.46 -14.66 12.05
CA ARG A 69 43.54 -15.77 11.10
C ARG A 69 44.68 -16.69 11.49
N GLY A 70 44.40 -17.99 11.56
CA GLY A 70 45.42 -18.94 11.95
C GLY A 70 44.87 -20.36 11.92
N SER A 71 45.65 -21.27 12.48
CA SER A 71 45.30 -22.68 12.50
C SER A 71 44.06 -22.92 13.36
N ALA A 72 43.60 -24.16 13.39
CA ALA A 72 42.40 -24.55 14.12
C ALA A 72 42.64 -25.82 14.94
N GLY A 73 43.85 -25.96 15.49
CA GLY A 73 44.16 -27.13 16.29
C GLY A 73 44.79 -26.82 17.63
N GLN A 74 44.33 -25.72 18.27
CA GLN A 74 44.90 -25.32 19.54
C GLN A 74 43.91 -25.53 20.68
N PRO A 75 44.35 -26.09 21.80
CA PRO A 75 43.43 -26.39 22.90
C PRO A 75 43.28 -25.21 23.84
N SER A 76 42.16 -25.22 24.57
CA SER A 76 41.92 -24.20 25.57
C SER A 76 42.87 -24.38 26.76
N LEU A 77 43.03 -23.31 27.53
CA LEU A 77 43.97 -23.33 28.64
C LEU A 77 43.32 -23.84 29.92
N ARG A 78 42.07 -23.48 30.16
CA ARG A 78 41.33 -23.99 31.32
C ARG A 78 40.61 -25.29 31.03
N ASN A 79 40.80 -25.87 29.84
CA ASN A 79 40.14 -27.11 29.44
C ASN A 79 38.63 -26.93 29.36
N ARG A 80 38.20 -25.75 28.93
CA ARG A 80 36.77 -25.43 28.85
C ARG A 80 36.14 -26.26 27.73
N THR A 81 35.32 -27.24 28.12
CA THR A 81 34.65 -28.07 27.12
C THR A 81 33.77 -27.22 26.21
N VAL A 82 33.36 -27.82 25.09
CA VAL A 82 32.70 -27.07 24.03
C VAL A 82 31.20 -27.00 24.32
N LEU A 83 30.78 -27.46 25.49
CA LEU A 83 29.39 -27.26 25.88
C LEU A 83 29.18 -25.88 26.49
N GLY A 84 30.17 -25.35 27.20
CA GLY A 84 30.05 -23.98 27.70
C GLY A 84 30.08 -22.96 26.58
N VAL A 85 30.90 -23.20 25.56
CA VAL A 85 30.98 -22.31 24.40
C VAL A 85 29.62 -22.17 23.73
N PHE A 86 28.81 -23.24 23.76
CA PHE A 86 27.52 -23.23 23.09
C PHE A 86 26.34 -23.05 24.03
N PHE A 87 26.60 -23.04 25.35
CA PHE A 87 25.61 -22.60 26.32
C PHE A 87 25.66 -21.11 26.53
N GLY A 88 26.83 -20.49 26.38
CA GLY A 88 26.90 -19.05 26.34
C GLY A 88 26.11 -18.47 25.19
N TYR A 89 26.14 -19.14 24.04
CA TYR A 89 25.38 -18.67 22.89
C TYR A 89 23.88 -18.76 23.11
N HIS A 90 23.44 -19.56 24.08
CA HIS A 90 22.03 -19.66 24.46
C HIS A 90 21.66 -18.63 25.50
N VAL A 91 22.51 -18.45 26.52
CA VAL A 91 22.27 -17.43 27.53
C VAL A 91 22.21 -16.05 26.88
N LEU A 92 23.21 -15.71 26.08
CA LEU A 92 23.26 -14.40 25.43
C LEU A 92 22.27 -14.27 24.28
N SER A 93 21.52 -15.31 23.95
CA SER A 93 20.33 -15.16 23.13
C SER A 93 19.10 -14.95 24.00
N ASP A 94 19.14 -15.43 25.23
CA ASP A 94 18.12 -15.08 26.21
C ASP A 94 18.18 -13.59 26.54
N LEU A 95 19.38 -13.01 26.60
CA LEU A 95 19.53 -11.64 27.08
C LEU A 95 19.37 -10.58 25.99
N VAL A 96 20.19 -10.63 24.94
CA VAL A 96 20.27 -9.55 23.98
C VAL A 96 20.13 -10.09 22.55
N SER A 97 19.54 -9.28 21.68
CA SER A 97 19.41 -9.61 20.26
C SER A 97 19.31 -8.31 19.48
N VAL A 98 20.42 -7.90 18.85
CA VAL A 98 20.47 -6.65 18.11
C VAL A 98 20.80 -6.95 16.64
N GLU A 99 20.37 -8.10 16.15
CA GLU A 99 20.79 -8.57 14.83
C GLU A 99 19.77 -8.32 13.73
N THR A 100 18.50 -8.16 14.06
CA THR A 100 17.48 -7.99 13.02
C THR A 100 17.64 -6.62 12.37
N PRO A 101 17.70 -6.55 11.03
CA PRO A 101 17.87 -5.25 10.38
C PRO A 101 16.62 -4.38 10.47
N GLY A 102 16.68 -3.31 11.25
CA GLY A 102 15.61 -2.34 11.29
C GLY A 102 15.77 -1.32 10.19
N CYS A 103 14.65 -0.80 9.71
CA CYS A 103 14.82 -0.18 8.41
C CYS A 103 13.87 0.93 8.01
N PRO A 104 14.34 2.16 7.96
CA PRO A 104 14.34 2.87 6.68
C PRO A 104 15.58 2.35 5.96
N ALA A 105 15.40 1.46 4.97
CA ALA A 105 16.47 0.58 4.51
C ALA A 105 17.79 1.28 4.28
N GLU A 106 18.80 0.98 5.11
CA GLU A 106 20.08 1.69 5.09
C GLU A 106 21.22 0.70 5.26
N PHE A 107 22.21 0.79 4.38
CA PHE A 107 23.31 -0.15 4.31
C PHE A 107 24.63 0.52 4.66
N LEU A 108 25.60 -0.31 5.04
CA LEU A 108 27.01 0.08 5.00
C LEU A 108 27.80 -1.19 4.69
N ASN A 109 28.36 -1.26 3.49
CA ASN A 109 28.87 -2.50 2.93
C ASN A 109 30.33 -2.73 3.29
N ILE A 110 30.78 -3.96 3.05
CA ILE A 110 32.16 -4.38 3.31
C ILE A 110 32.86 -4.51 1.97
N TYR A 111 33.88 -3.68 1.76
CA TYR A 111 34.60 -3.66 0.48
C TYR A 111 35.74 -4.67 0.53
N ILE A 112 35.62 -5.72 -0.28
CA ILE A 112 36.66 -6.75 -0.35
C ILE A 112 37.85 -6.21 -1.12
N PRO A 113 39.08 -6.39 -0.64
CA PRO A 113 40.25 -5.95 -1.41
C PRO A 113 40.43 -6.75 -2.68
N HIS A 114 41.45 -6.41 -3.47
CA HIS A 114 41.68 -7.07 -4.75
C HIS A 114 42.45 -8.37 -4.53
N GLY A 115 41.88 -9.47 -4.99
CA GLY A 115 42.56 -10.76 -4.94
C GLY A 115 42.33 -11.57 -3.69
N ASP A 116 41.23 -11.33 -2.97
CA ASP A 116 40.89 -12.14 -1.81
C ASP A 116 40.70 -13.59 -2.24
N PRO A 117 41.46 -14.54 -1.69
CA PRO A 117 41.41 -15.92 -2.19
C PRO A 117 40.06 -16.61 -1.99
N VAL A 118 39.09 -15.94 -1.36
CA VAL A 118 37.80 -16.56 -1.11
C VAL A 118 36.69 -15.77 -1.80
N PHE A 119 36.53 -14.51 -1.43
CA PHE A 119 35.42 -13.70 -1.92
C PHE A 119 35.76 -12.92 -3.19
N ASP A 120 36.95 -13.10 -3.74
CA ASP A 120 37.36 -12.42 -4.95
C ASP A 120 38.50 -13.20 -5.62
N PRO A 121 38.25 -14.43 -6.07
CA PRO A 121 39.37 -15.28 -6.50
C PRO A 121 39.86 -14.99 -7.91
N ASP A 122 39.05 -14.32 -8.74
CA ASP A 122 39.43 -14.04 -10.12
C ASP A 122 40.08 -12.67 -10.29
N LYS A 123 40.58 -12.08 -9.20
CA LYS A 123 41.22 -10.76 -9.24
C LYS A 123 40.30 -9.72 -9.86
N ARG A 124 38.99 -9.95 -9.78
CA ARG A 124 37.99 -9.19 -10.52
C ARG A 124 37.72 -7.83 -9.85
N GLY A 125 38.78 -7.04 -9.76
CA GLY A 125 38.67 -5.66 -9.31
C GLY A 125 38.04 -5.48 -7.95
N ASN A 126 36.82 -4.95 -7.92
CA ASN A 126 36.12 -4.65 -6.67
C ASN A 126 34.83 -5.46 -6.63
N VAL A 127 34.68 -6.25 -5.57
CA VAL A 127 33.44 -6.98 -5.29
C VAL A 127 32.95 -6.52 -3.92
N VAL A 128 31.66 -6.22 -3.83
CA VAL A 128 31.08 -5.65 -2.62
C VAL A 128 30.39 -6.77 -1.85
N LEU A 129 30.36 -6.62 -0.52
CA LEU A 129 29.77 -7.61 0.36
C LEU A 129 28.75 -6.90 1.25
N PRO A 130 27.46 -7.15 1.07
CA PRO A 130 26.45 -6.29 1.70
C PRO A 130 26.38 -6.47 3.21
N PHE A 131 25.78 -5.47 3.86
CA PHE A 131 25.61 -5.44 5.31
C PHE A 131 24.62 -4.34 5.66
N GLN A 132 23.61 -4.66 6.47
CA GLN A 132 22.49 -3.77 6.73
C GLN A 132 22.44 -3.39 8.20
N ARG A 133 22.09 -2.13 8.47
CA ARG A 133 22.06 -1.63 9.84
C ARG A 133 20.88 -2.20 10.60
N SER A 134 21.03 -2.29 11.92
CA SER A 134 20.05 -2.92 12.79
C SER A 134 18.98 -1.91 13.22
N ARG A 135 18.02 -2.39 14.02
CA ARG A 135 16.93 -1.55 14.49
C ARG A 135 17.48 -0.39 15.34
N TRP A 136 16.69 0.67 15.42
CA TRP A 136 17.04 1.82 16.23
C TRP A 136 15.78 2.44 16.81
N ASP A 137 15.96 3.21 17.88
CA ASP A 137 14.84 3.83 18.57
C ASP A 137 14.38 5.06 17.81
N ARG A 138 13.10 5.14 17.51
CA ARG A 138 12.57 6.23 16.68
C ARG A 138 12.64 7.58 17.38
N ASN A 139 12.68 7.60 18.71
CA ASN A 139 12.72 8.86 19.44
C ASN A 139 14.13 9.43 19.58
N THR A 140 15.15 8.70 19.14
CA THR A 140 16.53 9.13 19.26
C THR A 140 17.16 9.25 17.88
N GLY A 141 18.27 9.99 17.82
CA GLY A 141 18.98 10.18 16.58
C GLY A 141 18.57 11.44 15.85
N GLN A 142 18.41 12.54 16.59
CA GLN A 142 17.98 13.81 16.02
C GLN A 142 18.97 14.95 16.25
N SER A 143 19.84 14.86 17.24
CA SER A 143 20.77 15.93 17.57
C SER A 143 21.92 15.33 18.36
N PRO A 144 23.06 16.04 18.44
CA PRO A 144 24.18 15.53 19.25
C PRO A 144 23.90 15.47 20.75
N SER A 145 22.70 15.83 21.20
CA SER A 145 22.32 15.68 22.59
C SER A 145 21.67 14.33 22.88
N ASN A 146 21.14 13.66 21.84
CA ASN A 146 20.57 12.32 21.97
C ASN A 146 20.83 11.56 20.68
N PRO A 147 22.03 10.98 20.54
CA PRO A 147 22.34 10.25 19.30
C PRO A 147 21.52 8.99 19.15
N ARG A 148 21.66 8.30 18.02
CA ARG A 148 20.85 7.12 17.75
C ARG A 148 21.16 6.01 18.74
N ASP A 149 20.11 5.43 19.32
CA ASP A 149 20.22 4.32 20.25
C ASP A 149 19.49 3.11 19.69
N GLN A 150 20.17 1.97 19.66
CA GLN A 150 19.60 0.74 19.16
C GLN A 150 18.57 0.19 20.17
N SER A 151 17.98 -0.95 19.83
CA SER A 151 16.98 -1.57 20.68
C SER A 151 17.03 -3.08 20.52
N ASN A 152 17.04 -3.80 21.63
CA ASN A 152 17.05 -5.25 21.60
C ASN A 152 15.63 -5.79 21.56
N GLN A 153 15.46 -6.93 20.90
CA GLN A 153 14.16 -7.51 20.63
C GLN A 153 13.84 -8.70 21.53
N VAL A 154 14.49 -8.79 22.68
CA VAL A 154 14.20 -9.83 23.66
C VAL A 154 14.23 -9.20 25.04
N THR A 155 13.41 -9.74 25.94
CA THR A 155 13.36 -9.26 27.31
C THR A 155 14.74 -9.27 27.94
N GLY A 156 15.21 -8.11 28.38
CA GLY A 156 16.55 -7.96 28.89
C GLY A 156 16.82 -8.61 30.23
N TRP A 157 15.91 -9.45 30.71
CA TRP A 157 16.12 -10.22 31.93
C TRP A 157 16.47 -11.65 31.60
N LEU A 158 17.10 -12.31 32.57
CA LEU A 158 17.39 -13.74 32.48
C LEU A 158 16.19 -14.52 33.02
N ASP A 159 15.10 -14.48 32.24
CA ASP A 159 13.84 -15.07 32.64
C ASP A 159 13.37 -16.13 31.64
N GLY A 160 14.31 -16.88 31.07
CA GLY A 160 13.98 -17.91 30.12
C GLY A 160 13.17 -17.40 28.95
N SER A 161 13.56 -16.24 28.41
CA SER A 161 12.94 -15.69 27.21
C SER A 161 13.51 -16.29 25.94
N ALA A 162 14.23 -17.40 26.05
CA ALA A 162 14.70 -18.16 24.91
C ALA A 162 14.10 -19.55 24.86
N ILE A 163 13.36 -19.95 25.89
CA ILE A 163 12.62 -21.20 25.89
C ILE A 163 11.14 -20.97 25.59
N TYR A 164 10.56 -19.93 26.18
CA TYR A 164 9.12 -19.68 26.13
C TYR A 164 8.75 -18.50 25.24
N GLY A 165 9.67 -17.97 24.47
CA GLY A 165 9.37 -16.80 23.68
C GLY A 165 9.25 -15.55 24.53
N SER A 166 9.29 -14.37 23.92
CA SER A 166 9.33 -13.11 24.64
C SER A 166 8.05 -12.29 24.46
N SER A 167 6.91 -12.97 24.38
CA SER A 167 5.60 -12.32 24.37
C SER A 167 4.56 -13.38 24.69
N HIS A 168 3.30 -12.95 24.74
CA HIS A 168 2.21 -13.86 25.07
C HIS A 168 1.53 -14.46 23.85
N SER A 169 1.57 -13.77 22.71
CA SER A 169 1.13 -14.36 21.46
C SER A 169 2.18 -15.27 20.84
N TRP A 170 3.35 -15.37 21.45
CA TRP A 170 4.43 -16.27 21.03
C TRP A 170 4.50 -17.52 21.89
N SER A 171 4.20 -17.41 23.19
CA SER A 171 4.17 -18.58 24.05
C SER A 171 2.87 -19.36 23.92
N ASP A 172 1.96 -18.95 23.05
CA ASP A 172 0.74 -19.67 22.77
C ASP A 172 0.82 -20.53 21.52
N THR A 173 1.63 -20.11 20.54
CA THR A 173 1.77 -20.90 19.33
C THR A 173 2.60 -22.15 19.56
N LEU A 174 3.58 -22.08 20.45
CA LEU A 174 4.46 -23.21 20.75
C LEU A 174 4.05 -23.93 22.03
N ARG A 175 2.75 -23.97 22.32
CA ARG A 175 2.20 -24.66 23.47
C ARG A 175 1.03 -25.52 23.00
N SER A 176 0.74 -26.58 23.75
CA SER A 176 -0.25 -27.56 23.33
C SER A 176 -1.53 -27.55 24.14
N PHE A 177 -1.51 -27.02 25.37
CA PHE A 177 -2.67 -27.00 26.26
C PHE A 177 -3.17 -28.42 26.53
N SER A 178 -2.23 -29.33 26.75
CA SER A 178 -2.52 -30.73 27.12
C SER A 178 -1.71 -31.00 28.37
N GLY A 179 -2.29 -30.68 29.53
CA GLY A 179 -1.42 -30.53 30.67
C GLY A 179 -0.60 -29.26 30.44
N GLY A 180 0.54 -29.20 31.11
CA GLY A 180 1.49 -28.17 30.76
C GLY A 180 2.60 -28.75 29.93
N GLN A 181 2.55 -28.58 28.61
CA GLN A 181 3.54 -29.18 27.73
C GLN A 181 3.69 -28.33 26.49
N LEU A 182 4.92 -27.95 26.17
CA LEU A 182 5.17 -27.28 24.91
C LEU A 182 4.84 -28.21 23.76
N ALA A 183 4.33 -27.65 22.67
CA ALA A 183 3.81 -28.45 21.57
C ALA A 183 4.88 -29.30 20.92
N SER A 184 4.79 -30.62 21.10
CA SER A 184 5.71 -31.55 20.49
C SER A 184 5.30 -31.80 19.04
N GLY A 185 5.92 -32.79 18.40
CA GLY A 185 5.57 -33.17 17.05
C GLY A 185 5.30 -34.65 16.95
N PRO A 186 5.55 -35.22 15.76
CA PRO A 186 5.44 -36.68 15.62
C PRO A 186 6.35 -37.44 16.56
N ASP A 187 7.46 -36.85 16.99
CA ASP A 187 8.36 -37.42 17.98
C ASP A 187 8.16 -36.71 19.31
N PRO A 188 7.91 -37.43 20.40
CA PRO A 188 7.67 -36.76 21.69
C PRO A 188 8.87 -36.02 22.25
N ALA A 189 10.00 -36.01 21.54
CA ALA A 189 11.21 -35.33 22.03
C ALA A 189 11.70 -34.27 21.04
N PHE A 190 10.83 -33.81 20.15
CA PHE A 190 11.18 -32.81 19.14
C PHE A 190 10.00 -31.86 19.01
N PRO A 191 10.22 -30.55 19.07
CA PRO A 191 9.11 -29.60 18.97
C PRO A 191 8.44 -29.64 17.60
N SER A 192 7.33 -28.92 17.51
CA SER A 192 6.47 -28.99 16.33
C SER A 192 7.04 -28.12 15.22
N ASP A 193 7.40 -28.75 14.10
CA ASP A 193 7.84 -28.03 12.92
C ASP A 193 6.68 -27.46 12.11
N SER A 194 5.45 -27.54 12.62
CA SER A 194 4.27 -27.10 11.86
C SER A 194 4.01 -25.62 12.04
N GLN A 195 4.06 -25.12 13.27
CA GLN A 195 3.95 -23.69 13.54
C GLN A 195 5.32 -23.02 13.50
N SER A 196 6.11 -23.39 12.55
CA SER A 196 7.42 -22.90 12.47
C SER A 196 7.42 -21.81 11.49
N SER A 197 6.46 -21.71 10.60
CA SER A 197 6.50 -20.68 9.57
C SER A 197 6.31 -19.20 9.88
N LEU A 198 5.33 -18.85 10.72
CA LEU A 198 5.03 -17.46 11.07
C LEU A 198 5.88 -16.85 12.16
N LEU A 199 6.38 -17.72 12.98
CA LEU A 199 7.14 -17.42 14.11
C LEU A 199 8.63 -17.31 13.91
N MET A 200 9.28 -18.28 13.28
CA MET A 200 10.71 -18.42 13.47
C MET A 200 11.47 -17.75 12.34
N TRP A 201 12.78 -17.92 12.33
CA TRP A 201 13.67 -17.33 11.34
C TRP A 201 14.19 -18.46 10.46
N MET A 202 13.86 -18.40 9.17
CA MET A 202 14.16 -19.46 8.24
C MET A 202 15.06 -18.92 7.13
N ALA A 203 16.33 -19.25 7.20
CA ALA A 203 17.27 -18.86 6.18
C ALA A 203 17.75 -20.10 5.42
N PRO A 204 18.13 -19.95 4.16
CA PRO A 204 18.50 -21.12 3.38
C PRO A 204 19.81 -21.74 3.87
N ASP A 205 19.81 -23.06 3.97
CA ASP A 205 21.02 -23.79 4.29
C ASP A 205 22.08 -23.47 3.25
N PRO A 206 23.18 -22.82 3.61
CA PRO A 206 24.16 -22.39 2.60
C PRO A 206 24.89 -23.54 1.93
N SER A 207 24.88 -24.74 2.52
CA SER A 207 25.61 -25.85 1.92
C SER A 207 24.82 -26.55 0.83
N THR A 208 23.48 -26.55 0.92
CA THR A 208 22.63 -27.15 -0.10
C THR A 208 21.79 -26.10 -0.82
N GLY A 209 21.00 -25.34 -0.08
CA GLY A 209 20.20 -24.29 -0.69
C GLY A 209 18.75 -24.28 -0.26
N GLN A 210 18.29 -25.35 0.37
CA GLN A 210 16.90 -25.46 0.76
C GLN A 210 16.57 -24.46 1.87
N GLY A 211 15.40 -23.85 1.78
CA GLY A 211 15.01 -22.82 2.72
C GLY A 211 13.56 -22.87 3.15
N GLY A 212 12.98 -24.06 3.22
CA GLY A 212 11.59 -24.21 3.55
C GLY A 212 11.38 -24.38 5.05
N PRO A 213 10.12 -24.28 5.50
CA PRO A 213 9.82 -24.42 6.92
C PRO A 213 9.73 -25.85 7.42
N ARG A 214 10.21 -26.83 6.65
CA ARG A 214 10.15 -28.23 7.05
C ARG A 214 11.50 -28.62 7.62
N GLY A 215 11.57 -28.77 8.94
CA GLY A 215 12.81 -29.02 9.65
C GLY A 215 13.28 -27.87 10.51
N VAL A 216 12.55 -26.76 10.54
CA VAL A 216 12.84 -25.63 11.40
C VAL A 216 11.94 -25.74 12.62
N TYR A 217 12.51 -26.10 13.76
CA TYR A 217 11.73 -26.34 14.97
C TYR A 217 11.17 -25.01 15.50
N ALA A 218 10.39 -25.10 16.56
CA ALA A 218 9.78 -23.94 17.19
C ALA A 218 10.40 -23.76 18.57
N PHE A 219 11.19 -22.71 18.73
CA PHE A 219 11.91 -22.41 19.97
C PHE A 219 11.48 -21.03 20.48
N GLY A 220 12.16 -20.57 21.52
CA GLY A 220 11.87 -19.26 22.08
C GLY A 220 12.69 -18.16 21.42
N ALA A 221 13.94 -18.48 21.09
CA ALA A 221 14.78 -17.56 20.33
C ALA A 221 14.42 -17.65 18.87
N GLN A 222 14.26 -16.49 18.22
CA GLN A 222 13.84 -16.48 16.83
C GLN A 222 14.81 -17.25 15.94
N ARG A 223 16.10 -17.23 16.25
CA ARG A 223 17.10 -17.97 15.51
C ARG A 223 17.85 -18.89 16.47
N GLY A 224 17.28 -20.07 16.72
CA GLY A 224 17.91 -21.05 17.56
C GLY A 224 18.37 -22.26 16.77
N ASN A 225 18.17 -22.20 15.46
CA ASN A 225 18.56 -23.26 14.55
C ASN A 225 19.86 -22.95 13.82
N ARG A 226 20.56 -21.89 14.21
CA ARG A 226 21.76 -21.46 13.49
C ARG A 226 22.83 -22.54 13.43
N GLU A 227 22.72 -23.57 14.25
CA GLU A 227 23.63 -24.70 14.25
C GLU A 227 22.87 -25.89 14.79
N PRO A 228 23.33 -27.12 14.50
CA PRO A 228 22.74 -28.28 15.17
C PRO A 228 23.25 -28.42 16.60
N PHE A 229 23.99 -27.41 17.07
CA PHE A 229 24.56 -27.42 18.41
C PHE A 229 23.87 -26.45 19.35
N LEU A 230 23.12 -25.49 18.81
CA LEU A 230 22.21 -24.64 19.57
C LEU A 230 20.82 -25.26 19.62
N GLN A 231 20.43 -25.91 18.53
CA GLN A 231 19.28 -26.80 18.57
C GLN A 231 19.43 -27.85 19.66
N ALA A 232 20.64 -28.38 19.83
CA ALA A 232 20.86 -29.46 20.79
C ALA A 232 20.80 -28.99 22.24
N LEU A 233 20.60 -27.69 22.48
CA LEU A 233 20.35 -27.15 23.81
C LEU A 233 18.94 -26.63 23.97
N GLY A 234 18.40 -26.00 22.92
CA GLY A 234 16.98 -25.75 22.89
C GLY A 234 16.18 -27.01 23.15
N LEU A 235 16.60 -28.12 22.56
CA LEU A 235 15.92 -29.39 22.79
C LEU A 235 16.08 -29.85 24.23
N LEU A 236 17.26 -29.63 24.81
CA LEU A 236 17.48 -30.01 26.20
C LEU A 236 16.51 -29.29 27.12
N TRP A 237 16.35 -27.98 26.92
CA TRP A 237 15.46 -27.22 27.81
C TRP A 237 14.00 -27.53 27.52
N PHE A 238 13.65 -27.74 26.26
CA PHE A 238 12.28 -28.15 25.92
C PHE A 238 11.92 -29.46 26.59
N ARG A 239 12.76 -30.50 26.40
CA ARG A 239 12.49 -31.79 27.01
C ARG A 239 12.53 -31.73 28.52
N TYR A 240 13.34 -30.84 29.10
CA TYR A 240 13.34 -30.71 30.55
C TYR A 240 12.04 -30.09 31.06
N HIS A 241 11.51 -29.10 30.34
CA HIS A 241 10.21 -28.56 30.73
C HIS A 241 9.13 -29.62 30.65
N ASN A 242 9.06 -30.34 29.53
CA ASN A 242 8.07 -31.40 29.42
C ASN A 242 8.22 -32.44 30.52
N LEU A 243 9.46 -32.78 30.87
CA LEU A 243 9.70 -33.81 31.88
C LEU A 243 9.25 -33.35 33.25
N CYS A 244 9.64 -32.13 33.67
CA CYS A 244 9.24 -31.67 34.99
C CYS A 244 7.74 -31.44 35.06
N ALA A 245 7.10 -31.05 33.95
CA ALA A 245 5.67 -30.83 33.98
C ALA A 245 4.90 -32.14 34.04
N ARG A 246 5.31 -33.15 33.27
CA ARG A 246 4.68 -34.45 33.40
C ARG A 246 5.08 -35.17 34.67
N LYS A 247 6.08 -34.68 35.39
CA LYS A 247 6.34 -35.18 36.74
C LYS A 247 5.41 -34.52 37.75
N LEU A 248 5.14 -33.22 37.59
CA LEU A 248 4.13 -32.56 38.40
C LEU A 248 2.76 -33.18 38.21
N ALA A 249 2.42 -33.50 36.96
CA ALA A 249 1.10 -34.05 36.64
C ALA A 249 0.85 -35.43 37.24
N GLN A 250 1.84 -36.05 37.85
CA GLN A 250 1.67 -37.38 38.44
C GLN A 250 1.65 -37.36 39.96
N GLU A 251 1.77 -36.19 40.59
CA GLU A 251 1.63 -36.05 42.03
C GLU A 251 0.49 -35.13 42.43
N HIS A 252 -0.02 -34.30 41.52
CA HIS A 252 -1.19 -33.46 41.76
C HIS A 252 -2.14 -33.65 40.58
N PRO A 253 -2.81 -34.80 40.50
CA PRO A 253 -3.56 -35.14 39.28
C PRO A 253 -4.71 -34.21 38.97
N HIS A 254 -5.24 -33.50 39.97
CA HIS A 254 -6.40 -32.64 39.77
C HIS A 254 -6.03 -31.23 39.35
N TRP A 255 -4.85 -31.05 38.75
CA TRP A 255 -4.41 -29.74 38.29
C TRP A 255 -4.67 -29.59 36.80
N GLY A 256 -5.15 -28.41 36.41
CA GLY A 256 -5.50 -28.17 35.02
C GLY A 256 -4.28 -28.07 34.13
N ASP A 257 -4.54 -27.63 32.90
CA ASP A 257 -3.48 -27.43 31.91
C ASP A 257 -2.83 -26.07 32.02
N GLU A 258 -3.08 -25.34 33.10
CA GLU A 258 -2.42 -24.07 33.39
C GLU A 258 -1.70 -24.07 34.72
N GLU A 259 -2.29 -24.69 35.75
CA GLU A 259 -1.58 -24.87 37.01
C GLU A 259 -0.42 -25.86 36.89
N LEU A 260 -0.25 -26.48 35.74
CA LEU A 260 0.91 -27.29 35.42
C LEU A 260 1.95 -26.52 34.63
N PHE A 261 1.52 -25.75 33.63
CA PHE A 261 2.46 -24.93 32.87
C PHE A 261 3.09 -23.86 33.75
N GLN A 262 2.28 -23.15 34.54
CA GLN A 262 2.83 -22.10 35.38
C GLN A 262 3.50 -22.63 36.63
N HIS A 263 3.50 -23.94 36.85
CA HIS A 263 4.27 -24.55 37.93
C HIS A 263 5.53 -25.25 37.45
N ALA A 264 5.60 -25.61 36.17
CA ALA A 264 6.85 -26.07 35.59
C ALA A 264 7.68 -24.93 35.04
N ARG A 265 7.03 -23.85 34.60
CA ARG A 265 7.75 -22.71 34.05
C ARG A 265 8.63 -22.04 35.09
N LYS A 266 8.11 -21.84 36.31
CA LYS A 266 8.92 -21.18 37.32
C LYS A 266 10.09 -22.05 37.76
N ARG A 267 9.92 -23.37 37.79
CA ARG A 267 11.02 -24.24 38.19
C ARG A 267 12.08 -24.30 37.09
N VAL A 268 11.67 -24.38 35.82
CA VAL A 268 12.63 -24.34 34.73
C VAL A 268 13.39 -23.02 34.75
N ILE A 269 12.68 -21.91 34.94
CA ILE A 269 13.32 -20.60 34.96
C ILE A 269 14.31 -20.50 36.12
N ALA A 270 13.94 -21.01 37.29
CA ALA A 270 14.84 -20.91 38.44
C ALA A 270 16.08 -21.78 38.25
N THR A 271 15.91 -22.99 37.74
CA THR A 271 17.08 -23.84 37.47
C THR A 271 17.99 -23.20 36.42
N TYR A 272 17.38 -22.65 35.37
CA TYR A 272 18.14 -21.98 34.32
C TYR A 272 18.93 -20.81 34.86
N GLN A 273 18.30 -19.97 35.71
CA GLN A 273 19.01 -18.85 36.30
C GLN A 273 20.15 -19.32 37.20
N ASN A 274 19.89 -20.32 38.04
CA ASN A 274 20.92 -20.81 38.92
C ASN A 274 22.13 -21.28 38.12
N ILE A 275 21.90 -22.07 37.07
CA ILE A 275 23.01 -22.55 36.25
C ILE A 275 23.72 -21.36 35.62
N ALA A 276 23.01 -20.59 34.79
CA ALA A 276 23.62 -19.51 34.02
C ALA A 276 24.22 -18.41 34.89
N MET A 277 24.04 -18.45 36.20
CA MET A 277 24.68 -17.46 37.06
C MET A 277 25.78 -18.03 37.94
N TYR A 278 25.61 -19.21 38.52
CA TYR A 278 26.58 -19.74 39.47
C TYR A 278 27.36 -20.94 38.96
N GLU A 279 27.18 -21.32 37.70
CA GLU A 279 28.00 -22.40 37.16
C GLU A 279 28.67 -22.04 35.85
N TRP A 280 28.00 -21.29 34.98
CA TRP A 280 28.60 -20.89 33.72
C TRP A 280 29.48 -19.66 33.87
N LEU A 281 29.04 -18.68 34.65
CA LEU A 281 29.76 -17.42 34.78
C LEU A 281 31.05 -17.57 35.58
N PRO A 282 31.08 -18.34 36.68
CA PRO A 282 32.37 -18.58 37.35
C PRO A 282 33.36 -19.38 36.52
N SER A 283 32.98 -19.87 35.34
CA SER A 283 33.89 -20.57 34.43
C SER A 283 34.27 -19.73 33.22
N PHE A 284 33.33 -18.96 32.69
CA PHE A 284 33.64 -18.08 31.56
C PHE A 284 34.76 -17.13 31.90
N LEU A 285 34.72 -16.50 33.08
CA LEU A 285 35.67 -15.48 33.47
C LEU A 285 36.47 -15.82 34.72
N LYS A 286 36.26 -17.00 35.32
CA LYS A 286 37.14 -17.55 36.36
C LYS A 286 37.22 -16.64 37.60
N GLN A 287 36.06 -16.18 38.05
CA GLN A 287 35.93 -15.57 39.37
C GLN A 287 34.46 -15.54 39.74
N THR A 288 34.13 -16.09 40.92
CA THR A 288 32.75 -16.26 41.31
C THR A 288 32.07 -14.92 41.54
N PRO A 289 30.78 -14.82 41.25
CA PRO A 289 30.04 -13.61 41.61
C PRO A 289 30.07 -13.41 43.10
N PRO A 290 30.02 -12.15 43.57
CA PRO A 290 30.27 -11.88 44.99
C PRO A 290 29.31 -12.57 45.94
N GLU A 291 28.03 -12.25 45.85
CA GLU A 291 27.00 -12.80 46.73
C GLU A 291 25.64 -12.27 46.28
N TYR A 292 24.56 -12.71 46.93
CA TYR A 292 23.25 -12.12 46.67
C TYR A 292 22.85 -11.19 47.81
N PRO A 293 22.96 -9.88 47.65
CA PRO A 293 22.29 -8.96 48.57
C PRO A 293 20.82 -8.82 48.19
N GLY A 294 20.06 -8.25 49.13
CA GLY A 294 18.63 -8.09 48.92
C GLY A 294 18.26 -7.38 47.64
N TYR A 295 17.02 -7.58 47.19
CA TYR A 295 16.51 -6.93 45.99
C TYR A 295 16.77 -5.44 46.03
N ARG A 296 17.53 -4.94 45.05
CA ARG A 296 17.82 -3.51 44.94
C ARG A 296 16.92 -2.93 43.86
N PRO A 297 15.87 -2.19 44.22
CA PRO A 297 14.88 -1.78 43.22
C PRO A 297 15.35 -0.62 42.34
N PHE A 298 16.62 -0.25 42.41
CA PHE A 298 17.10 0.94 41.71
C PHE A 298 18.22 0.68 40.70
N LEU A 299 18.86 -0.49 40.74
CA LEU A 299 19.92 -0.77 39.78
C LEU A 299 19.33 -0.93 38.37
N ASP A 300 19.86 -0.16 37.43
CA ASP A 300 19.38 -0.14 36.05
C ASP A 300 19.84 -1.38 35.32
N PRO A 301 18.94 -2.33 35.05
CA PRO A 301 19.31 -3.57 34.35
C PRO A 301 19.13 -3.47 32.84
N SER A 302 19.87 -2.57 32.21
CA SER A 302 19.76 -2.32 30.78
C SER A 302 20.99 -2.89 30.07
N ILE A 303 20.74 -3.65 29.00
CA ILE A 303 21.82 -4.26 28.23
C ILE A 303 22.49 -3.18 27.39
N SER A 304 23.82 -3.14 27.44
CA SER A 304 24.60 -2.18 26.70
C SER A 304 25.28 -2.83 25.51
N PRO A 305 25.65 -2.04 24.48
CA PRO A 305 26.36 -2.64 23.34
C PRO A 305 27.74 -3.18 23.70
N GLU A 306 28.46 -2.51 24.61
CA GLU A 306 29.74 -3.03 25.04
C GLU A 306 29.61 -4.44 25.61
N PHE A 307 28.49 -4.75 26.23
CA PHE A 307 28.26 -6.12 26.69
C PHE A 307 28.10 -7.08 25.53
N VAL A 308 27.35 -6.66 24.50
CA VAL A 308 27.24 -7.46 23.29
C VAL A 308 28.63 -7.82 22.77
N VAL A 309 29.46 -6.80 22.57
CA VAL A 309 30.79 -7.03 22.00
C VAL A 309 31.66 -7.85 22.95
N ALA A 310 31.46 -7.70 24.27
CA ALA A 310 32.32 -8.37 25.23
C ALA A 310 31.96 -9.82 25.45
N SER A 311 30.72 -10.22 25.17
CA SER A 311 30.35 -11.63 25.37
C SER A 311 29.95 -12.33 24.07
N GLU A 312 28.96 -11.81 23.35
CA GLU A 312 28.39 -12.57 22.25
C GLU A 312 29.35 -12.68 21.07
N GLN A 313 30.17 -11.65 20.86
CA GLN A 313 31.14 -11.64 19.78
C GLN A 313 32.53 -12.01 20.24
N PHE A 314 32.75 -12.16 21.54
CA PHE A 314 34.00 -12.74 22.02
C PHE A 314 33.95 -14.24 22.13
N LEU A 315 32.77 -14.81 22.37
CA LEU A 315 32.65 -16.27 22.46
C LEU A 315 33.15 -16.97 21.20
N SER A 316 33.23 -16.28 20.07
CA SER A 316 33.60 -16.90 18.81
C SER A 316 35.07 -17.22 18.69
N THR A 317 35.89 -16.87 19.67
CA THR A 317 37.31 -17.18 19.58
C THR A 317 37.63 -18.61 19.96
N MET A 318 36.66 -19.39 20.43
CA MET A 318 36.89 -20.76 20.87
C MET A 318 35.86 -21.75 20.30
N VAL A 319 35.13 -21.37 19.27
CA VAL A 319 34.23 -22.29 18.58
C VAL A 319 35.06 -23.15 17.64
N PRO A 320 35.03 -24.47 17.78
CA PRO A 320 35.98 -25.32 17.07
C PRO A 320 35.53 -25.59 15.64
N SER A 321 36.31 -26.41 14.94
CA SER A 321 36.00 -26.72 13.54
C SER A 321 34.91 -27.79 13.43
N GLY A 322 35.10 -28.92 14.10
CA GLY A 322 34.10 -29.96 14.11
C GLY A 322 33.91 -30.49 15.52
N VAL A 323 32.71 -30.97 15.79
CA VAL A 323 32.29 -31.40 17.13
C VAL A 323 32.09 -32.91 17.12
N TYR A 324 32.48 -33.55 18.22
CA TYR A 324 32.42 -35.01 18.31
C TYR A 324 30.98 -35.47 18.52
N MET A 325 30.83 -36.78 18.75
CA MET A 325 29.54 -37.39 19.02
C MET A 325 29.81 -38.74 19.67
N ARG A 326 29.39 -38.90 20.92
CA ARG A 326 29.66 -40.14 21.65
C ARG A 326 28.41 -40.56 22.40
N ASN A 327 28.43 -41.79 22.90
CA ASN A 327 27.34 -42.32 23.71
C ASN A 327 27.87 -42.71 25.08
N ALA A 328 27.04 -43.38 25.87
CA ALA A 328 27.28 -43.53 27.30
C ALA A 328 28.46 -44.42 27.66
N SER A 329 29.23 -44.92 26.69
CA SER A 329 30.37 -45.77 27.01
C SER A 329 31.58 -45.41 26.16
N CYS A 330 31.73 -44.12 25.86
CA CYS A 330 32.95 -43.58 25.25
C CYS A 330 33.23 -44.23 23.89
N HIS A 331 32.31 -44.02 22.96
CA HIS A 331 32.44 -44.49 21.58
C HIS A 331 32.19 -43.31 20.64
N PHE A 332 33.28 -42.68 20.20
CA PHE A 332 33.22 -41.41 19.48
C PHE A 332 32.97 -41.61 17.99
N GLN A 333 31.87 -42.28 17.68
CA GLN A 333 31.46 -42.42 16.28
C GLN A 333 29.98 -42.08 16.10
N GLY A 334 29.17 -42.36 17.12
CA GLY A 334 27.75 -42.09 17.05
C GLY A 334 26.98 -42.59 18.25
N SER A 343 34.91 -37.47 8.89
CA SER A 343 34.99 -38.69 9.68
C SER A 343 33.74 -38.86 10.54
N GLY A 344 33.96 -39.03 11.85
CA GLY A 344 32.87 -39.17 12.80
C GLY A 344 32.52 -37.91 13.56
N ALA A 345 32.92 -36.74 13.06
CA ALA A 345 32.66 -35.47 13.74
C ALA A 345 32.09 -34.49 12.72
N LEU A 346 30.81 -34.15 12.89
CA LEU A 346 30.15 -33.26 11.94
C LEU A 346 30.74 -31.86 12.00
N ARG A 347 31.11 -31.34 10.84
CA ARG A 347 31.78 -30.05 10.72
C ARG A 347 30.76 -28.92 10.83
N VAL A 348 31.27 -27.71 11.11
CA VAL A 348 30.41 -26.58 11.46
C VAL A 348 30.07 -25.73 10.25
N CYS A 349 31.00 -25.64 9.29
CA CYS A 349 30.78 -24.74 8.15
C CYS A 349 29.70 -25.26 7.20
N ASN A 350 29.35 -26.53 7.29
CA ASN A 350 28.30 -27.12 6.47
C ASN A 350 26.96 -27.21 7.18
N SER A 351 26.94 -27.03 8.49
CA SER A 351 25.76 -27.32 9.31
C SER A 351 24.96 -26.08 9.67
N TYR A 352 25.27 -24.93 9.11
CA TYR A 352 24.52 -23.72 9.42
C TYR A 352 23.11 -23.82 8.85
N TRP A 353 22.11 -23.64 9.72
CA TRP A 353 20.70 -23.70 9.34
C TRP A 353 20.32 -25.06 8.74
N SER A 354 20.95 -26.13 9.21
CA SER A 354 20.66 -27.45 8.69
C SER A 354 19.20 -27.81 8.91
N ARG A 355 18.55 -28.28 7.84
CA ARG A 355 17.12 -28.55 7.91
C ARG A 355 16.83 -29.91 8.55
N GLU A 356 17.32 -30.99 7.94
CA GLU A 356 17.11 -32.34 8.44
C GLU A 356 18.44 -33.08 8.32
N HIS A 357 19.18 -33.14 9.41
CA HIS A 357 20.51 -33.74 9.36
C HIS A 357 20.39 -35.26 9.37
N PRO A 358 21.13 -35.95 8.51
CA PRO A 358 21.02 -37.43 8.48
C PRO A 358 21.43 -38.09 9.78
N LYS A 359 22.22 -37.43 10.62
CA LYS A 359 22.66 -38.03 11.87
C LYS A 359 21.71 -37.71 13.03
N LEU A 360 21.23 -36.48 13.10
CA LEU A 360 20.45 -36.01 14.24
C LEU A 360 18.96 -36.10 13.92
N GLN A 361 18.47 -37.33 13.79
CA GLN A 361 17.10 -37.58 13.40
C GLN A 361 16.23 -38.17 14.51
N ARG A 362 16.81 -38.67 15.58
CA ARG A 362 16.04 -39.25 16.66
C ARG A 362 16.61 -38.78 18.00
N ALA A 363 15.86 -39.03 19.06
CA ALA A 363 16.27 -38.57 20.39
C ALA A 363 17.61 -39.13 20.80
N GLU A 364 17.93 -40.36 20.39
CA GLU A 364 19.20 -40.98 20.73
C GLU A 364 20.37 -40.41 19.96
N ASP A 365 20.14 -39.41 19.10
CA ASP A 365 21.22 -38.72 18.40
C ASP A 365 21.60 -37.41 19.06
N VAL A 366 20.62 -36.63 19.52
CA VAL A 366 20.90 -35.49 20.38
C VAL A 366 21.42 -35.97 21.73
N ASP A 367 20.86 -37.06 22.24
CA ASP A 367 21.41 -37.76 23.40
C ASP A 367 22.90 -37.99 23.26
N ALA A 368 23.40 -38.14 22.04
CA ALA A 368 24.82 -38.41 21.80
C ALA A 368 25.59 -37.12 21.50
N LEU A 369 24.96 -36.18 20.80
CA LEU A 369 25.63 -34.91 20.51
C LEU A 369 25.92 -34.15 21.79
N LEU A 370 25.02 -34.18 22.76
CA LEU A 370 25.28 -33.47 24.01
C LEU A 370 26.41 -34.12 24.79
N LEU A 371 26.42 -35.45 24.88
CA LEU A 371 27.50 -36.12 25.58
C LEU A 371 28.82 -36.03 24.82
N GLY A 372 28.79 -35.69 23.54
CA GLY A 372 30.01 -35.47 22.79
C GLY A 372 30.53 -34.05 22.92
N MET A 373 29.61 -33.10 23.04
CA MET A 373 30.00 -31.72 23.32
C MET A 373 30.55 -31.58 24.73
N ALA A 374 29.99 -32.32 25.68
CA ALA A 374 30.47 -32.22 27.06
C ALA A 374 31.80 -32.91 27.28
N SER A 375 32.51 -33.37 26.25
CA SER A 375 33.80 -34.02 26.46
C SER A 375 34.85 -33.60 25.43
N GLN A 376 34.63 -32.50 24.72
CA GLN A 376 35.57 -31.99 23.74
C GLN A 376 36.09 -30.64 24.20
N ILE A 377 37.41 -30.50 24.25
CA ILE A 377 38.05 -29.28 24.75
C ILE A 377 38.07 -28.24 23.64
N ALA A 378 37.45 -27.10 23.89
CA ALA A 378 37.30 -26.06 22.88
C ALA A 378 38.65 -25.43 22.55
N GLU A 379 38.63 -24.51 21.58
CA GLU A 379 39.84 -23.87 21.10
C GLU A 379 40.43 -22.94 22.16
N ARG A 380 41.53 -22.29 21.81
CA ARG A 380 42.21 -21.38 22.71
C ARG A 380 41.61 -19.98 22.61
N GLU A 381 41.66 -19.25 23.73
CA GLU A 381 41.05 -17.92 23.84
C GLU A 381 42.11 -16.89 23.47
N ASP A 382 42.12 -16.49 22.20
CA ASP A 382 43.06 -15.51 21.68
C ASP A 382 42.45 -14.91 20.42
N HIS A 383 43.27 -14.20 19.64
CA HIS A 383 42.76 -13.53 18.46
C HIS A 383 42.38 -14.53 17.36
N VAL A 384 43.06 -15.66 17.30
CA VAL A 384 42.90 -16.61 16.19
C VAL A 384 41.50 -17.20 16.18
N VAL A 385 40.74 -16.89 15.13
CA VAL A 385 39.42 -17.46 14.91
C VAL A 385 39.53 -18.46 13.76
N VAL A 386 38.71 -19.50 13.82
CA VAL A 386 38.77 -20.60 12.85
C VAL A 386 38.13 -20.16 11.54
N GLU A 387 38.35 -20.94 10.48
CA GLU A 387 37.85 -20.56 9.16
C GLU A 387 36.34 -20.70 9.07
N ASP A 388 35.74 -21.62 9.82
CA ASP A 388 34.33 -21.95 9.70
C ASP A 388 33.43 -20.79 10.12
N MET A 389 34.01 -19.68 10.56
CA MET A 389 33.24 -18.46 10.81
C MET A 389 33.84 -17.29 10.08
N GLN A 390 35.16 -17.32 9.88
CA GLN A 390 35.83 -16.20 9.24
C GLN A 390 35.57 -16.17 7.74
N ASP A 391 35.55 -17.32 7.10
CA ASP A 391 35.34 -17.40 5.66
C ASP A 391 34.04 -18.04 5.25
N PHE A 392 33.32 -18.68 6.19
CA PHE A 392 32.19 -19.53 5.83
C PHE A 392 31.01 -19.29 6.77
N TRP A 393 30.71 -18.04 7.05
CA TRP A 393 29.54 -17.78 7.87
C TRP A 393 28.37 -17.44 6.98
N PRO A 394 27.19 -18.06 7.19
CA PRO A 394 26.05 -17.82 6.29
C PRO A 394 25.74 -16.35 6.06
N GLY A 395 25.78 -15.93 4.80
CA GLY A 395 25.57 -14.55 4.45
C GLY A 395 24.12 -14.13 4.53
N PRO A 396 23.88 -12.91 4.99
CA PRO A 396 22.49 -12.45 5.14
C PRO A 396 21.81 -12.16 3.81
N LEU A 397 22.55 -11.70 2.80
CA LEU A 397 21.92 -11.38 1.52
C LEU A 397 22.97 -11.31 0.42
N LYS A 398 22.54 -11.68 -0.78
CA LYS A 398 23.28 -11.49 -2.03
C LYS A 398 24.47 -12.45 -2.14
N PHE A 399 24.80 -13.16 -1.05
CA PHE A 399 25.91 -14.08 -1.05
C PHE A 399 25.52 -15.34 -0.31
N SER A 400 26.38 -16.35 -0.40
CA SER A 400 26.21 -17.58 0.37
C SER A 400 27.00 -17.53 1.67
N ARG A 401 28.29 -17.20 1.57
CA ARG A 401 29.15 -17.05 2.73
C ARG A 401 29.46 -15.58 2.96
N THR A 402 30.07 -15.30 4.11
CA THR A 402 30.36 -13.94 4.54
C THR A 402 31.30 -14.00 5.72
N ASP A 403 32.24 -13.06 5.76
CA ASP A 403 33.13 -12.96 6.90
C ASP A 403 32.33 -12.61 8.16
N TYR A 404 32.57 -13.36 9.24
CA TYR A 404 31.91 -13.03 10.50
C TYR A 404 32.56 -11.83 11.16
N LEU A 405 33.87 -11.93 11.42
CA LEU A 405 34.57 -10.85 12.13
C LEU A 405 34.53 -9.54 11.37
N ALA A 406 34.61 -9.60 10.04
CA ALA A 406 34.47 -8.38 9.25
C ALA A 406 33.05 -7.87 9.21
N SER A 407 32.11 -8.55 9.86
CA SER A 407 30.77 -8.04 10.09
C SER A 407 30.54 -7.64 11.54
N CYS A 408 31.22 -8.30 12.47
CA CYS A 408 31.22 -7.84 13.86
C CYS A 408 31.90 -6.50 13.99
N LEU A 409 32.93 -6.24 13.18
CA LEU A 409 33.54 -4.92 13.18
C LEU A 409 32.61 -3.88 12.60
N GLN A 410 31.91 -4.21 11.50
CA GLN A 410 30.97 -3.27 10.93
C GLN A 410 29.77 -3.02 11.84
N ARG A 411 29.44 -3.99 12.70
CA ARG A 411 28.37 -3.77 13.67
C ARG A 411 28.85 -2.99 14.88
N GLY A 412 30.10 -3.20 15.31
CA GLY A 412 30.67 -2.36 16.35
C GLY A 412 30.85 -0.93 15.90
N ARG A 413 30.99 -0.71 14.60
CA ARG A 413 31.01 0.65 14.07
C ARG A 413 29.60 1.19 13.87
N ASP A 414 28.65 0.31 13.54
CA ASP A 414 27.26 0.72 13.40
C ASP A 414 26.67 1.17 14.72
N LEU A 415 26.79 0.34 15.76
CA LEU A 415 26.20 0.65 17.06
C LEU A 415 26.89 1.83 17.75
N GLY A 416 27.99 2.33 17.19
CA GLY A 416 28.69 3.44 17.81
C GLY A 416 29.52 3.05 19.02
N LEU A 417 30.18 1.89 18.97
CA LEU A 417 31.01 1.46 20.08
C LEU A 417 32.21 2.39 20.22
N PRO A 418 32.71 2.57 21.45
CA PRO A 418 33.88 3.42 21.65
C PRO A 418 35.15 2.81 21.09
N SER A 419 36.27 3.50 21.31
CA SER A 419 37.57 2.94 20.98
C SER A 419 37.97 1.96 22.09
N TYR A 420 39.21 1.51 22.09
CA TYR A 420 39.65 0.58 23.12
C TYR A 420 40.27 1.28 24.31
N THR A 421 40.77 2.50 24.14
CA THR A 421 41.34 3.25 25.26
C THR A 421 40.30 4.12 25.95
N LYS A 422 39.36 4.68 25.19
CA LYS A 422 38.26 5.42 25.79
C LYS A 422 37.40 4.50 26.66
N ALA A 423 36.97 3.38 26.10
CA ALA A 423 36.18 2.40 26.84
C ALA A 423 36.98 1.69 27.92
N ARG A 424 38.27 1.97 28.05
CA ARG A 424 39.09 1.42 29.11
C ARG A 424 39.38 2.42 30.22
N GLU A 425 39.50 3.71 29.90
CA GLU A 425 39.63 4.73 30.91
C GLU A 425 38.28 5.23 31.42
N ALA A 426 37.18 4.87 30.75
CA ALA A 426 35.85 5.18 31.26
C ALA A 426 35.28 4.06 32.11
N LEU A 427 36.08 3.04 32.41
CA LEU A 427 35.68 1.94 33.29
C LEU A 427 36.56 1.84 34.53
N GLY A 428 37.43 2.82 34.76
CA GLY A 428 38.33 2.80 35.89
C GLY A 428 39.60 2.01 35.69
N LEU A 429 39.75 1.30 34.58
CA LEU A 429 40.95 0.52 34.33
C LEU A 429 42.13 1.43 34.01
N SER A 430 43.33 0.92 34.27
CA SER A 430 44.53 1.68 33.99
C SER A 430 44.74 1.84 32.49
N PRO A 431 45.23 2.99 32.04
CA PRO A 431 45.41 3.21 30.60
C PRO A 431 46.72 2.64 30.09
N ILE A 432 46.74 2.36 28.79
CA ILE A 432 47.91 1.84 28.10
C ILE A 432 48.56 2.98 27.32
N SER A 433 49.87 2.85 27.09
CA SER A 433 50.65 3.89 26.44
C SER A 433 50.92 3.60 24.97
N HIS A 434 51.31 2.38 24.63
CA HIS A 434 51.67 2.03 23.27
C HIS A 434 51.27 0.59 22.98
N TRP A 435 51.56 0.14 21.76
CA TRP A 435 51.09 -1.17 21.31
C TRP A 435 51.80 -2.30 22.02
N GLN A 436 53.10 -2.15 22.29
CA GLN A 436 53.88 -3.21 22.89
C GLN A 436 53.39 -3.62 24.28
N ASP A 437 52.56 -2.79 24.92
CA ASP A 437 52.07 -3.08 26.26
C ASP A 437 50.59 -3.41 26.30
N ILE A 438 49.97 -3.68 25.15
CA ILE A 438 48.59 -4.15 25.14
C ILE A 438 48.50 -5.51 25.80
N ASN A 439 49.37 -6.44 25.39
CA ASN A 439 49.43 -7.79 25.95
C ASN A 439 50.89 -8.07 26.26
N PRO A 440 51.34 -7.81 27.50
CA PRO A 440 52.76 -7.99 27.84
C PRO A 440 53.24 -9.42 27.77
N ALA A 441 52.36 -10.40 27.57
CA ALA A 441 52.76 -11.79 27.40
C ALA A 441 52.83 -12.20 25.94
N LEU A 442 52.01 -11.58 25.08
CA LEU A 442 52.10 -11.85 23.65
C LEU A 442 53.36 -11.23 23.05
N SER A 443 53.85 -10.14 23.63
CA SER A 443 55.05 -9.47 23.15
C SER A 443 56.33 -10.21 23.51
N ARG A 444 56.23 -11.36 24.18
CA ARG A 444 57.39 -12.16 24.52
C ARG A 444 57.57 -13.38 23.64
N SER A 445 56.61 -13.67 22.76
CA SER A 445 56.71 -14.81 21.87
C SER A 445 55.80 -14.55 20.68
N ASN A 446 56.39 -14.39 19.49
CA ASN A 446 55.66 -14.13 18.25
C ASN A 446 54.77 -12.90 18.39
N GLY A 447 55.42 -11.77 18.66
CA GLY A 447 54.74 -10.50 18.77
C GLY A 447 54.52 -9.78 17.46
N THR A 448 54.75 -10.44 16.33
CA THR A 448 54.58 -9.79 15.03
C THR A 448 53.13 -9.40 14.77
N VAL A 449 52.18 -9.99 15.48
CA VAL A 449 50.77 -9.65 15.25
C VAL A 449 50.47 -8.26 15.80
N LEU A 450 51.11 -7.86 16.89
CA LEU A 450 50.91 -6.51 17.41
C LEU A 450 51.40 -5.46 16.43
N GLU A 451 52.55 -5.69 15.79
CA GLU A 451 53.02 -4.76 14.79
C GLU A 451 52.19 -4.83 13.50
N ALA A 452 51.67 -6.03 13.18
CA ALA A 452 50.85 -6.17 11.99
C ALA A 452 49.50 -5.47 12.15
N THR A 453 49.01 -5.32 13.38
CA THR A 453 47.81 -4.53 13.59
C THR A 453 48.12 -3.07 13.89
N ALA A 454 49.35 -2.75 14.31
CA ALA A 454 49.74 -1.35 14.46
C ALA A 454 49.90 -0.68 13.09
N ALA A 455 50.52 -1.39 12.15
CA ALA A 455 50.67 -0.86 10.80
C ALA A 455 49.33 -0.60 10.12
N LEU A 456 48.25 -1.17 10.64
CA LEU A 456 46.92 -0.94 10.07
C LEU A 456 46.33 0.38 10.52
N TYR A 457 46.68 0.85 11.72
CA TYR A 457 46.16 2.09 12.27
C TYR A 457 47.14 3.25 12.12
N ASN A 458 48.18 3.08 11.31
CA ASN A 458 49.26 4.05 11.19
C ASN A 458 49.88 4.34 12.56
N GLN A 459 50.05 3.28 13.35
CA GLN A 459 50.67 3.36 14.67
C GLN A 459 49.91 4.30 15.61
N ASP A 460 48.59 4.38 15.45
CA ASP A 460 47.74 5.22 16.28
C ASP A 460 46.99 4.33 17.26
N LEU A 461 47.46 4.32 18.51
CA LEU A 461 46.87 3.44 19.52
C LEU A 461 45.44 3.84 19.85
N SER A 462 45.16 5.14 19.88
CA SER A 462 43.83 5.61 20.25
C SER A 462 42.89 5.57 19.05
N ARG A 463 42.85 4.44 18.35
CA ARG A 463 41.85 4.18 17.34
C ARG A 463 41.33 2.75 17.37
N LEU A 464 41.88 1.90 18.24
CA LEU A 464 41.51 0.48 18.26
C LEU A 464 40.03 0.32 18.57
N GLU A 465 39.31 -0.37 17.69
CA GLU A 465 37.92 -0.69 17.99
C GLU A 465 37.84 -1.55 19.24
N LEU A 466 36.62 -1.69 19.75
CA LEU A 466 36.42 -2.43 20.99
C LEU A 466 36.79 -3.91 20.82
N LEU A 467 36.43 -4.51 19.68
CA LEU A 467 36.61 -5.96 19.53
C LEU A 467 38.06 -6.36 19.31
N PRO A 468 38.80 -5.78 18.34
CA PRO A 468 40.18 -6.25 18.13
C PRO A 468 41.07 -6.10 19.35
N GLY A 469 40.93 -4.99 20.09
CA GLY A 469 41.73 -4.82 21.29
C GLY A 469 41.44 -5.88 22.33
N GLY A 470 40.16 -6.14 22.58
CA GLY A 470 39.80 -7.15 23.56
C GLY A 470 40.23 -8.55 23.15
N LEU A 471 40.16 -8.87 21.86
CA LEU A 471 40.64 -10.17 21.41
C LEU A 471 42.15 -10.27 21.50
N LEU A 472 42.87 -9.17 21.29
CA LEU A 472 44.32 -9.21 21.40
C LEU A 472 44.77 -9.31 22.85
N GLU A 473 44.01 -8.72 23.78
CA GLU A 473 44.42 -8.71 25.18
C GLU A 473 44.13 -10.03 25.88
N SER A 474 43.08 -10.74 25.48
CA SER A 474 42.65 -11.95 26.17
C SER A 474 43.67 -13.06 25.95
N HIS A 475 44.46 -13.35 26.98
CA HIS A 475 45.51 -14.35 26.85
C HIS A 475 44.97 -15.77 27.01
N GLY A 476 44.47 -16.09 28.20
CA GLY A 476 43.87 -17.39 28.43
C GLY A 476 42.41 -17.29 28.81
N ASP A 477 42.05 -16.23 29.50
CA ASP A 477 40.69 -15.90 29.89
C ASP A 477 40.24 -14.66 29.15
N PRO A 478 38.96 -14.29 29.24
CA PRO A 478 38.54 -12.97 28.76
C PRO A 478 39.40 -11.87 29.38
N GLY A 479 39.77 -10.90 28.55
CA GLY A 479 40.69 -9.87 28.95
C GLY A 479 40.21 -9.06 30.13
N PRO A 480 41.11 -8.31 30.75
CA PRO A 480 40.71 -7.44 31.88
C PRO A 480 39.62 -6.45 31.53
N LEU A 481 39.36 -6.20 30.24
CA LEU A 481 38.31 -5.27 29.86
C LEU A 481 36.96 -5.97 29.72
N PHE A 482 36.91 -7.06 28.96
CA PHE A 482 35.65 -7.77 28.78
C PHE A 482 35.13 -8.36 30.08
N SER A 483 36.05 -8.75 30.97
CA SER A 483 35.63 -9.43 32.19
C SER A 483 34.81 -8.50 33.09
N THR A 484 35.23 -7.25 33.24
CA THR A 484 34.50 -6.33 34.10
C THR A 484 33.15 -5.96 33.50
N ILE A 485 33.10 -5.76 32.18
CA ILE A 485 31.82 -5.52 31.51
C ILE A 485 30.86 -6.65 31.78
N VAL A 486 31.28 -7.89 31.49
CA VAL A 486 30.38 -9.03 31.64
C VAL A 486 29.98 -9.20 33.11
N LEU A 487 30.93 -9.00 34.02
CA LEU A 487 30.63 -9.23 35.44
C LEU A 487 29.63 -8.21 35.98
N ASP A 488 29.88 -6.92 35.76
CA ASP A 488 28.96 -5.95 36.33
C ASP A 488 27.61 -6.01 35.63
N GLN A 489 27.58 -6.37 34.33
CA GLN A 489 26.30 -6.54 33.66
C GLN A 489 25.51 -7.69 34.27
N PHE A 490 26.18 -8.82 34.51
CA PHE A 490 25.48 -9.96 35.09
C PHE A 490 25.19 -9.79 36.57
N VAL A 491 25.77 -8.78 37.22
CA VAL A 491 25.39 -8.49 38.60
C VAL A 491 24.22 -7.49 38.64
N ARG A 492 24.19 -6.54 37.71
CA ARG A 492 23.02 -5.68 37.58
C ARG A 492 21.81 -6.43 37.05
N LEU A 493 22.03 -7.58 36.42
CA LEU A 493 20.91 -8.39 35.93
C LEU A 493 20.26 -9.25 37.01
N ARG A 494 20.87 -9.40 38.18
CA ARG A 494 20.23 -10.10 39.27
C ARG A 494 19.98 -9.25 40.50
N ASP A 495 20.73 -8.17 40.70
CA ASP A 495 20.42 -7.26 41.78
C ASP A 495 19.31 -6.29 41.43
N GLY A 496 18.75 -6.37 40.22
CA GLY A 496 17.65 -5.52 39.83
C GLY A 496 16.49 -6.31 39.26
N ASP A 497 16.47 -7.62 39.54
CA ASP A 497 15.47 -8.54 39.04
C ASP A 497 14.53 -8.91 40.18
N ARG A 498 13.24 -8.64 40.02
CA ARG A 498 12.29 -8.90 41.09
C ARG A 498 11.99 -10.39 41.21
N TYR A 499 11.90 -11.09 40.09
CA TYR A 499 11.60 -12.51 40.07
C TYR A 499 12.84 -13.40 40.14
N TRP A 500 13.94 -12.89 40.68
CA TRP A 500 15.12 -13.74 40.87
C TRP A 500 14.84 -14.76 41.95
N PHE A 501 15.03 -16.05 41.61
CA PHE A 501 14.57 -17.14 42.46
C PHE A 501 15.03 -17.01 43.91
N GLU A 502 16.13 -16.31 44.18
CA GLU A 502 16.62 -16.16 45.54
C GLU A 502 15.94 -15.02 46.29
N ASN A 503 15.16 -14.19 45.61
CA ASN A 503 14.43 -13.10 46.26
C ASN A 503 13.30 -13.70 47.08
N THR A 504 13.36 -13.54 48.40
CA THR A 504 12.37 -14.11 49.31
C THR A 504 11.20 -13.17 49.56
N ARG A 505 10.93 -12.24 48.65
CA ARG A 505 9.82 -11.32 48.80
C ARG A 505 8.76 -11.43 47.71
N ASN A 506 9.08 -12.03 46.56
CA ASN A 506 8.07 -12.26 45.54
C ASN A 506 7.22 -13.50 45.80
N GLY A 507 7.57 -14.30 46.81
CA GLY A 507 6.77 -15.45 47.16
C GLY A 507 6.76 -16.57 46.15
N LEU A 508 7.72 -16.58 45.23
CA LEU A 508 7.80 -17.68 44.27
C LEU A 508 8.11 -19.00 44.97
N PHE A 509 9.25 -19.07 45.64
CA PHE A 509 9.75 -20.31 46.22
C PHE A 509 9.77 -20.21 47.74
N SER A 510 9.77 -21.38 48.37
CA SER A 510 9.86 -21.47 49.83
C SER A 510 11.30 -21.25 50.26
N LYS A 511 11.58 -21.47 51.55
CA LYS A 511 12.95 -21.30 52.04
C LYS A 511 13.81 -22.53 51.79
N GLU A 512 13.20 -23.69 51.54
CA GLU A 512 13.94 -24.91 51.22
C GLU A 512 14.03 -25.16 49.73
N GLU A 513 12.97 -24.87 48.98
CA GLU A 513 13.00 -25.05 47.53
C GLU A 513 14.03 -24.16 46.85
N ILE A 514 14.65 -23.24 47.58
CA ILE A 514 15.79 -22.49 47.07
C ILE A 514 17.09 -23.25 47.31
N ALA A 515 17.21 -23.91 48.47
CA ALA A 515 18.38 -24.72 48.77
C ALA A 515 18.42 -26.02 47.98
N GLU A 516 17.44 -26.27 47.11
CA GLU A 516 17.48 -27.39 46.19
C GLU A 516 17.60 -26.94 44.74
N ILE A 517 17.44 -25.65 44.46
CA ILE A 517 17.78 -25.10 43.16
C ILE A 517 19.19 -24.53 43.16
N ARG A 518 19.71 -24.15 44.32
CA ARG A 518 21.12 -23.80 44.46
C ARG A 518 22.01 -25.03 44.58
N ASN A 519 21.47 -26.21 44.29
CA ASN A 519 22.23 -27.45 44.28
C ASN A 519 21.84 -28.28 43.06
N THR A 520 21.72 -27.62 41.91
CA THR A 520 21.35 -28.28 40.65
C THR A 520 22.33 -27.81 39.58
N SER A 521 23.27 -28.67 39.22
CA SER A 521 24.25 -28.38 38.19
C SER A 521 23.66 -28.71 36.83
N LEU A 522 24.49 -28.70 35.78
CA LEU A 522 24.04 -29.08 34.45
C LEU A 522 24.14 -30.58 34.21
N ARG A 523 24.92 -31.30 35.02
CA ARG A 523 24.90 -32.75 34.93
C ARG A 523 23.59 -33.31 35.45
N ASP A 524 23.02 -32.69 36.48
CA ASP A 524 21.74 -33.12 37.04
C ASP A 524 20.57 -32.76 36.17
N ILE A 525 20.84 -32.24 34.97
CA ILE A 525 19.83 -32.03 33.94
C ILE A 525 20.05 -32.95 32.76
N LEU A 526 21.30 -33.14 32.35
CA LEU A 526 21.59 -34.12 31.30
C LEU A 526 21.24 -35.53 31.75
N VAL A 527 21.56 -35.86 33.01
CA VAL A 527 21.22 -37.18 33.52
C VAL A 527 19.70 -37.36 33.59
N ALA A 528 18.98 -36.30 33.90
CA ALA A 528 17.52 -36.39 33.98
C ALA A 528 16.90 -36.53 32.59
N VAL A 529 17.25 -35.64 31.68
CA VAL A 529 16.63 -35.63 30.36
C VAL A 529 17.11 -36.82 29.53
N THR A 530 18.42 -36.90 29.28
CA THR A 530 18.96 -37.93 28.39
C THR A 530 18.90 -39.33 28.97
N ASN A 531 18.48 -39.49 30.23
CA ASN A 531 18.28 -40.79 30.86
C ASN A 531 19.56 -41.63 30.81
N VAL A 532 20.60 -41.11 31.45
CA VAL A 532 21.91 -41.74 31.50
C VAL A 532 22.28 -41.95 32.97
N ASP A 533 23.29 -42.78 33.20
CA ASP A 533 23.82 -42.95 34.54
C ASP A 533 24.61 -41.71 34.94
N PRO A 534 24.76 -41.47 36.25
CA PRO A 534 25.50 -40.28 36.69
C PRO A 534 27.01 -40.39 36.55
N SER A 535 27.53 -41.56 36.19
CA SER A 535 28.96 -41.76 36.03
C SER A 535 29.41 -41.75 34.57
N ALA A 536 28.53 -41.34 33.66
CA ALA A 536 28.90 -41.19 32.26
C ALA A 536 29.35 -39.76 31.95
N LEU A 537 29.11 -38.81 32.85
CA LEU A 537 29.54 -37.44 32.71
C LEU A 537 30.43 -37.07 33.89
N GLN A 538 30.87 -35.83 33.91
CA GLN A 538 31.70 -35.31 34.99
C GLN A 538 30.88 -34.37 35.88
N PRO A 539 31.29 -34.20 37.14
CA PRO A 539 30.53 -33.30 38.03
C PRO A 539 30.36 -31.90 37.49
N ASN A 540 31.40 -31.32 36.89
CA ASN A 540 31.36 -29.99 36.33
C ASN A 540 31.46 -30.11 34.81
N VAL A 541 30.31 -29.97 34.14
CA VAL A 541 30.25 -30.22 32.69
C VAL A 541 31.08 -29.20 31.92
N PHE A 542 31.28 -28.01 32.48
CA PHE A 542 32.01 -26.95 31.80
C PHE A 542 33.53 -27.08 31.95
N PHE A 543 34.03 -28.24 32.35
CA PHE A 543 35.47 -28.43 32.53
C PHE A 543 35.79 -29.92 32.43
N TRP A 544 36.88 -30.24 31.75
CA TRP A 544 37.41 -31.59 31.69
C TRP A 544 38.82 -31.57 32.27
N LEU A 545 39.05 -32.34 33.33
CA LEU A 545 40.21 -32.16 34.19
C LEU A 545 40.95 -33.46 34.46
N ALA A 546 41.21 -34.22 33.40
CA ALA A 546 42.19 -35.32 33.36
C ALA A 546 41.76 -36.58 34.10
N GLY A 547 40.62 -36.59 34.78
CA GLY A 547 40.17 -37.80 35.43
C GLY A 547 38.76 -38.18 35.02
N ASP A 548 38.06 -37.23 34.41
CA ASP A 548 36.66 -37.38 34.06
C ASP A 548 36.48 -38.45 32.98
N PRO A 549 35.29 -39.04 32.89
CA PRO A 549 35.08 -40.12 31.92
C PRO A 549 35.06 -39.64 30.48
N CYS A 550 35.28 -40.60 29.58
CA CYS A 550 35.36 -40.41 28.14
C CYS A 550 36.44 -39.41 27.75
N PRO A 551 37.71 -39.75 27.89
CA PRO A 551 38.78 -38.86 27.42
C PRO A 551 38.65 -38.55 25.93
N GLN A 552 38.81 -37.28 25.60
CA GLN A 552 38.81 -36.86 24.21
C GLN A 552 39.88 -37.62 23.45
N PRO A 553 39.58 -38.18 22.27
CA PRO A 553 40.60 -38.93 21.53
C PRO A 553 41.80 -38.09 21.12
N SER A 554 41.57 -36.98 20.43
CA SER A 554 42.65 -36.10 19.98
C SER A 554 42.05 -34.76 19.61
N GLN A 555 42.83 -33.70 19.79
CA GLN A 555 42.36 -32.36 19.45
C GLN A 555 42.00 -32.27 17.98
N LEU A 556 40.81 -31.73 17.71
CA LEU A 556 40.22 -31.76 16.37
C LEU A 556 40.74 -30.58 15.55
N SER A 557 41.79 -30.82 14.78
CA SER A 557 42.21 -29.86 13.78
C SER A 557 41.37 -30.05 12.51
N ALA A 558 41.59 -29.20 11.52
CA ALA A 558 40.88 -29.32 10.24
C ALA A 558 41.63 -30.20 9.27
N LYS A 559 42.00 -31.40 9.73
CA LYS A 559 42.72 -32.39 8.93
C LYS A 559 42.05 -33.74 9.14
N GLY A 560 41.18 -34.11 8.20
CA GLY A 560 40.43 -35.35 8.33
C GLY A 560 38.94 -35.09 8.35
N LEU A 561 38.55 -33.86 8.05
CA LEU A 561 37.17 -33.43 8.04
C LEU A 561 36.70 -33.17 6.62
N PRO A 562 35.40 -33.32 6.36
CA PRO A 562 34.84 -32.89 5.07
C PRO A 562 35.19 -31.45 4.75
N ALA A 563 35.11 -31.07 3.47
CA ALA A 563 35.41 -29.71 3.07
C ALA A 563 34.15 -28.84 3.19
N CYS A 564 34.36 -27.53 3.16
CA CYS A 564 33.27 -26.58 3.32
C CYS A 564 32.64 -26.29 1.96
N ALA A 565 31.32 -26.26 1.92
CA ALA A 565 30.61 -25.97 0.69
C ALA A 565 30.99 -24.58 0.19
N PRO A 566 31.29 -24.42 -1.08
CA PRO A 566 31.84 -23.15 -1.58
C PRO A 566 30.77 -22.08 -1.71
N LEU A 567 31.19 -20.93 -2.22
CA LEU A 567 30.32 -19.78 -2.37
C LEU A 567 29.56 -19.86 -3.69
N PHE A 568 28.29 -19.44 -3.66
CA PHE A 568 27.52 -19.23 -4.87
C PHE A 568 26.66 -17.98 -4.68
N ILE A 569 26.78 -17.04 -5.60
CA ILE A 569 26.05 -15.78 -5.52
C ILE A 569 24.60 -16.02 -5.88
N ARG A 570 23.69 -15.51 -5.05
CA ARG A 570 22.26 -15.67 -5.29
C ARG A 570 21.81 -14.66 -6.34
N ASP A 571 21.04 -15.12 -7.32
CA ASP A 571 20.66 -14.33 -8.49
C ASP A 571 19.14 -14.24 -8.54
N TYR A 572 18.60 -13.10 -8.11
CA TYR A 572 17.18 -12.84 -8.31
C TYR A 572 16.92 -12.53 -9.77
N PHE A 573 15.70 -12.81 -10.22
CA PHE A 573 15.31 -12.57 -11.61
C PHE A 573 16.22 -13.37 -12.56
N GLU A 574 16.17 -14.69 -12.39
CA GLU A 574 17.07 -15.60 -13.09
C GLU A 574 16.40 -16.35 -14.23
N GLY A 575 15.31 -17.06 -13.96
CA GLY A 575 14.59 -17.76 -15.01
C GLY A 575 13.47 -16.93 -15.60
N SER A 576 13.03 -15.93 -14.85
CA SER A 576 11.89 -15.11 -15.25
C SER A 576 12.33 -13.85 -16.00
N GLY A 577 13.15 -14.02 -17.02
CA GLY A 577 13.49 -12.91 -17.88
C GLY A 577 12.75 -12.98 -19.20
N PHE A 578 12.71 -14.18 -19.78
CA PHE A 578 11.92 -14.39 -20.98
C PHE A 578 10.42 -14.24 -20.69
N GLY A 579 9.98 -14.74 -19.53
CA GLY A 579 8.59 -14.57 -19.16
C GLY A 579 8.22 -13.11 -18.95
N PHE A 580 9.12 -12.34 -18.32
CA PHE A 580 8.87 -10.90 -18.15
C PHE A 580 8.81 -10.20 -19.49
N GLY A 581 9.76 -10.49 -20.38
CA GLY A 581 9.74 -9.88 -21.70
C GLY A 581 8.49 -10.23 -22.48
N LEU A 582 8.03 -11.48 -22.37
CA LEU A 582 6.83 -11.90 -23.09
C LEU A 582 5.59 -11.24 -22.51
N THR A 583 5.52 -11.11 -21.18
CA THR A 583 4.40 -10.42 -20.56
C THR A 583 4.35 -8.95 -20.99
N ILE A 584 5.51 -8.29 -21.05
CA ILE A 584 5.52 -6.91 -21.49
C ILE A 584 5.16 -6.80 -22.97
N GLY A 585 5.62 -7.76 -23.78
CA GLY A 585 5.25 -7.76 -25.19
C GLY A 585 3.76 -7.94 -25.40
N THR A 586 3.13 -8.81 -24.61
CA THR A 586 1.68 -8.97 -24.67
C THR A 586 0.98 -7.73 -24.15
N LEU A 587 1.55 -7.07 -23.16
CA LEU A 587 1.01 -5.79 -22.70
C LEU A 587 1.09 -4.74 -23.79
N CYS A 588 2.07 -4.84 -24.68
CA CYS A 588 2.19 -3.89 -25.78
C CYS A 588 1.19 -4.18 -26.89
N CYS A 589 0.88 -5.45 -27.15
CA CYS A 589 -0.07 -5.80 -28.20
C CYS A 589 -1.49 -5.97 -27.66
N PHE A 590 -1.96 -5.01 -26.87
CA PHE A 590 -3.39 -4.83 -26.63
C PHE A 590 -4.03 -4.02 -27.76
N PRO A 591 -3.41 -2.93 -28.23
CA PRO A 591 -4.01 -2.22 -29.38
C PRO A 591 -4.04 -3.03 -30.66
N LEU A 592 -3.07 -3.91 -30.89
CA LEU A 592 -3.02 -4.64 -32.15
C LEU A 592 -4.13 -5.68 -32.24
N VAL A 593 -4.33 -6.45 -31.16
CA VAL A 593 -5.42 -7.43 -31.16
C VAL A 593 -6.76 -6.73 -31.29
N SER A 594 -6.92 -5.58 -30.62
CA SER A 594 -8.17 -4.84 -30.72
C SER A 594 -8.38 -4.26 -32.10
N LEU A 595 -7.30 -3.84 -32.77
CA LEU A 595 -7.42 -3.30 -34.12
C LEU A 595 -7.78 -4.38 -35.12
N LEU A 596 -7.16 -5.57 -34.97
CA LEU A 596 -7.54 -6.69 -35.84
C LEU A 596 -8.98 -7.10 -35.60
N SER A 597 -9.41 -7.11 -34.34
CA SER A 597 -10.80 -7.44 -34.03
C SER A 597 -11.75 -6.39 -34.60
N ALA A 598 -11.36 -5.12 -34.56
CA ALA A 598 -12.21 -4.07 -35.12
C ALA A 598 -12.32 -4.19 -36.63
N TRP A 599 -11.20 -4.53 -37.29
CA TRP A 599 -11.25 -4.78 -38.73
C TRP A 599 -12.17 -5.95 -39.05
N ILE A 600 -12.09 -7.02 -38.25
CA ILE A 600 -12.99 -8.16 -38.44
C ILE A 600 -14.44 -7.74 -38.26
N VAL A 601 -14.72 -6.95 -37.22
CA VAL A 601 -16.09 -6.55 -36.94
C VAL A 601 -16.63 -5.66 -38.05
N ALA A 602 -15.80 -4.76 -38.58
CA ALA A 602 -16.26 -3.91 -39.68
C ALA A 602 -16.52 -4.73 -40.94
N ARG A 603 -15.59 -5.61 -41.29
CA ARG A 603 -15.75 -6.41 -42.49
C ARG A 603 -16.96 -7.34 -42.39
N LEU A 604 -17.28 -7.83 -41.19
CA LEU A 604 -18.43 -8.70 -41.01
C LEU A 604 -19.72 -7.93 -40.79
N ARG A 605 -19.65 -6.65 -40.39
CA ARG A 605 -20.83 -5.80 -40.41
C ARG A 605 -21.19 -5.40 -41.82
N LYS A 606 -20.20 -5.37 -42.72
CA LYS A 606 -20.48 -5.19 -44.14
C LYS A 606 -21.36 -6.32 -44.68
N ARG A 607 -21.38 -7.48 -44.02
CA ARG A 607 -22.13 -8.63 -44.52
C ARG A 607 -23.62 -8.36 -44.65
N ASN A 608 -24.14 -7.39 -43.91
CA ASN A 608 -25.55 -6.97 -43.92
C ASN A 608 -26.55 -8.07 -44.30
N HIS A 1013 3.00 39.17 -47.57
CA HIS A 1013 2.67 39.59 -46.20
C HIS A 1013 1.22 39.30 -45.86
N GLN A 1014 0.78 38.08 -46.15
CA GLN A 1014 -0.57 37.64 -45.84
C GLN A 1014 -0.64 36.59 -44.75
N THR A 1015 0.47 35.90 -44.45
CA THR A 1015 0.46 34.90 -43.39
C THR A 1015 0.28 35.56 -42.03
N VAL A 1016 0.86 36.75 -41.83
CA VAL A 1016 0.65 37.47 -40.58
C VAL A 1016 -0.81 37.86 -40.43
N GLN A 1017 -1.47 38.26 -41.53
CA GLN A 1017 -2.89 38.57 -41.45
C GLN A 1017 -3.73 37.32 -41.22
N GLN A 1018 -3.30 36.18 -41.77
CA GLN A 1018 -4.00 34.93 -41.49
C GLN A 1018 -3.89 34.57 -40.02
N PHE A 1019 -2.70 34.73 -39.43
CA PHE A 1019 -2.55 34.47 -38.01
C PHE A 1019 -3.33 35.47 -37.16
N LYS A 1020 -3.47 36.71 -37.64
CA LYS A 1020 -4.28 37.68 -36.92
C LYS A 1020 -5.76 37.29 -36.95
N ARG A 1021 -6.26 36.85 -38.10
CA ARG A 1021 -7.62 36.35 -38.17
C ARG A 1021 -7.82 35.14 -37.27
N PHE A 1022 -6.83 34.24 -37.25
CA PHE A 1022 -6.86 33.08 -36.35
C PHE A 1022 -7.03 33.53 -34.90
N ILE A 1023 -6.10 34.35 -34.42
CA ILE A 1023 -6.16 34.81 -33.04
C ILE A 1023 -7.40 35.65 -32.78
N GLU A 1024 -8.02 36.21 -33.82
CA GLU A 1024 -9.24 36.98 -33.64
C GLU A 1024 -10.44 36.07 -33.43
N ASN A 1025 -10.52 34.96 -34.17
CA ASN A 1025 -11.66 34.07 -34.03
C ASN A 1025 -11.58 33.21 -32.78
N TYR A 1026 -10.37 32.82 -32.37
CA TYR A 1026 -10.17 31.81 -31.34
C TYR A 1026 -9.60 32.38 -30.05
N ARG A 1027 -10.07 33.57 -29.64
CA ARG A 1027 -9.69 34.08 -28.34
C ARG A 1027 -10.29 33.29 -27.19
N ARG A 1028 -11.18 32.34 -27.47
CA ARG A 1028 -11.88 31.60 -26.43
C ARG A 1028 -11.51 30.13 -26.36
N HIS A 1029 -10.94 29.56 -27.40
CA HIS A 1029 -10.47 28.18 -27.34
C HIS A 1029 -9.10 28.09 -26.69
N ILE A 1030 -8.24 29.07 -27.00
CA ILE A 1030 -6.89 29.09 -26.44
C ILE A 1030 -6.94 29.27 -24.93
N GLY A 1031 -7.82 30.16 -24.45
CA GLY A 1031 -7.95 30.34 -23.02
C GLY A 1031 -8.30 29.05 -22.30
N CYS A 1032 -9.31 28.33 -22.79
CA CYS A 1032 -9.75 27.11 -22.13
C CYS A 1032 -8.67 26.03 -22.19
N VAL A 1033 -8.06 25.83 -23.37
CA VAL A 1033 -7.04 24.82 -23.51
C VAL A 1033 -5.86 25.12 -22.59
N ALA A 1034 -5.42 26.39 -22.56
CA ALA A 1034 -4.29 26.76 -21.73
C ALA A 1034 -4.61 26.61 -20.24
N VAL A 1035 -5.82 26.98 -19.82
CA VAL A 1035 -6.16 26.85 -18.40
C VAL A 1035 -6.21 25.38 -18.00
N PHE A 1036 -6.83 24.53 -18.82
CA PHE A 1036 -6.91 23.12 -18.48
C PHE A 1036 -5.52 22.49 -18.43
N TYR A 1037 -4.68 22.79 -19.42
CA TYR A 1037 -3.36 22.17 -19.43
C TYR A 1037 -2.46 22.72 -18.34
N THR A 1038 -2.65 23.99 -17.94
CA THR A 1038 -1.93 24.53 -16.80
C THR A 1038 -2.36 23.84 -15.51
N ILE A 1039 -3.66 23.59 -15.35
CA ILE A 1039 -4.13 22.87 -14.17
C ILE A 1039 -3.51 21.48 -14.11
N THR A 1040 -3.47 20.79 -15.25
CA THR A 1040 -2.89 19.45 -15.25
C THR A 1040 -1.39 19.48 -14.99
N GLY A 1041 -0.68 20.44 -15.59
CA GLY A 1041 0.75 20.57 -15.32
C GLY A 1041 1.05 20.89 -13.87
N ALA A 1042 0.19 21.69 -13.24
CA ALA A 1042 0.38 21.99 -11.82
C ALA A 1042 0.16 20.74 -10.97
N LEU A 1043 -0.92 20.00 -11.24
CA LEU A 1043 -1.15 18.75 -10.50
C LEU A 1043 -0.03 17.75 -10.72
N PHE A 1044 0.66 17.82 -11.85
CA PHE A 1044 1.84 16.96 -12.03
C PHE A 1044 3.02 17.46 -11.22
N LEU A 1045 3.46 18.69 -11.48
CA LEU A 1045 4.63 19.24 -10.81
C LEU A 1045 4.52 19.21 -9.29
N GLU A 1046 3.31 19.31 -8.74
CA GLU A 1046 3.17 19.22 -7.29
C GLU A 1046 3.74 17.90 -6.77
N ARG A 1047 3.20 16.78 -7.23
CA ARG A 1047 3.67 15.47 -6.78
C ARG A 1047 5.09 15.20 -7.24
N ALA A 1048 5.48 15.71 -8.40
CA ALA A 1048 6.85 15.51 -8.87
C ALA A 1048 7.85 16.16 -7.91
N TYR A 1049 7.67 17.45 -7.62
CA TYR A 1049 8.54 18.14 -6.67
C TYR A 1049 8.46 17.49 -5.29
N TYR A 1050 7.27 17.03 -4.89
CA TYR A 1050 7.15 16.35 -3.60
C TYR A 1050 8.05 15.12 -3.55
N TYR A 1051 7.80 14.15 -4.44
CA TYR A 1051 8.59 12.93 -4.43
C TYR A 1051 10.05 13.14 -4.81
N ALA A 1052 10.41 14.32 -5.33
CA ALA A 1052 11.81 14.57 -5.63
C ALA A 1052 12.55 15.15 -4.42
N PHE A 1053 11.94 16.12 -3.73
CA PHE A 1053 12.65 16.90 -2.72
C PHE A 1053 12.02 16.81 -1.34
N ALA A 1054 11.16 15.82 -1.09
CA ALA A 1054 10.65 15.57 0.26
C ALA A 1054 11.16 14.25 0.84
N ALA A 1055 10.95 13.15 0.12
CA ALA A 1055 11.48 11.84 0.50
C ALA A 1055 11.04 11.45 1.91
N HIS A 1056 9.71 11.29 2.06
CA HIS A 1056 9.13 10.92 3.33
C HIS A 1056 9.72 9.61 3.83
N HIS A 1057 10.51 9.69 4.91
CA HIS A 1057 11.25 8.59 5.53
C HIS A 1057 12.40 8.10 4.67
N SER A 1058 12.57 8.64 3.46
CA SER A 1058 13.63 8.23 2.53
C SER A 1058 13.62 6.73 2.31
N GLY A 1059 12.44 6.12 2.36
CA GLY A 1059 12.32 4.69 2.17
C GLY A 1059 12.29 4.29 0.71
N ILE A 1060 11.31 4.79 -0.03
CA ILE A 1060 11.15 4.42 -1.43
C ILE A 1060 11.88 5.35 -2.38
N THR A 1061 12.11 6.61 -1.98
CA THR A 1061 12.80 7.56 -2.83
C THR A 1061 14.24 7.13 -3.15
N ASP A 1062 14.82 6.26 -2.33
CA ASP A 1062 16.17 5.81 -2.56
C ASP A 1062 16.25 4.62 -3.51
N THR A 1063 15.29 3.69 -3.44
CA THR A 1063 15.31 2.53 -4.31
C THR A 1063 14.99 2.92 -5.75
N THR A 1064 13.80 3.47 -5.98
CA THR A 1064 13.35 3.89 -7.30
C THR A 1064 13.20 5.41 -7.29
N ARG A 1065 14.04 6.10 -8.06
CA ARG A 1065 14.01 7.56 -8.07
C ARG A 1065 13.11 8.11 -9.17
N VAL A 1066 13.28 7.62 -10.40
CA VAL A 1066 12.51 8.13 -11.53
C VAL A 1066 11.21 7.36 -11.71
N GLY A 1067 11.26 6.03 -11.49
CA GLY A 1067 10.09 5.19 -11.65
C GLY A 1067 8.98 5.49 -10.66
N ILE A 1068 9.20 6.40 -9.71
CA ILE A 1068 8.16 6.79 -8.78
C ILE A 1068 7.68 8.21 -9.02
N ILE A 1069 8.55 9.11 -9.49
CA ILE A 1069 8.10 10.45 -9.87
C ILE A 1069 7.27 10.38 -11.15
N LEU A 1070 7.81 9.72 -12.18
CA LEU A 1070 7.10 9.54 -13.44
C LEU A 1070 5.76 8.85 -13.26
N SER A 1071 5.54 8.21 -12.11
CA SER A 1071 4.29 7.54 -11.80
C SER A 1071 3.36 8.38 -10.94
N ARG A 1072 3.90 9.02 -9.89
CA ARG A 1072 3.07 9.78 -8.97
C ARG A 1072 2.65 11.12 -9.53
N GLY A 1073 3.29 11.60 -10.60
CA GLY A 1073 2.78 12.79 -11.24
C GLY A 1073 1.62 12.47 -12.18
N THR A 1074 1.85 11.50 -13.06
CA THR A 1074 0.84 11.07 -14.01
C THR A 1074 -0.22 10.17 -13.39
N ALA A 1075 -0.17 9.93 -12.08
CA ALA A 1075 -1.31 9.33 -11.39
C ALA A 1075 -2.24 10.37 -10.82
N ALA A 1076 -1.77 11.60 -10.62
CA ALA A 1076 -2.63 12.70 -10.22
C ALA A 1076 -3.14 13.51 -11.40
N SER A 1077 -2.41 13.49 -12.51
CA SER A 1077 -2.91 14.17 -13.72
C SER A 1077 -4.08 13.41 -14.32
N ILE A 1078 -3.95 12.09 -14.48
CA ILE A 1078 -5.01 11.33 -15.14
C ILE A 1078 -6.22 11.17 -14.23
N SER A 1079 -6.03 11.18 -12.90
CA SER A 1079 -7.18 11.11 -12.02
C SER A 1079 -8.02 12.38 -12.08
N PHE A 1080 -7.46 13.46 -12.62
CA PHE A 1080 -8.21 14.68 -12.88
C PHE A 1080 -8.81 14.70 -14.28
N MET A 1081 -8.04 14.24 -15.27
CA MET A 1081 -8.55 14.22 -16.63
C MET A 1081 -9.73 13.26 -16.78
N PHE A 1082 -9.57 12.01 -16.31
CA PHE A 1082 -10.63 11.03 -16.42
C PHE A 1082 -11.85 11.37 -15.59
N SER A 1083 -11.71 12.31 -14.64
CA SER A 1083 -12.83 12.71 -13.81
C SER A 1083 -13.55 13.94 -14.34
N TYR A 1084 -12.82 14.91 -14.88
CA TYR A 1084 -13.43 16.11 -15.45
C TYR A 1084 -13.64 16.00 -16.95
N ILE A 1085 -13.48 14.80 -17.53
CA ILE A 1085 -13.97 14.56 -18.89
C ILE A 1085 -15.47 14.36 -18.93
N LEU A 1086 -16.15 14.39 -17.79
CA LEU A 1086 -17.59 14.21 -17.75
C LEU A 1086 -18.35 15.53 -17.83
N LEU A 1087 -17.76 16.64 -17.39
CA LEU A 1087 -18.42 17.94 -17.55
C LEU A 1087 -18.60 18.33 -19.01
N THR A 1088 -17.99 17.59 -19.94
CA THR A 1088 -18.20 17.89 -21.35
C THR A 1088 -19.53 17.33 -21.85
N MET A 1089 -19.78 16.05 -21.59
CA MET A 1089 -21.00 15.41 -22.06
C MET A 1089 -22.10 15.45 -20.99
N CYS A 1090 -22.41 16.68 -20.57
CA CYS A 1090 -23.60 16.97 -19.77
C CYS A 1090 -24.40 17.97 -20.60
N ARG A 1091 -25.24 17.44 -21.49
CA ARG A 1091 -25.83 18.25 -22.54
C ARG A 1091 -26.84 19.25 -21.99
N ASN A 1092 -27.62 18.85 -20.98
CA ASN A 1092 -28.66 19.74 -20.46
C ASN A 1092 -28.09 20.91 -19.68
N LEU A 1093 -26.82 20.89 -19.31
CA LEU A 1093 -26.18 22.04 -18.69
C LEU A 1093 -25.62 22.99 -19.74
N ILE A 1094 -25.00 22.46 -20.79
CA ILE A 1094 -24.49 23.30 -21.86
C ILE A 1094 -25.63 23.99 -22.59
N THR A 1095 -26.74 23.26 -22.83
CA THR A 1095 -27.90 23.85 -23.50
C THR A 1095 -28.37 25.11 -22.79
N PHE A 1096 -28.23 25.16 -21.47
CA PHE A 1096 -28.58 26.37 -20.73
C PHE A 1096 -27.45 27.39 -20.73
N LEU A 1097 -26.21 26.94 -20.51
CA LEU A 1097 -25.11 27.88 -20.32
C LEU A 1097 -24.77 28.64 -21.60
N ARG A 1098 -24.91 28.00 -22.76
CA ARG A 1098 -24.49 28.65 -24.01
C ARG A 1098 -25.34 29.84 -24.37
N GLU A 1099 -26.42 30.10 -23.66
CA GLU A 1099 -27.26 31.27 -23.89
C GLU A 1099 -27.03 32.37 -22.86
N THR A 1100 -26.18 32.12 -21.86
CA THR A 1100 -25.88 33.11 -20.85
C THR A 1100 -24.75 34.02 -21.32
N PHE A 1101 -24.22 34.83 -20.41
CA PHE A 1101 -23.10 35.71 -20.72
C PHE A 1101 -21.77 34.96 -20.78
N LEU A 1102 -21.77 33.63 -20.73
CA LEU A 1102 -20.53 32.87 -20.66
C LEU A 1102 -20.01 32.46 -22.04
N ASN A 1103 -20.87 32.35 -23.04
CA ASN A 1103 -20.42 31.93 -24.36
C ASN A 1103 -19.49 32.95 -25.02
N ARG A 1104 -19.38 34.16 -24.47
CA ARG A 1104 -18.41 35.13 -24.94
C ARG A 1104 -17.03 34.91 -24.34
N TYR A 1105 -16.90 33.98 -23.38
CA TYR A 1105 -15.63 33.65 -22.77
C TYR A 1105 -15.17 32.24 -23.11
N ILE A 1106 -16.05 31.26 -22.97
CA ILE A 1106 -15.73 29.88 -23.32
C ILE A 1106 -16.70 29.40 -24.40
N PRO A 1107 -16.23 28.73 -25.46
CA PRO A 1107 -17.13 28.28 -26.53
C PRO A 1107 -17.76 26.95 -26.19
N PHE A 1108 -19.09 26.92 -26.10
CA PHE A 1108 -19.81 25.72 -25.72
C PHE A 1108 -20.12 24.81 -26.91
N ASP A 1109 -20.00 25.31 -28.13
CA ASP A 1109 -20.25 24.50 -29.32
C ASP A 1109 -19.03 23.69 -29.75
N ALA A 1110 -17.94 23.73 -28.99
CA ALA A 1110 -16.76 22.92 -29.26
C ALA A 1110 -16.54 21.88 -28.15
N ALA A 1111 -17.63 21.49 -27.48
CA ALA A 1111 -17.52 20.56 -26.37
C ALA A 1111 -16.97 19.22 -26.82
N VAL A 1112 -17.61 18.68 -27.84
CA VAL A 1112 -17.20 17.42 -28.32
C VAL A 1112 -15.82 17.43 -28.88
N ASP A 1113 -15.36 18.51 -29.47
CA ASP A 1113 -14.00 18.61 -29.90
C ASP A 1113 -13.16 18.67 -28.71
N PHE A 1114 -13.54 19.35 -27.66
CA PHE A 1114 -12.76 19.35 -26.46
C PHE A 1114 -12.80 18.01 -25.88
N HIS A 1115 -13.87 17.28 -25.92
CA HIS A 1115 -13.89 15.95 -25.39
C HIS A 1115 -12.95 15.11 -26.10
N ARG A 1116 -12.85 15.15 -27.40
CA ARG A 1116 -11.84 14.34 -28.06
C ARG A 1116 -10.48 14.81 -27.72
N LEU A 1117 -10.24 16.10 -27.55
CA LEU A 1117 -8.94 16.58 -27.11
C LEU A 1117 -8.58 16.22 -25.71
N ILE A 1118 -9.48 15.94 -24.80
CA ILE A 1118 -9.06 15.58 -23.45
C ILE A 1118 -8.78 14.11 -23.34
N ALA A 1119 -9.39 13.28 -24.14
CA ALA A 1119 -9.23 11.84 -24.27
C ALA A 1119 -7.95 11.46 -24.98
N SER A 1120 -7.46 12.32 -25.89
CA SER A 1120 -6.22 12.03 -26.58
C SER A 1120 -5.00 12.42 -25.76
N THR A 1121 -5.17 13.24 -24.73
CA THR A 1121 -4.05 13.51 -23.82
C THR A 1121 -3.97 12.50 -22.68
N ALA A 1122 -5.12 12.10 -22.14
CA ALA A 1122 -5.14 11.17 -21.02
C ALA A 1122 -4.50 9.83 -21.38
N ILE A 1123 -4.58 9.42 -22.65
CA ILE A 1123 -4.02 8.12 -23.02
C ILE A 1123 -2.50 8.18 -23.06
N ILE A 1124 -1.93 9.31 -23.49
CA ILE A 1124 -0.49 9.47 -23.43
C ILE A 1124 -0.02 9.47 -21.99
N LEU A 1125 -0.72 10.21 -21.13
CA LEU A 1125 -0.32 10.23 -19.72
C LEU A 1125 -0.48 8.86 -19.07
N THR A 1126 -1.46 8.08 -19.51
CA THR A 1126 -1.64 6.73 -18.97
C THR A 1126 -0.55 5.78 -19.46
N VAL A 1127 -0.12 5.94 -20.72
CA VAL A 1127 0.99 5.14 -21.22
C VAL A 1127 2.25 5.43 -20.41
N LEU A 1128 2.46 6.70 -20.05
CA LEU A 1128 3.60 7.02 -19.19
C LEU A 1128 3.43 6.41 -17.79
N HIS A 1129 2.23 6.54 -17.21
CA HIS A 1129 1.94 5.98 -15.89
C HIS A 1129 2.11 4.47 -15.85
N SER A 1130 1.97 3.78 -16.98
CA SER A 1130 2.16 2.34 -16.99
C SER A 1130 3.59 1.94 -17.30
N ALA A 1131 4.26 2.66 -18.19
CA ALA A 1131 5.67 2.38 -18.45
C ALA A 1131 6.56 2.77 -17.28
N GLY A 1132 6.06 3.55 -16.33
CA GLY A 1132 6.82 3.77 -15.11
C GLY A 1132 6.67 2.61 -14.14
N HIS A 1133 5.46 2.07 -14.02
CA HIS A 1133 5.25 0.98 -13.09
C HIS A 1133 5.79 -0.34 -13.59
N VAL A 1134 5.98 -0.49 -14.91
CA VAL A 1134 6.71 -1.66 -15.39
C VAL A 1134 8.13 -1.67 -14.80
N VAL A 1135 8.80 -0.52 -14.85
CA VAL A 1135 10.14 -0.41 -14.28
C VAL A 1135 10.09 -0.59 -12.76
N ASN A 1136 9.06 -0.04 -12.11
CA ASN A 1136 8.92 -0.26 -10.68
C ASN A 1136 8.79 -1.74 -10.33
N VAL A 1137 7.99 -2.48 -11.11
CA VAL A 1137 7.81 -3.90 -10.84
C VAL A 1137 9.09 -4.67 -11.12
N TYR A 1138 9.89 -4.24 -12.09
CA TYR A 1138 11.17 -4.89 -12.30
C TYR A 1138 12.11 -4.65 -11.12
N LEU A 1139 12.24 -3.40 -10.69
CA LEU A 1139 13.13 -3.09 -9.58
C LEU A 1139 12.62 -3.61 -8.25
N PHE A 1140 11.34 -3.96 -8.15
CA PHE A 1140 10.79 -4.62 -6.97
C PHE A 1140 10.92 -6.14 -7.04
N SER A 1141 11.42 -6.67 -8.15
CA SER A 1141 11.63 -8.11 -8.29
C SER A 1141 13.09 -8.50 -8.15
N ILE A 1142 13.97 -7.55 -7.84
CA ILE A 1142 15.38 -7.84 -7.59
C ILE A 1142 15.87 -7.28 -6.27
N SER A 1143 15.00 -6.62 -5.49
CA SER A 1143 15.33 -6.11 -4.18
C SER A 1143 15.14 -7.19 -3.12
N PRO A 1144 16.03 -7.29 -2.15
CA PRO A 1144 15.90 -8.34 -1.12
C PRO A 1144 14.66 -8.13 -0.28
N LEU A 1145 14.22 -9.21 0.36
CA LEU A 1145 13.03 -9.15 1.19
C LEU A 1145 13.16 -8.13 2.31
N SER A 1146 14.39 -7.89 2.77
CA SER A 1146 14.62 -6.94 3.86
C SER A 1146 14.54 -5.49 3.41
N VAL A 1147 14.20 -5.23 2.15
CA VAL A 1147 13.89 -3.89 1.68
C VAL A 1147 12.42 -3.75 1.32
N LEU A 1148 11.82 -4.79 0.74
CA LEU A 1148 10.39 -4.77 0.47
C LEU A 1148 9.57 -4.88 1.76
N SER A 1149 10.15 -5.45 2.83
CA SER A 1149 9.47 -5.44 4.11
C SER A 1149 9.53 -4.06 4.78
N CYS A 1150 10.26 -3.12 4.19
CA CYS A 1150 10.31 -1.74 4.67
C CYS A 1150 9.59 -0.77 3.75
N LEU A 1151 9.57 -1.03 2.45
CA LEU A 1151 8.80 -0.21 1.53
C LEU A 1151 7.31 -0.42 1.71
N PHE A 1152 6.88 -1.69 1.76
CA PHE A 1152 5.47 -2.04 1.86
C PHE A 1152 5.23 -2.89 3.11
N PRO A 1153 5.25 -2.28 4.29
CA PRO A 1153 4.92 -3.05 5.50
C PRO A 1153 3.48 -3.49 5.49
N GLY A 1154 3.22 -4.61 6.13
CA GLY A 1154 1.91 -5.24 6.13
C GLY A 1154 1.70 -6.14 4.93
N LEU A 1155 2.26 -5.77 3.79
CA LEU A 1155 2.20 -6.64 2.62
C LEU A 1155 3.33 -7.66 2.62
N PHE A 1156 4.47 -7.31 3.20
CA PHE A 1156 5.62 -8.21 3.29
C PHE A 1156 6.06 -8.35 4.74
N HIS A 1157 6.77 -9.44 5.02
CA HIS A 1157 7.26 -9.74 6.36
C HIS A 1157 8.66 -10.30 6.23
N ASP A 1158 9.59 -9.79 7.04
CA ASP A 1158 11.01 -10.09 6.88
C ASP A 1158 11.40 -11.26 7.77
N ASP A 1159 11.33 -12.46 7.21
CA ASP A 1159 12.05 -13.59 7.76
C ASP A 1159 13.33 -13.76 6.94
N GLY A 1160 14.05 -14.85 7.18
CA GLY A 1160 15.32 -15.02 6.51
C GLY A 1160 15.26 -15.54 5.10
N SER A 1161 14.07 -15.77 4.55
CA SER A 1161 13.96 -16.36 3.23
C SER A 1161 14.64 -15.51 2.16
N GLU A 1162 14.59 -14.19 2.30
CA GLU A 1162 15.25 -13.21 1.45
C GLU A 1162 14.87 -13.33 -0.03
N PHE A 1163 13.87 -14.14 -0.33
CA PHE A 1163 13.45 -14.34 -1.71
C PHE A 1163 12.12 -13.66 -1.96
N PRO A 1164 12.09 -12.55 -2.69
CA PRO A 1164 10.85 -11.81 -2.91
C PRO A 1164 10.00 -12.46 -4.00
N GLN A 1165 8.77 -11.98 -4.09
CA GLN A 1165 7.83 -12.52 -5.06
C GLN A 1165 8.26 -12.18 -6.48
N LYS A 1166 7.87 -13.04 -7.42
CA LYS A 1166 8.24 -12.87 -8.81
C LYS A 1166 7.49 -11.69 -9.43
N TYR A 1167 7.69 -11.48 -10.73
CA TYR A 1167 7.03 -10.39 -11.41
C TYR A 1167 5.53 -10.67 -11.59
N TYR A 1168 5.17 -11.89 -11.97
CA TYR A 1168 3.77 -12.20 -12.20
C TYR A 1168 2.96 -12.14 -10.92
N TRP A 1169 3.58 -12.28 -9.75
CA TRP A 1169 2.87 -11.99 -8.52
C TRP A 1169 2.52 -10.52 -8.42
N TRP A 1170 3.41 -9.65 -8.87
CA TRP A 1170 3.12 -8.21 -8.84
C TRP A 1170 2.04 -7.86 -9.84
N PHE A 1171 2.07 -8.49 -11.02
CA PHE A 1171 1.13 -8.12 -12.08
C PHE A 1171 -0.25 -8.75 -11.86
N PHE A 1172 -0.32 -10.08 -11.85
CA PHE A 1172 -1.59 -10.78 -11.92
C PHE A 1172 -2.08 -11.27 -10.56
N GLN A 1173 -1.43 -10.89 -9.46
CA GLN A 1173 -1.87 -11.34 -8.14
C GLN A 1173 -1.93 -10.19 -7.14
N THR A 1174 -2.04 -8.96 -7.62
CA THR A 1174 -2.22 -7.80 -6.76
C THR A 1174 -3.39 -6.98 -7.30
N VAL A 1175 -4.12 -6.33 -6.40
CA VAL A 1175 -5.30 -5.56 -6.83
C VAL A 1175 -4.93 -4.42 -7.78
N PRO A 1176 -3.99 -3.52 -7.44
CA PRO A 1176 -3.62 -2.48 -8.41
C PRO A 1176 -3.12 -3.03 -9.74
N GLY A 1177 -2.28 -4.08 -9.72
CA GLY A 1177 -1.72 -4.57 -10.98
C GLY A 1177 -2.77 -5.23 -11.87
N LEU A 1178 -3.62 -6.06 -11.28
CA LEU A 1178 -4.65 -6.73 -12.07
C LEU A 1178 -5.68 -5.73 -12.58
N THR A 1179 -6.10 -4.80 -11.73
CA THR A 1179 -7.03 -3.77 -12.19
C THR A 1179 -6.39 -2.88 -13.25
N GLY A 1180 -5.08 -2.67 -13.18
CA GLY A 1180 -4.42 -1.88 -14.21
C GLY A 1180 -4.33 -2.60 -15.54
N VAL A 1181 -4.10 -3.91 -15.50
CA VAL A 1181 -4.10 -4.68 -16.75
C VAL A 1181 -5.50 -4.67 -17.36
N LEU A 1182 -6.54 -4.82 -16.53
CA LEU A 1182 -7.90 -4.75 -17.02
C LEU A 1182 -8.21 -3.38 -17.60
N LEU A 1183 -7.70 -2.32 -16.97
CA LEU A 1183 -7.92 -0.96 -17.47
C LEU A 1183 -7.22 -0.75 -18.81
N LEU A 1184 -6.00 -1.27 -18.95
CA LEU A 1184 -5.31 -1.18 -20.23
C LEU A 1184 -6.09 -1.89 -21.33
N LEU A 1185 -6.64 -3.07 -21.02
CA LEU A 1185 -7.44 -3.77 -22.01
C LEU A 1185 -8.69 -2.97 -22.38
N ALA A 1186 -9.40 -2.46 -21.38
CA ALA A 1186 -10.62 -1.69 -21.64
C ALA A 1186 -10.32 -0.45 -22.46
N LEU A 1187 -9.22 0.23 -22.18
CA LEU A 1187 -8.86 1.42 -22.96
C LEU A 1187 -8.48 1.04 -24.37
N ALA A 1188 -7.70 -0.03 -24.55
CA ALA A 1188 -7.32 -0.45 -25.89
C ALA A 1188 -8.53 -0.86 -26.72
N ILE A 1189 -9.60 -1.30 -26.06
CA ILE A 1189 -10.84 -1.58 -26.79
C ILE A 1189 -11.57 -0.29 -27.12
N MET A 1190 -11.82 0.54 -26.10
CA MET A 1190 -12.68 1.71 -26.27
C MET A 1190 -12.07 2.74 -27.21
N TYR A 1191 -10.77 2.99 -27.09
CA TYR A 1191 -10.14 4.01 -27.92
C TYR A 1191 -10.11 3.60 -29.39
N VAL A 1192 -9.81 2.34 -29.67
CA VAL A 1192 -9.70 1.91 -31.06
C VAL A 1192 -11.07 1.76 -31.70
N PHE A 1193 -12.04 1.20 -30.97
CA PHE A 1193 -13.37 1.06 -31.55
C PHE A 1193 -14.10 2.39 -31.68
N ALA A 1194 -13.62 3.46 -31.06
CA ALA A 1194 -14.29 4.75 -31.09
C ALA A 1194 -13.54 5.77 -31.95
N SER A 1195 -12.59 5.33 -32.77
CA SER A 1195 -11.89 6.24 -33.65
C SER A 1195 -12.81 6.65 -34.81
N HIS A 1196 -12.26 7.43 -35.74
CA HIS A 1196 -13.08 7.91 -36.84
C HIS A 1196 -13.31 6.81 -37.88
N HIS A 1197 -12.27 6.02 -38.18
CA HIS A 1197 -12.39 4.97 -39.17
C HIS A 1197 -13.24 3.81 -38.71
N PHE A 1198 -13.54 3.71 -37.41
CA PHE A 1198 -14.43 2.68 -36.88
C PHE A 1198 -15.71 3.29 -36.31
N ARG A 1199 -15.93 4.58 -36.49
CA ARG A 1199 -17.22 5.22 -36.24
C ARG A 1199 -17.96 5.56 -37.52
N ARG A 1200 -17.23 5.91 -38.58
CA ARG A 1200 -17.86 6.10 -39.87
C ARG A 1200 -18.27 4.78 -40.49
N ARG A 1201 -17.46 3.74 -40.32
CA ARG A 1201 -17.77 2.44 -40.89
C ARG A 1201 -18.98 1.81 -40.21
N SER A 1202 -19.21 2.12 -38.95
CA SER A 1202 -20.34 1.56 -38.21
C SER A 1202 -20.57 2.38 -36.96
N PHE A 1203 -21.79 2.86 -36.76
CA PHE A 1203 -22.15 3.55 -35.54
C PHE A 1203 -22.53 2.61 -34.40
N ARG A 1204 -22.71 1.32 -34.70
CA ARG A 1204 -23.10 0.39 -33.64
C ARG A 1204 -21.90 -0.20 -32.92
N GLY A 1205 -20.78 -0.43 -33.61
CA GLY A 1205 -19.57 -0.84 -32.90
C GLY A 1205 -19.12 0.22 -31.92
N PHE A 1206 -19.08 1.47 -32.36
CA PHE A 1206 -18.84 2.60 -31.48
C PHE A 1206 -19.78 2.58 -30.28
N TRP A 1207 -21.09 2.63 -30.54
CA TRP A 1207 -22.04 2.78 -29.44
C TRP A 1207 -22.09 1.55 -28.53
N LEU A 1208 -21.66 0.38 -29.01
CA LEU A 1208 -21.65 -0.79 -28.15
C LEU A 1208 -20.41 -0.84 -27.28
N THR A 1209 -19.23 -0.68 -27.88
CA THR A 1209 -18.01 -0.75 -27.08
C THR A 1209 -17.84 0.46 -26.16
N HIS A 1210 -18.30 1.63 -26.60
CA HIS A 1210 -17.98 2.86 -25.89
C HIS A 1210 -18.68 2.99 -24.54
N HIS A 1211 -19.59 2.08 -24.18
CA HIS A 1211 -20.20 2.12 -22.86
C HIS A 1211 -19.34 1.48 -21.79
N LEU A 1212 -18.06 1.22 -22.07
CA LEU A 1212 -17.20 0.62 -21.07
C LEU A 1212 -16.75 1.61 -20.00
N TYR A 1213 -17.08 2.89 -20.14
CA TYR A 1213 -16.65 3.87 -19.15
C TYR A 1213 -17.23 3.58 -17.77
N ILE A 1214 -18.32 2.83 -17.68
CA ILE A 1214 -18.82 2.39 -16.37
C ILE A 1214 -17.87 1.37 -15.78
N PHE A 1215 -17.48 0.36 -16.57
CA PHE A 1215 -16.46 -0.58 -16.15
C PHE A 1215 -15.17 0.14 -15.78
N LEU A 1216 -14.82 1.17 -16.56
CA LEU A 1216 -13.60 1.93 -16.29
C LEU A 1216 -13.69 2.63 -14.94
N TYR A 1217 -14.84 3.25 -14.64
CA TYR A 1217 -14.96 3.99 -13.39
C TYR A 1217 -15.23 3.10 -12.19
N ILE A 1218 -15.58 1.84 -12.39
CA ILE A 1218 -15.54 0.89 -11.27
C ILE A 1218 -14.12 0.40 -11.02
N LEU A 1219 -13.38 0.08 -12.08
CA LEU A 1219 -12.00 -0.35 -11.90
C LEU A 1219 -11.13 0.78 -11.35
N LEU A 1220 -11.50 2.03 -11.60
CA LEU A 1220 -10.70 3.14 -11.04
C LEU A 1220 -10.96 3.36 -9.56
N ILE A 1221 -12.12 2.95 -9.05
CA ILE A 1221 -12.32 3.00 -7.60
C ILE A 1221 -11.74 1.76 -6.93
N ILE A 1222 -11.76 0.62 -7.62
CA ILE A 1222 -11.10 -0.57 -7.06
C ILE A 1222 -9.59 -0.43 -7.13
N HIS A 1223 -9.09 0.34 -8.09
CA HIS A 1223 -7.67 0.34 -8.43
C HIS A 1223 -6.83 0.90 -7.29
N GLY A 1224 -7.05 2.15 -6.92
CA GLY A 1224 -6.30 2.78 -5.86
C GLY A 1224 -6.68 2.38 -4.46
N SER A 1225 -7.66 1.49 -4.31
CA SER A 1225 -8.14 1.07 -2.99
C SER A 1225 -7.17 0.07 -2.38
N PHE A 1226 -6.01 0.59 -1.98
CA PHE A 1226 -4.98 -0.20 -1.32
C PHE A 1226 -3.89 0.76 -0.88
N ALA A 1227 -3.16 0.36 0.16
CA ALA A 1227 -2.23 1.25 0.86
C ALA A 1227 -0.78 1.07 0.43
N LEU A 1228 -0.52 0.78 -0.85
CA LEU A 1228 0.86 0.60 -1.30
C LEU A 1228 1.70 1.85 -1.08
N ILE A 1229 1.34 2.94 -1.76
CA ILE A 1229 2.18 4.13 -1.82
C ILE A 1229 1.56 5.29 -1.05
N GLN A 1230 0.28 5.57 -1.29
CA GLN A 1230 -0.42 6.67 -0.63
C GLN A 1230 -1.85 6.22 -0.34
N MET A 1231 -2.67 7.17 0.05
CA MET A 1231 -4.09 6.95 0.27
C MET A 1231 -4.87 7.17 -1.02
N PRO A 1232 -6.00 6.50 -1.18
CA PRO A 1232 -6.82 6.73 -2.39
C PRO A 1232 -7.26 8.18 -2.47
N ARG A 1233 -7.24 8.72 -3.70
CA ARG A 1233 -7.59 10.11 -3.93
C ARG A 1233 -8.52 10.31 -5.12
N PHE A 1234 -9.02 9.24 -5.73
CA PHE A 1234 -9.83 9.42 -6.94
C PHE A 1234 -11.22 9.94 -6.62
N HIS A 1235 -11.81 9.48 -5.51
CA HIS A 1235 -13.16 9.92 -5.17
C HIS A 1235 -13.24 11.42 -4.97
N ILE A 1236 -12.16 12.04 -4.48
CA ILE A 1236 -12.14 13.49 -4.34
C ILE A 1236 -12.32 14.16 -5.68
N PHE A 1237 -11.64 13.66 -6.72
CA PHE A 1237 -11.76 14.21 -8.06
C PHE A 1237 -13.07 13.81 -8.74
N PHE A 1238 -13.69 12.71 -8.32
CA PHE A 1238 -14.78 12.11 -9.06
C PHE A 1238 -16.16 12.39 -8.46
N LEU A 1239 -16.23 12.94 -7.24
CA LEU A 1239 -17.54 13.14 -6.62
C LEU A 1239 -18.38 14.14 -7.39
N VAL A 1240 -17.90 15.38 -7.50
CA VAL A 1240 -18.68 16.48 -8.09
C VAL A 1240 -18.98 16.23 -9.57
N PRO A 1241 -17.99 15.91 -10.42
CA PRO A 1241 -18.31 15.69 -11.84
C PRO A 1241 -19.30 14.58 -12.07
N ALA A 1242 -19.17 13.46 -11.36
CA ALA A 1242 -20.13 12.37 -11.53
C ALA A 1242 -21.51 12.78 -11.06
N ILE A 1243 -21.59 13.56 -9.98
CA ILE A 1243 -22.88 14.05 -9.50
C ILE A 1243 -23.55 14.89 -10.57
N ILE A 1244 -22.83 15.87 -11.12
CA ILE A 1244 -23.41 16.75 -12.13
C ILE A 1244 -23.81 15.95 -13.36
N TYR A 1245 -22.95 15.03 -13.80
CA TYR A 1245 -23.24 14.26 -15.00
C TYR A 1245 -24.47 13.38 -14.82
N VAL A 1246 -24.58 12.70 -13.68
CA VAL A 1246 -25.73 11.84 -13.49
C VAL A 1246 -26.99 12.66 -13.30
N GLY A 1247 -26.89 13.85 -12.73
CA GLY A 1247 -28.04 14.73 -12.65
C GLY A 1247 -28.54 15.13 -14.02
N ASP A 1248 -27.64 15.60 -14.88
CA ASP A 1248 -28.01 16.02 -16.22
C ASP A 1248 -28.26 14.84 -17.16
N LYS A 1249 -28.01 13.61 -16.71
CA LYS A 1249 -28.47 12.43 -17.42
C LYS A 1249 -29.88 12.04 -16.99
N LEU A 1250 -30.19 12.20 -15.71
CA LEU A 1250 -31.56 11.98 -15.25
C LEU A 1250 -32.52 13.00 -15.87
N VAL A 1251 -32.10 14.25 -15.96
CA VAL A 1251 -32.94 15.27 -16.59
C VAL A 1251 -33.16 14.93 -18.07
N SER A 1252 -32.20 14.25 -18.70
CA SER A 1252 -32.39 13.81 -20.08
C SER A 1252 -33.36 12.64 -20.16
N LEU A 1253 -33.19 11.65 -19.29
CA LEU A 1253 -34.07 10.48 -19.29
C LEU A 1253 -35.48 10.80 -18.79
N SER A 1254 -35.69 11.97 -18.20
CA SER A 1254 -37.01 12.29 -17.64
C SER A 1254 -38.04 12.52 -18.76
N ARG A 1255 -37.75 13.46 -19.65
CA ARG A 1255 -38.73 13.85 -20.66
C ARG A 1255 -38.91 12.77 -21.71
N LYS A 1256 -39.91 12.95 -22.56
CA LYS A 1256 -40.27 12.00 -23.60
C LYS A 1256 -39.78 12.47 -24.96
N LYS A 1257 -39.51 11.51 -25.84
CA LYS A 1257 -39.02 11.76 -27.19
C LYS A 1257 -40.08 11.31 -28.19
N VAL A 1258 -40.83 12.26 -28.74
CA VAL A 1258 -41.88 11.93 -29.69
C VAL A 1258 -41.27 11.40 -30.99
N GLU A 1259 -42.06 10.64 -31.74
CA GLU A 1259 -41.60 10.00 -32.97
C GLU A 1259 -42.42 10.54 -34.13
N ILE A 1260 -41.79 11.33 -34.99
CA ILE A 1260 -42.47 11.99 -36.09
C ILE A 1260 -42.17 11.27 -37.39
N SER A 1261 -43.01 11.49 -38.40
CA SER A 1261 -42.85 10.88 -39.71
C SER A 1261 -42.55 11.97 -40.73
N VAL A 1262 -41.48 11.77 -41.51
CA VAL A 1262 -41.08 12.75 -42.51
C VAL A 1262 -42.16 12.87 -43.58
N VAL A 1263 -42.60 14.10 -43.84
CA VAL A 1263 -43.64 14.32 -44.85
C VAL A 1263 -43.04 14.40 -46.24
N LYS A 1264 -42.16 15.37 -46.47
CA LYS A 1264 -41.50 15.51 -47.77
C LYS A 1264 -40.10 16.07 -47.54
N ALA A 1265 -39.09 15.22 -47.71
CA ALA A 1265 -37.70 15.60 -47.53
C ALA A 1265 -37.03 15.59 -48.90
N GLU A 1266 -37.08 16.72 -49.61
CA GLU A 1266 -36.45 16.84 -50.91
C GLU A 1266 -34.98 17.18 -50.76
N LEU A 1267 -34.20 16.76 -51.75
CA LEU A 1267 -32.74 16.92 -51.73
C LEU A 1267 -32.37 18.20 -52.47
N LEU A 1268 -31.91 19.20 -51.73
CA LEU A 1268 -31.44 20.44 -52.30
C LEU A 1268 -29.97 20.33 -52.67
N PRO A 1269 -29.48 21.18 -53.56
CA PRO A 1269 -28.07 21.09 -53.97
C PRO A 1269 -27.13 21.58 -52.88
N SER A 1270 -25.85 21.24 -53.06
CA SER A 1270 -24.74 21.70 -52.24
C SER A 1270 -24.75 21.12 -50.83
N GLY A 1271 -25.54 20.07 -50.59
CA GLY A 1271 -25.51 19.34 -49.34
C GLY A 1271 -26.76 19.48 -48.49
N VAL A 1272 -27.45 20.62 -48.59
CA VAL A 1272 -28.60 20.86 -47.72
C VAL A 1272 -29.76 19.94 -48.12
N THR A 1273 -30.47 19.43 -47.12
CA THR A 1273 -31.55 18.47 -47.30
C THR A 1273 -32.80 19.02 -46.60
N HIS A 1274 -33.73 19.56 -47.38
CA HIS A 1274 -34.91 20.23 -46.82
C HIS A 1274 -35.91 19.19 -46.34
N LEU A 1275 -35.78 18.79 -45.07
CA LEU A 1275 -36.72 17.85 -44.48
C LEU A 1275 -38.01 18.57 -44.07
N ARG A 1276 -39.12 17.84 -44.14
CA ARG A 1276 -40.41 18.31 -43.67
C ARG A 1276 -41.13 17.18 -42.95
N PHE A 1277 -41.75 17.50 -41.82
CA PHE A 1277 -42.50 16.51 -41.06
C PHE A 1277 -43.48 17.24 -40.16
N GLN A 1278 -44.52 16.51 -39.74
CA GLN A 1278 -45.67 17.15 -39.12
C GLN A 1278 -45.33 17.67 -37.72
N ARG A 1279 -46.25 18.47 -37.20
CA ARG A 1279 -46.08 19.16 -35.92
C ARG A 1279 -46.95 18.47 -34.89
N PRO A 1280 -46.38 17.78 -33.89
CA PRO A 1280 -47.20 17.13 -32.86
C PRO A 1280 -48.12 18.13 -32.17
N GLN A 1281 -49.24 17.62 -31.64
CA GLN A 1281 -50.26 18.48 -31.06
C GLN A 1281 -49.71 19.25 -29.87
N GLY A 1282 -48.99 18.58 -28.99
CA GLY A 1282 -48.40 19.24 -27.84
C GLY A 1282 -47.00 19.77 -28.13
N PHE A 1283 -46.86 20.58 -29.18
CA PHE A 1283 -45.58 21.12 -29.59
C PHE A 1283 -45.77 22.59 -29.97
N GLU A 1284 -45.18 23.49 -29.18
CA GLU A 1284 -45.22 24.91 -29.45
C GLU A 1284 -43.83 25.49 -29.23
N TYR A 1285 -43.35 26.27 -30.19
CA TYR A 1285 -41.98 26.78 -30.15
C TYR A 1285 -41.97 28.23 -30.60
N LYS A 1286 -40.92 28.95 -30.19
CA LYS A 1286 -40.68 30.31 -30.62
C LYS A 1286 -39.62 30.34 -31.71
N SER A 1287 -39.68 31.37 -32.55
CA SER A 1287 -38.80 31.50 -33.70
C SER A 1287 -37.33 31.56 -33.28
N GLY A 1288 -36.56 30.54 -33.65
CA GLY A 1288 -35.14 30.50 -33.37
C GLY A 1288 -34.70 29.33 -32.52
N GLN A 1289 -35.62 28.47 -32.07
CA GLN A 1289 -35.29 27.38 -31.17
C GLN A 1289 -34.97 26.12 -31.96
N TRP A 1290 -33.93 25.41 -31.52
CA TRP A 1290 -33.47 24.21 -32.20
C TRP A 1290 -34.07 22.96 -31.57
N VAL A 1291 -33.90 21.84 -32.25
CA VAL A 1291 -34.39 20.54 -31.81
C VAL A 1291 -33.28 19.52 -32.01
N ARG A 1292 -33.59 18.26 -31.66
CA ARG A 1292 -32.64 17.16 -31.81
C ARG A 1292 -33.38 15.98 -32.46
N ILE A 1293 -32.79 15.43 -33.52
CA ILE A 1293 -33.40 14.34 -34.26
C ILE A 1293 -32.45 13.14 -34.27
N ALA A 1294 -33.02 11.96 -34.46
CA ALA A 1294 -32.25 10.73 -34.56
C ALA A 1294 -32.99 9.76 -35.46
N CYS A 1295 -32.41 9.45 -36.61
CA CYS A 1295 -32.99 8.47 -37.53
C CYS A 1295 -32.47 7.09 -37.17
N LEU A 1296 -33.37 6.11 -37.12
CA LEU A 1296 -33.01 4.74 -36.78
C LEU A 1296 -32.92 3.82 -37.99
N ALA A 1297 -33.13 4.35 -39.20
CA ALA A 1297 -32.98 3.54 -40.39
C ALA A 1297 -31.55 3.05 -40.59
N LEU A 1298 -30.58 3.68 -39.92
CA LEU A 1298 -29.19 3.28 -40.02
C LEU A 1298 -28.44 3.86 -38.82
N GLY A 1299 -27.79 3.00 -38.05
CA GLY A 1299 -27.01 3.46 -36.91
C GLY A 1299 -27.66 3.19 -35.57
N THR A 1300 -27.48 4.13 -34.63
CA THR A 1300 -27.98 3.96 -33.27
C THR A 1300 -28.84 5.15 -32.86
N THR A 1301 -29.16 5.23 -31.57
CA THR A 1301 -29.94 6.34 -31.03
C THR A 1301 -29.06 7.56 -30.79
N GLU A 1302 -28.33 7.98 -31.82
CA GLU A 1302 -27.45 9.13 -31.74
C GLU A 1302 -28.25 10.39 -32.04
N TYR A 1303 -28.34 11.29 -31.05
CA TYR A 1303 -29.05 12.54 -31.21
C TYR A 1303 -28.12 13.61 -31.76
N HIS A 1304 -28.68 14.53 -32.55
CA HIS A 1304 -27.91 15.59 -33.17
C HIS A 1304 -28.78 16.85 -33.18
N PRO A 1305 -28.24 17.99 -32.78
CA PRO A 1305 -29.05 19.21 -32.75
C PRO A 1305 -29.19 19.84 -34.12
N PHE A 1306 -30.34 20.48 -34.34
CA PHE A 1306 -30.62 21.14 -35.61
C PHE A 1306 -31.56 22.31 -35.37
N THR A 1307 -31.28 23.43 -36.03
CA THR A 1307 -32.04 24.66 -35.84
C THR A 1307 -33.25 24.67 -36.76
N LEU A 1308 -34.44 24.83 -36.19
CA LEU A 1308 -35.66 24.90 -36.97
C LEU A 1308 -35.64 26.09 -37.92
N THR A 1309 -36.04 25.85 -39.16
CA THR A 1309 -36.07 26.89 -40.19
C THR A 1309 -37.49 27.08 -40.72
N SER A 1310 -38.48 27.04 -39.83
CA SER A 1310 -39.87 27.24 -40.19
C SER A 1310 -40.53 28.20 -39.21
N ALA A 1311 -41.44 29.02 -39.71
CA ALA A 1311 -42.17 29.93 -38.86
C ALA A 1311 -43.11 29.14 -37.92
N PRO A 1312 -43.44 29.70 -36.76
CA PRO A 1312 -44.33 28.99 -35.83
C PRO A 1312 -45.75 28.85 -36.33
N HIS A 1313 -46.18 29.68 -37.29
CA HIS A 1313 -47.58 29.71 -37.68
C HIS A 1313 -47.94 28.67 -38.75
N GLU A 1314 -46.97 28.19 -39.51
CA GLU A 1314 -47.26 27.20 -40.54
C GLU A 1314 -47.28 25.81 -39.92
N ASP A 1315 -48.04 24.91 -40.56
CA ASP A 1315 -48.37 23.61 -39.99
C ASP A 1315 -47.15 22.76 -39.72
N THR A 1316 -46.45 22.33 -40.77
CA THR A 1316 -45.33 21.41 -40.64
C THR A 1316 -44.01 22.17 -40.61
N LEU A 1317 -43.14 21.79 -39.69
CA LEU A 1317 -41.86 22.46 -39.48
C LEU A 1317 -40.75 21.76 -40.24
N SER A 1318 -39.74 22.53 -40.63
CA SER A 1318 -38.69 22.06 -41.52
C SER A 1318 -37.33 22.09 -40.84
N LEU A 1319 -36.34 21.53 -41.52
CA LEU A 1319 -34.95 21.50 -41.05
C LEU A 1319 -34.05 21.36 -42.28
N HIS A 1320 -33.27 22.39 -42.59
CA HIS A 1320 -32.31 22.33 -43.69
C HIS A 1320 -30.98 21.85 -43.13
N ILE A 1321 -30.59 20.63 -43.51
CA ILE A 1321 -29.48 19.92 -42.89
C ILE A 1321 -28.28 19.97 -43.83
N ARG A 1322 -27.21 20.63 -43.41
CA ARG A 1322 -26.01 20.73 -44.23
C ARG A 1322 -25.12 19.51 -44.00
N ALA A 1323 -24.59 18.97 -45.11
CA ALA A 1323 -23.75 17.78 -45.04
C ALA A 1323 -22.42 18.12 -44.36
N ALA A 1324 -22.16 17.50 -43.21
CA ALA A 1324 -20.98 17.86 -42.43
C ALA A 1324 -20.28 16.66 -41.81
N GLY A 1325 -20.51 15.45 -42.29
CA GLY A 1325 -19.79 14.30 -41.79
C GLY A 1325 -20.56 12.99 -41.86
N PRO A 1326 -20.11 12.00 -41.09
CA PRO A 1326 -20.64 10.63 -41.21
C PRO A 1326 -22.15 10.52 -41.02
N TRP A 1327 -22.66 10.99 -39.89
CA TRP A 1327 -24.08 10.83 -39.60
C TRP A 1327 -24.94 11.59 -40.61
N THR A 1328 -24.50 12.78 -41.00
CA THR A 1328 -25.30 13.58 -41.93
C THR A 1328 -25.22 13.03 -43.35
N THR A 1329 -24.06 12.52 -43.75
CA THR A 1329 -23.97 11.86 -45.06
C THR A 1329 -24.84 10.61 -45.09
N ARG A 1330 -24.86 9.85 -43.99
CA ARG A 1330 -25.77 8.72 -43.91
C ARG A 1330 -27.22 9.16 -44.02
N LEU A 1331 -27.58 10.23 -43.32
CA LEU A 1331 -28.96 10.73 -43.37
C LEU A 1331 -29.34 11.16 -44.78
N ARG A 1332 -28.41 11.79 -45.50
CA ARG A 1332 -28.69 12.18 -46.88
C ARG A 1332 -28.80 10.95 -47.77
N GLU A 1333 -27.98 9.92 -47.51
CA GLU A 1333 -28.05 8.70 -48.31
C GLU A 1333 -29.37 7.97 -48.10
N ILE A 1334 -29.92 8.00 -46.89
CA ILE A 1334 -31.14 7.28 -46.60
C ILE A 1334 -32.31 7.86 -47.38
N TYR A 1335 -32.55 9.16 -47.25
CA TYR A 1335 -33.69 9.81 -47.86
C TYR A 1335 -33.48 10.15 -49.34
N SER A 1336 -32.48 9.55 -49.99
CA SER A 1336 -32.21 9.88 -51.38
C SER A 1336 -33.36 9.44 -52.28
N PRO A 1337 -33.78 10.36 -53.16
CA PRO A 1337 -34.83 10.12 -54.16
C PRO A 1337 -36.09 9.55 -53.54
N PRO A 1338 -36.86 10.36 -52.78
CA PRO A 1338 -38.11 9.88 -52.18
C PRO A 1338 -39.18 9.55 -53.21
N ARG A 1345 -38.49 9.73 -47.95
CA ARG A 1345 -39.52 10.34 -47.13
C ARG A 1345 -40.29 9.28 -46.33
N TYR A 1346 -39.87 8.02 -46.49
CA TYR A 1346 -40.53 6.89 -45.85
C TYR A 1346 -40.21 6.75 -44.36
N PRO A 1347 -38.92 6.84 -43.92
CA PRO A 1347 -38.63 6.56 -42.51
C PRO A 1347 -39.14 7.61 -41.55
N LYS A 1348 -38.84 7.43 -40.27
CA LYS A 1348 -39.30 8.32 -39.21
C LYS A 1348 -38.11 8.86 -38.43
N LEU A 1349 -38.39 9.77 -37.50
CA LEU A 1349 -37.38 10.43 -36.68
C LEU A 1349 -37.84 10.42 -35.22
N TYR A 1350 -36.99 10.98 -34.35
CA TYR A 1350 -37.28 11.09 -32.92
C TYR A 1350 -37.05 12.54 -32.50
N LEU A 1351 -38.08 13.37 -32.63
CA LEU A 1351 -38.00 14.76 -32.22
C LEU A 1351 -37.83 14.88 -30.71
N ASP A 1352 -37.10 15.92 -30.28
CA ASP A 1352 -36.76 16.13 -28.88
C ASP A 1352 -37.17 17.53 -28.41
N GLY A 1353 -38.16 18.15 -29.04
CA GLY A 1353 -38.69 19.40 -28.58
C GLY A 1353 -37.73 20.56 -28.75
N PRO A 1354 -38.22 21.78 -28.54
CA PRO A 1354 -37.36 22.96 -28.68
C PRO A 1354 -36.31 23.01 -27.59
N PHE A 1355 -35.35 23.91 -27.77
CA PHE A 1355 -34.24 24.06 -26.83
C PHE A 1355 -33.71 25.48 -26.94
N GLY A 1356 -34.03 26.31 -25.97
CA GLY A 1356 -33.47 27.64 -25.92
C GLY A 1356 -34.43 28.63 -25.31
N GLU A 1357 -33.88 29.80 -24.96
CA GLU A 1357 -34.70 30.87 -24.41
C GLU A 1357 -35.70 31.43 -25.40
N GLY A 1358 -35.41 31.32 -26.70
CA GLY A 1358 -36.29 31.86 -27.73
C GLY A 1358 -36.58 33.33 -27.54
N HIS A 1359 -35.54 34.15 -27.54
CA HIS A 1359 -35.70 35.57 -27.28
C HIS A 1359 -36.45 36.25 -28.42
N GLN A 1360 -37.42 37.09 -28.07
CA GLN A 1360 -38.16 37.91 -29.01
C GLN A 1360 -37.91 39.38 -28.72
N GLU A 1361 -36.64 39.72 -28.44
CA GLU A 1361 -36.27 41.04 -27.95
C GLU A 1361 -36.38 42.14 -29.01
N TRP A 1362 -36.67 41.80 -30.26
CA TRP A 1362 -36.81 42.80 -31.31
C TRP A 1362 -38.23 43.35 -31.41
N HIS A 1363 -39.12 42.95 -30.52
CA HIS A 1363 -40.50 43.42 -30.51
C HIS A 1363 -40.75 44.57 -29.54
N LYS A 1364 -39.70 45.05 -28.85
CA LYS A 1364 -39.82 46.20 -27.97
C LYS A 1364 -39.10 47.43 -28.49
N PHE A 1365 -38.42 47.32 -29.63
CA PHE A 1365 -37.80 48.47 -30.28
C PHE A 1365 -38.67 48.93 -31.43
N GLU A 1366 -38.54 50.22 -31.77
CA GLU A 1366 -39.25 50.75 -32.93
C GLU A 1366 -38.59 50.31 -34.23
N VAL A 1367 -37.28 50.10 -34.22
CA VAL A 1367 -36.54 49.60 -35.37
C VAL A 1367 -35.53 48.59 -34.85
N SER A 1368 -35.24 47.55 -35.63
CA SER A 1368 -34.26 46.54 -35.27
C SER A 1368 -33.32 46.31 -36.44
N VAL A 1369 -32.08 45.97 -36.12
CA VAL A 1369 -31.03 45.74 -37.13
C VAL A 1369 -30.42 44.38 -36.83
N LEU A 1370 -30.92 43.34 -37.49
CA LEU A 1370 -30.36 42.00 -37.34
C LEU A 1370 -29.16 41.84 -38.27
N VAL A 1371 -28.04 41.42 -37.71
CA VAL A 1371 -26.79 41.26 -38.46
C VAL A 1371 -26.27 39.85 -38.20
N GLY A 1372 -26.59 38.93 -39.10
CA GLY A 1372 -26.17 37.54 -38.98
C GLY A 1372 -25.13 37.22 -40.03
N GLY A 1373 -24.13 36.43 -39.66
CA GLY A 1373 -23.04 36.17 -40.57
C GLY A 1373 -22.49 34.76 -40.55
N GLY A 1374 -22.29 34.17 -41.72
CA GLY A 1374 -21.66 32.87 -41.80
C GLY A 1374 -22.64 31.77 -41.46
N ILE A 1375 -22.17 30.81 -40.65
CA ILE A 1375 -23.02 29.68 -40.28
C ILE A 1375 -24.19 30.14 -39.42
N GLY A 1376 -24.01 31.21 -38.65
CA GLY A 1376 -25.03 31.69 -37.74
C GLY A 1376 -26.21 32.38 -38.38
N VAL A 1377 -26.38 32.28 -39.70
CA VAL A 1377 -27.54 32.85 -40.37
C VAL A 1377 -28.62 31.80 -40.61
N THR A 1378 -28.43 30.58 -40.10
CA THR A 1378 -29.47 29.56 -40.23
C THR A 1378 -30.71 29.91 -39.42
N PRO A 1379 -30.63 30.34 -38.15
CA PRO A 1379 -31.85 30.64 -37.39
C PRO A 1379 -32.53 31.95 -37.76
N PHE A 1380 -32.18 32.57 -38.88
CA PHE A 1380 -32.83 33.81 -39.28
C PHE A 1380 -33.95 33.61 -40.28
N ALA A 1381 -34.05 32.44 -40.92
CA ALA A 1381 -35.15 32.19 -41.84
C ALA A 1381 -36.49 32.20 -41.11
N SER A 1382 -36.60 31.41 -40.04
CA SER A 1382 -37.83 31.39 -39.26
C SER A 1382 -38.13 32.75 -38.65
N ILE A 1383 -37.09 33.45 -38.18
CA ILE A 1383 -37.28 34.76 -37.59
C ILE A 1383 -37.87 35.73 -38.61
N LEU A 1384 -37.32 35.75 -39.82
CA LEU A 1384 -37.84 36.65 -40.85
C LEU A 1384 -39.26 36.27 -41.25
N LYS A 1385 -39.53 34.98 -41.45
CA LYS A 1385 -40.88 34.59 -41.83
C LYS A 1385 -41.89 34.95 -40.74
N ASP A 1386 -41.52 34.76 -39.48
CA ASP A 1386 -42.41 35.11 -38.37
C ASP A 1386 -42.62 36.62 -38.29
N LEU A 1387 -41.57 37.41 -38.47
CA LEU A 1387 -41.73 38.86 -38.46
C LEU A 1387 -42.67 39.32 -39.56
N VAL A 1388 -42.52 38.78 -40.77
CA VAL A 1388 -43.37 39.21 -41.87
C VAL A 1388 -44.82 38.74 -41.65
N PHE A 1389 -45.00 37.56 -41.06
CA PHE A 1389 -46.35 37.11 -40.75
C PHE A 1389 -47.01 38.03 -39.73
N LYS A 1390 -46.32 38.31 -38.62
CA LYS A 1390 -46.88 39.20 -37.61
C LYS A 1390 -47.08 40.62 -38.15
N SER A 1391 -46.29 41.02 -39.14
CA SER A 1391 -46.48 42.32 -39.75
C SER A 1391 -47.73 42.36 -40.61
N SER A 1392 -47.89 41.38 -41.49
CA SER A 1392 -49.00 41.41 -42.44
C SER A 1392 -50.34 41.11 -41.77
N VAL A 1393 -50.35 40.14 -40.86
CA VAL A 1393 -51.62 39.65 -40.31
C VAL A 1393 -52.10 40.55 -39.17
N SER A 1394 -51.28 40.71 -38.14
CA SER A 1394 -51.68 41.40 -36.92
C SER A 1394 -51.94 42.90 -37.13
N CYS A 1395 -51.67 43.43 -38.33
CA CYS A 1395 -51.91 44.84 -38.63
C CYS A 1395 -51.18 45.77 -37.67
N CYS A 1399 -40.19 47.56 -34.14
CA CYS A 1399 -40.85 46.61 -35.02
C CYS A 1399 -40.88 47.11 -36.46
N LYS A 1400 -40.97 48.42 -36.63
CA LYS A 1400 -41.08 49.02 -37.95
C LYS A 1400 -39.71 49.09 -38.63
N LYS A 1401 -39.65 48.62 -39.87
CA LYS A 1401 -38.45 48.67 -40.70
C LYS A 1401 -37.28 47.96 -40.03
N ILE A 1402 -37.46 46.65 -39.81
CA ILE A 1402 -36.38 45.80 -39.31
C ILE A 1402 -35.44 45.48 -40.45
N TYR A 1403 -34.14 45.69 -40.23
CA TYR A 1403 -33.14 45.41 -41.24
C TYR A 1403 -32.54 44.03 -41.02
N PHE A 1404 -32.06 43.43 -42.11
CA PHE A 1404 -31.40 42.13 -42.07
C PHE A 1404 -30.14 42.25 -42.93
N ILE A 1405 -29.06 42.72 -42.33
CA ILE A 1405 -27.76 42.82 -42.98
C ILE A 1405 -27.04 41.51 -42.69
N TRP A 1406 -27.01 40.59 -43.66
CA TRP A 1406 -26.34 39.32 -43.48
C TRP A 1406 -25.11 39.29 -44.37
N VAL A 1407 -23.95 39.17 -43.74
CA VAL A 1407 -22.67 39.11 -44.42
C VAL A 1407 -22.25 37.66 -44.52
N THR A 1408 -21.49 37.34 -45.56
CA THR A 1408 -21.10 35.95 -45.79
C THR A 1408 -19.71 35.94 -46.41
N ARG A 1409 -19.29 34.75 -46.85
CA ARG A 1409 -18.04 34.56 -47.55
C ARG A 1409 -18.24 34.11 -48.99
N THR A 1410 -18.99 33.03 -49.19
CA THR A 1410 -19.18 32.44 -50.50
C THR A 1410 -20.63 32.32 -50.94
N GLN A 1411 -21.57 32.23 -49.99
CA GLN A 1411 -22.96 31.91 -50.28
C GLN A 1411 -23.05 30.58 -51.04
N ARG A 1412 -22.43 29.55 -50.45
CA ARG A 1412 -22.35 28.26 -51.10
C ARG A 1412 -23.48 27.33 -50.67
N GLN A 1413 -23.58 27.02 -49.38
CA GLN A 1413 -24.61 26.13 -48.90
C GLN A 1413 -25.90 26.84 -48.53
N PHE A 1414 -25.84 28.14 -48.26
CA PHE A 1414 -27.03 28.90 -47.89
C PHE A 1414 -27.70 29.51 -49.11
N GLU A 1415 -27.96 28.68 -50.12
CA GLU A 1415 -28.71 29.10 -51.29
C GLU A 1415 -30.20 29.00 -51.10
N TRP A 1416 -30.66 28.11 -50.20
CA TRP A 1416 -32.07 28.07 -49.84
C TRP A 1416 -32.51 29.36 -49.16
N LEU A 1417 -31.60 29.99 -48.43
CA LEU A 1417 -31.91 31.28 -47.83
C LEU A 1417 -32.11 32.36 -48.89
N ALA A 1418 -31.45 32.22 -50.03
CA ALA A 1418 -31.64 33.17 -51.12
C ALA A 1418 -33.03 33.08 -51.73
N ASP A 1419 -33.72 31.96 -51.55
CA ASP A 1419 -35.11 31.82 -51.97
C ASP A 1419 -36.08 32.12 -50.84
N ILE A 1420 -35.68 31.84 -49.61
CA ILE A 1420 -36.49 32.24 -48.47
C ILE A 1420 -36.61 33.76 -48.41
N ILE A 1421 -35.53 34.47 -48.74
CA ILE A 1421 -35.60 35.93 -48.77
C ILE A 1421 -36.56 36.40 -49.86
N ARG A 1422 -36.62 35.69 -50.99
CA ARG A 1422 -37.56 36.05 -52.04
C ARG A 1422 -38.99 35.83 -51.58
N GLU A 1423 -39.27 34.66 -51.01
CA GLU A 1423 -40.61 34.37 -50.51
C GLU A 1423 -41.01 35.27 -49.35
N VAL A 1424 -40.03 35.85 -48.65
CA VAL A 1424 -40.31 36.80 -47.59
C VAL A 1424 -40.63 38.17 -48.16
N GLU A 1425 -39.79 38.66 -49.08
CA GLU A 1425 -40.04 39.94 -49.71
C GLU A 1425 -41.35 39.96 -50.48
N GLU A 1426 -41.75 38.82 -51.04
CA GLU A 1426 -43.01 38.77 -51.78
C GLU A 1426 -44.20 38.92 -50.84
N ASN A 1427 -44.12 38.36 -49.63
CA ASN A 1427 -45.22 38.36 -48.70
C ASN A 1427 -45.24 39.58 -47.78
N ASP A 1428 -44.27 40.48 -47.92
CA ASP A 1428 -44.19 41.69 -47.09
C ASP A 1428 -44.78 42.85 -47.89
N ARG A 1429 -46.05 43.16 -47.63
CA ARG A 1429 -46.72 44.25 -48.31
C ARG A 1429 -46.59 45.58 -47.60
N GLN A 1430 -46.27 45.58 -46.30
CA GLN A 1430 -46.12 46.80 -45.53
C GLN A 1430 -44.70 47.34 -45.54
N ASP A 1431 -43.77 46.64 -46.19
CA ASP A 1431 -42.37 47.05 -46.27
C ASP A 1431 -41.77 47.21 -44.87
N LEU A 1432 -41.96 46.18 -44.04
CA LEU A 1432 -41.43 46.18 -42.69
C LEU A 1432 -40.04 45.55 -42.60
N VAL A 1433 -39.59 44.87 -43.66
CA VAL A 1433 -38.29 44.22 -43.69
C VAL A 1433 -37.48 44.79 -44.84
N SER A 1434 -36.27 45.24 -44.54
CA SER A 1434 -35.29 45.62 -45.54
C SER A 1434 -34.06 44.73 -45.38
N VAL A 1435 -33.49 44.30 -46.50
CA VAL A 1435 -32.43 43.30 -46.49
C VAL A 1435 -31.23 43.82 -47.28
N HIS A 1436 -30.03 43.49 -46.79
CA HIS A 1436 -28.78 43.86 -47.45
C HIS A 1436 -27.80 42.70 -47.34
N ILE A 1437 -26.95 42.56 -48.35
CA ILE A 1437 -26.03 41.43 -48.44
C ILE A 1437 -24.64 41.95 -48.73
N TYR A 1438 -23.64 41.25 -48.18
CA TYR A 1438 -22.23 41.55 -48.44
C TYR A 1438 -21.48 40.24 -48.62
N ILE A 1439 -20.70 40.14 -49.69
CA ILE A 1439 -20.10 38.86 -50.08
C ILE A 1439 -18.69 38.70 -49.51
N THR A 1440 -17.87 39.75 -49.56
CA THR A 1440 -16.56 39.78 -48.89
C THR A 1440 -15.66 38.64 -49.37
N GLN A 1441 -15.28 38.72 -50.65
CA GLN A 1441 -14.28 37.82 -51.20
C GLN A 1441 -13.42 38.60 -52.19
N LEU A 1442 -12.26 38.03 -52.52
CA LEU A 1442 -11.24 38.72 -53.31
C LEU A 1442 -10.80 37.85 -54.48
N ALA A 1443 -11.53 37.94 -55.59
CA ALA A 1443 -11.10 37.45 -56.90
C ALA A 1443 -10.84 35.96 -56.94
N GLU A 1444 -11.10 35.24 -55.85
CA GLU A 1444 -10.97 33.79 -55.80
C GLU A 1444 -12.32 33.10 -55.91
N LYS A 1445 -13.26 33.73 -56.60
CA LYS A 1445 -14.65 33.30 -56.62
C LYS A 1445 -15.01 32.65 -57.94
N PHE A 1446 -16.14 31.94 -57.92
CA PHE A 1446 -16.70 31.31 -59.12
C PHE A 1446 -17.24 32.34 -60.12
N ASP A 1447 -17.26 33.62 -59.75
CA ASP A 1447 -18.04 34.72 -60.32
C ASP A 1447 -19.46 34.65 -59.77
N LEU A 1448 -19.72 33.62 -58.98
CA LEU A 1448 -20.96 33.37 -58.28
C LEU A 1448 -22.27 33.51 -59.03
N ARG A 1449 -22.56 34.76 -59.39
CA ARG A 1449 -23.46 35.29 -60.45
C ARG A 1449 -22.92 35.07 -61.86
N VAL A 1463 -33.70 43.82 -64.40
CA VAL A 1463 -34.68 43.80 -65.49
C VAL A 1463 -35.93 44.56 -65.07
N LEU A 1464 -36.80 43.90 -64.31
CA LEU A 1464 -37.99 44.56 -63.75
C LEU A 1464 -37.68 44.99 -62.32
N ASN A 1465 -36.77 45.95 -62.22
CA ASN A 1465 -36.26 46.46 -60.94
C ASN A 1465 -35.72 45.33 -60.08
N ARG A 1466 -35.20 44.28 -60.72
CA ARG A 1466 -34.73 43.09 -60.03
C ARG A 1466 -33.46 42.61 -60.73
N SER A 1467 -33.03 41.39 -60.38
CA SER A 1467 -31.88 40.75 -61.00
C SER A 1467 -32.35 39.53 -61.77
N LEU A 1468 -31.89 39.42 -63.03
CA LEU A 1468 -32.34 38.31 -63.88
C LEU A 1468 -31.90 36.96 -63.33
N PHE A 1469 -30.80 36.92 -62.57
CA PHE A 1469 -30.28 35.65 -62.08
C PHE A 1469 -31.15 35.08 -60.97
N THR A 1470 -31.30 35.82 -59.86
CA THR A 1470 -32.01 35.31 -58.71
C THR A 1470 -33.42 35.87 -58.55
N GLY A 1471 -33.67 37.08 -59.03
CA GLY A 1471 -34.99 37.66 -58.94
C GLY A 1471 -35.31 38.19 -57.56
N LEU A 1472 -34.49 39.12 -57.06
CA LEU A 1472 -34.74 39.77 -55.79
C LEU A 1472 -34.22 41.20 -55.86
N ARG A 1473 -34.97 42.13 -55.27
CA ARG A 1473 -34.67 43.56 -55.34
C ARG A 1473 -33.95 43.97 -54.06
N SER A 1474 -32.67 43.60 -53.97
CA SER A 1474 -31.84 43.96 -52.83
C SER A 1474 -30.38 43.89 -53.28
N ILE A 1475 -29.77 45.06 -53.48
CA ILE A 1475 -28.41 45.11 -53.99
C ILE A 1475 -27.47 44.36 -53.05
N THR A 1476 -26.72 43.42 -53.60
CA THR A 1476 -25.77 42.60 -52.84
C THR A 1476 -24.36 43.11 -53.14
N HIS A 1477 -23.89 44.02 -52.29
CA HIS A 1477 -22.58 44.63 -52.49
C HIS A 1477 -21.48 43.60 -52.30
N PHE A 1478 -20.46 43.67 -53.15
CA PHE A 1478 -19.36 42.71 -53.15
C PHE A 1478 -18.14 43.22 -52.40
N GLY A 1479 -18.33 44.12 -51.44
CA GLY A 1479 -17.22 44.68 -50.70
C GLY A 1479 -17.04 44.08 -49.32
N ARG A 1480 -17.42 44.85 -48.30
CA ARG A 1480 -17.28 44.45 -46.90
C ARG A 1480 -18.14 45.39 -46.07
N PRO A 1481 -18.92 44.87 -45.12
CA PRO A 1481 -19.98 45.67 -44.48
C PRO A 1481 -19.42 46.92 -43.81
N PRO A 1482 -19.82 48.10 -44.27
CA PRO A 1482 -19.47 49.33 -43.55
C PRO A 1482 -20.44 49.56 -42.41
N PHE A 1483 -19.95 49.46 -41.19
CA PHE A 1483 -20.82 49.54 -40.03
C PHE A 1483 -20.90 50.95 -39.46
N GLU A 1484 -19.75 51.53 -39.12
CA GLU A 1484 -19.76 52.87 -38.52
C GLU A 1484 -20.46 53.90 -39.39
N PRO A 1485 -20.15 54.04 -40.68
CA PRO A 1485 -20.94 55.00 -41.50
C PRO A 1485 -22.41 54.62 -41.62
N PHE A 1486 -22.72 53.34 -41.62
CA PHE A 1486 -24.12 52.91 -41.71
C PHE A 1486 -24.93 53.45 -40.53
N PHE A 1487 -24.50 53.14 -39.31
CA PHE A 1487 -25.23 53.62 -38.14
C PHE A 1487 -25.09 55.14 -37.98
N ASN A 1488 -24.01 55.73 -38.51
CA ASN A 1488 -23.85 57.17 -38.45
C ASN A 1488 -24.91 57.88 -39.28
N SER A 1489 -25.10 57.43 -40.53
CA SER A 1489 -26.12 58.01 -41.40
C SER A 1489 -27.51 57.51 -41.11
N LEU A 1490 -27.65 56.43 -40.33
CA LEU A 1490 -28.97 55.95 -39.95
C LEU A 1490 -29.70 56.97 -39.10
N GLN A 1491 -28.96 57.71 -38.27
CA GLN A 1491 -29.56 58.72 -37.41
C GLN A 1491 -30.14 59.90 -38.20
N GLU A 1492 -29.89 59.98 -39.51
CA GLU A 1492 -30.39 61.08 -40.32
C GLU A 1492 -31.68 60.72 -41.06
N VAL A 1493 -31.79 59.47 -41.53
CA VAL A 1493 -32.96 59.10 -42.33
C VAL A 1493 -34.23 58.99 -41.49
N HIS A 1494 -34.11 58.77 -40.18
CA HIS A 1494 -35.27 58.81 -39.31
C HIS A 1494 -34.85 59.06 -37.86
N PRO A 1495 -35.46 60.03 -37.18
CA PRO A 1495 -35.10 60.34 -35.78
C PRO A 1495 -35.77 59.40 -34.78
N GLN A 1496 -35.18 58.23 -34.60
CA GLN A 1496 -35.70 57.24 -33.67
C GLN A 1496 -34.63 56.81 -32.67
N LYS A 1499 -33.08 55.01 -29.96
CA LYS A 1499 -32.21 53.85 -29.80
C LYS A 1499 -32.88 52.62 -30.41
N ILE A 1500 -32.12 51.87 -31.22
CA ILE A 1500 -32.66 50.72 -31.94
C ILE A 1500 -31.70 49.54 -31.75
N GLY A 1501 -32.28 48.35 -31.64
CA GLY A 1501 -31.49 47.17 -31.37
C GLY A 1501 -30.55 46.83 -32.51
N VAL A 1502 -29.43 46.19 -32.16
CA VAL A 1502 -28.39 45.84 -33.12
C VAL A 1502 -28.08 44.35 -32.99
N PHE A 1503 -29.08 43.55 -32.64
CA PHE A 1503 -28.91 42.11 -32.44
C PHE A 1503 -28.05 41.50 -33.53
N SER A 1504 -27.09 40.68 -33.13
CA SER A 1504 -26.10 40.16 -34.06
C SER A 1504 -25.67 38.76 -33.66
N CYS A 1505 -25.57 37.87 -34.65
CA CYS A 1505 -25.09 36.51 -34.46
C CYS A 1505 -24.07 36.18 -35.54
N GLY A 1506 -23.03 35.44 -35.15
CA GLY A 1506 -22.00 35.06 -36.10
C GLY A 1506 -20.65 34.88 -35.45
N PRO A 1507 -19.59 34.89 -36.27
CA PRO A 1507 -18.25 34.70 -35.74
C PRO A 1507 -17.84 35.87 -34.87
N PRO A 1508 -16.93 35.66 -33.92
CA PRO A 1508 -16.53 36.77 -33.04
C PRO A 1508 -15.88 37.93 -33.77
N GLY A 1509 -15.18 37.67 -34.88
CA GLY A 1509 -14.56 38.74 -35.64
C GLY A 1509 -15.52 39.78 -36.13
N MET A 1510 -16.78 39.40 -36.37
CA MET A 1510 -17.84 40.35 -36.71
C MET A 1510 -18.69 40.74 -35.52
N THR A 1511 -18.91 39.81 -34.59
CA THR A 1511 -19.75 40.10 -33.44
C THR A 1511 -19.12 41.15 -32.54
N LYS A 1512 -17.79 41.23 -32.52
CA LYS A 1512 -17.10 42.29 -31.79
C LYS A 1512 -16.93 43.55 -32.62
N ASN A 1513 -16.80 43.41 -33.94
CA ASN A 1513 -16.67 44.60 -34.79
C ASN A 1513 -17.96 45.41 -34.79
N VAL A 1514 -19.11 44.73 -34.78
CA VAL A 1514 -20.38 45.46 -34.75
C VAL A 1514 -20.55 46.17 -33.41
N GLU A 1515 -20.09 45.55 -32.32
CA GLU A 1515 -20.17 46.20 -31.02
C GLU A 1515 -19.24 47.40 -30.95
N LYS A 1516 -18.05 47.29 -31.55
CA LYS A 1516 -17.14 48.43 -31.58
C LYS A 1516 -17.73 49.57 -32.40
N ALA A 1517 -18.35 49.25 -33.55
CA ALA A 1517 -18.98 50.29 -34.36
C ALA A 1517 -20.17 50.91 -33.63
N CYS A 1518 -20.87 50.14 -32.82
CA CYS A 1518 -21.97 50.69 -32.03
C CYS A 1518 -21.44 51.62 -30.95
N GLN A 1519 -20.35 51.24 -30.27
CA GLN A 1519 -19.79 52.08 -29.23
C GLN A 1519 -19.18 53.35 -29.81
N LEU A 1520 -18.66 53.29 -31.04
CA LEU A 1520 -18.03 54.46 -31.64
C LEU A 1520 -19.02 55.59 -31.91
N ILE A 1521 -20.31 55.34 -31.76
CA ILE A 1521 -21.32 56.38 -31.98
C ILE A 1521 -22.18 56.65 -30.75
N ASN A 1522 -22.17 55.78 -29.74
CA ASN A 1522 -23.01 55.95 -28.57
C ASN A 1522 -22.75 57.27 -27.83
N ARG A 1523 -21.63 57.93 -28.10
CA ARG A 1523 -21.39 59.25 -27.53
C ARG A 1523 -22.13 60.30 -28.35
N GLN A 1524 -23.41 60.05 -28.60
CA GLN A 1524 -24.27 60.90 -29.43
C GLN A 1524 -25.71 60.45 -29.24
N ASP A 1525 -26.61 60.94 -30.10
CA ASP A 1525 -28.00 60.47 -30.12
C ASP A 1525 -28.08 58.95 -30.19
N PHE A 1529 -29.39 51.83 -29.60
CA PHE A 1529 -28.18 51.10 -29.98
C PHE A 1529 -27.78 50.10 -28.90
N SER A 1530 -28.67 49.14 -28.63
CA SER A 1530 -28.42 48.17 -27.56
C SER A 1530 -27.20 47.30 -27.88
N HIS A 1531 -27.03 46.92 -29.14
CA HIS A 1531 -25.95 46.03 -29.56
C HIS A 1531 -26.04 44.69 -28.83
N HIS A 1532 -27.23 44.34 -28.34
CA HIS A 1532 -27.44 43.12 -27.56
C HIS A 1532 -27.07 41.89 -28.37
N TYR A 1533 -26.05 41.17 -27.93
CA TYR A 1533 -25.64 39.94 -28.60
C TYR A 1533 -26.77 38.93 -28.62
N GLU A 1534 -26.66 37.95 -29.51
CA GLU A 1534 -27.60 36.84 -29.55
C GLU A 1534 -26.85 35.58 -29.94
N ASN A 1535 -27.43 34.44 -29.58
CA ASN A 1535 -26.83 33.15 -29.90
C ASN A 1535 -27.95 32.12 -29.93
N PHE A 1536 -28.29 31.65 -31.13
CA PHE A 1536 -29.40 30.73 -31.29
C PHE A 1536 -28.91 29.31 -31.48
N ARG B 50 -53.84 5.75 1.47
CA ARG B 50 -52.44 6.16 1.54
C ARG B 50 -51.59 5.11 2.25
N LEU B 51 -52.25 4.02 2.66
CA LEU B 51 -51.58 3.01 3.48
C LEU B 51 -50.46 2.30 2.73
N PHE B 52 -50.48 2.32 1.40
CA PHE B 52 -49.41 1.68 0.63
C PHE B 52 -48.19 2.59 0.51
N TRP B 53 -48.43 3.90 0.35
CA TRP B 53 -47.32 4.84 0.18
C TRP B 53 -46.48 4.92 1.45
N LEU B 54 -47.12 4.89 2.62
CA LEU B 54 -46.37 4.90 3.87
C LEU B 54 -45.42 3.71 3.94
N LEU B 55 -45.90 2.51 3.57
CA LEU B 55 -45.03 1.35 3.60
C LEU B 55 -43.92 1.46 2.55
N ARG B 56 -44.25 1.98 1.37
CA ARG B 56 -43.24 2.12 0.32
C ARG B 56 -42.17 3.14 0.68
N VAL B 57 -42.49 4.08 1.58
CA VAL B 57 -41.47 5.01 2.06
C VAL B 57 -40.68 4.40 3.22
N VAL B 58 -41.38 3.73 4.14
CA VAL B 58 -40.73 3.20 5.34
C VAL B 58 -39.75 2.08 4.97
N THR B 59 -40.06 1.32 3.92
CA THR B 59 -39.14 0.26 3.52
C THR B 59 -37.80 0.84 3.07
N SER B 60 -37.84 1.85 2.20
CA SER B 60 -36.59 2.48 1.76
C SER B 60 -35.89 3.16 2.92
N LEU B 61 -36.66 3.78 3.83
CA LEU B 61 -36.04 4.41 4.99
C LEU B 61 -35.30 3.38 5.85
N PHE B 62 -35.91 2.21 6.05
CA PHE B 62 -35.25 1.15 6.81
C PHE B 62 -33.99 0.68 6.10
N ILE B 63 -34.04 0.54 4.78
CA ILE B 63 -32.84 0.09 4.05
C ILE B 63 -31.70 1.10 4.22
N GLY B 64 -31.99 2.39 4.04
CA GLY B 64 -30.94 3.39 4.20
C GLY B 64 -30.40 3.44 5.61
N ALA B 65 -31.30 3.43 6.60
CA ALA B 65 -30.89 3.49 8.00
C ALA B 65 -30.07 2.27 8.38
N VAL B 66 -30.42 1.09 7.86
CA VAL B 66 -29.69 -0.12 8.24
C VAL B 66 -28.32 -0.13 7.57
N ILE B 67 -28.20 0.36 6.33
CA ILE B 67 -26.87 0.49 5.75
C ILE B 67 -26.01 1.42 6.59
N LEU B 68 -26.54 2.60 6.94
CA LEU B 68 -25.76 3.55 7.70
C LEU B 68 -25.37 3.01 9.08
N ALA B 69 -26.31 2.31 9.74
CA ALA B 69 -26.04 1.82 11.09
C ALA B 69 -25.05 0.66 11.06
N VAL B 70 -25.20 -0.27 10.10
CA VAL B 70 -24.31 -1.41 10.05
C VAL B 70 -22.90 -1.01 9.66
N ASN B 71 -22.75 0.01 8.81
CA ASN B 71 -21.41 0.40 8.42
C ASN B 71 -20.60 0.96 9.58
N PHE B 72 -21.24 1.35 10.68
CA PHE B 72 -20.54 1.91 11.84
C PHE B 72 -20.68 1.09 13.11
N SER B 73 -21.46 0.02 13.10
CA SER B 73 -21.69 -0.77 14.30
C SER B 73 -20.61 -1.83 14.45
N SER B 74 -20.07 -1.94 15.66
CA SER B 74 -19.01 -2.89 15.95
C SER B 74 -19.59 -4.15 16.59
N GLU B 75 -20.31 -4.92 15.78
CA GLU B 75 -20.84 -6.19 16.24
C GLU B 75 -20.78 -7.27 15.16
N TRP B 76 -19.91 -7.13 14.16
CA TRP B 76 -19.83 -8.12 13.10
C TRP B 76 -19.45 -9.49 13.64
N SER B 77 -18.34 -9.56 14.37
CA SER B 77 -17.93 -10.78 15.07
C SER B 77 -17.96 -10.50 16.57
N VAL B 78 -18.67 -11.35 17.32
CA VAL B 78 -18.89 -11.13 18.74
C VAL B 78 -18.58 -12.42 19.48
N GLY B 79 -17.70 -12.32 20.48
CA GLY B 79 -17.41 -13.44 21.36
C GLY B 79 -17.64 -13.05 22.80
N HIS B 80 -17.78 -14.03 23.69
CA HIS B 80 -18.08 -13.73 25.09
C HIS B 80 -17.81 -14.96 25.93
N VAL B 81 -17.30 -14.73 27.15
CA VAL B 81 -17.03 -15.82 28.09
C VAL B 81 -16.84 -15.20 29.47
N ASN B 82 -17.10 -16.00 30.49
CA ASN B 82 -16.96 -15.59 31.89
C ASN B 82 -15.95 -16.51 32.55
N ALA B 83 -14.74 -16.01 32.78
CA ALA B 83 -13.64 -16.81 33.28
C ALA B 83 -12.99 -16.16 34.49
N ASN B 84 -12.10 -16.91 35.13
CA ASN B 84 -11.29 -16.43 36.25
C ASN B 84 -9.93 -16.05 35.70
N THR B 85 -9.60 -14.76 35.72
CA THR B 85 -8.34 -14.26 35.19
C THR B 85 -7.64 -13.40 36.22
N THR B 86 -6.35 -13.17 36.00
CA THR B 86 -5.58 -12.26 36.83
C THR B 86 -6.00 -10.82 36.57
N TYR B 87 -5.96 -9.99 37.61
CA TYR B 87 -6.46 -8.63 37.47
C TYR B 87 -5.40 -7.74 36.84
N LYS B 88 -4.26 -7.55 37.49
CA LYS B 88 -3.22 -6.67 36.99
C LYS B 88 -1.93 -6.96 37.74
N ALA B 89 -0.89 -6.18 37.42
CA ALA B 89 0.44 -6.42 37.96
C ALA B 89 0.50 -6.02 39.43
N PHE B 90 1.55 -6.51 40.09
CA PHE B 90 1.85 -6.21 41.49
C PHE B 90 0.74 -6.70 42.42
N SER B 91 0.03 -7.74 42.02
CA SER B 91 -1.03 -8.31 42.86
C SER B 91 -1.28 -9.76 42.46
N PRO B 92 -1.09 -10.71 43.38
CA PRO B 92 -1.39 -12.11 43.10
C PRO B 92 -2.86 -12.47 43.16
N LYS B 93 -3.76 -11.50 43.20
CA LYS B 93 -5.18 -11.75 43.43
C LYS B 93 -5.89 -12.05 42.11
N TRP B 94 -6.63 -13.15 42.08
CA TRP B 94 -7.41 -13.54 40.92
C TRP B 94 -8.84 -13.03 41.07
N VAL B 95 -9.37 -12.45 40.00
CA VAL B 95 -10.73 -11.92 40.00
C VAL B 95 -11.57 -12.74 39.04
N SER B 96 -12.89 -12.65 39.23
CA SER B 96 -13.87 -13.33 38.39
C SER B 96 -14.57 -12.26 37.54
N VAL B 97 -14.34 -12.31 36.23
CA VAL B 97 -14.83 -11.31 35.31
C VAL B 97 -15.55 -12.00 34.16
N ASP B 98 -16.05 -11.20 33.22
CA ASP B 98 -16.68 -11.68 32.00
C ASP B 98 -16.10 -10.88 30.83
N VAL B 99 -15.30 -11.53 30.00
CA VAL B 99 -14.51 -10.86 28.97
C VAL B 99 -15.14 -11.13 27.62
N GLY B 100 -15.31 -10.08 26.82
CA GLY B 100 -15.87 -10.22 25.49
C GLY B 100 -15.41 -9.14 24.53
N LEU B 101 -15.11 -9.50 23.29
CA LEU B 101 -14.64 -8.56 22.28
C LEU B 101 -15.63 -8.49 21.12
N GLN B 102 -15.55 -7.39 20.38
CA GLN B 102 -16.49 -7.09 19.31
C GLN B 102 -15.75 -6.44 18.16
N ILE B 103 -15.68 -7.11 17.03
CA ILE B 103 -14.91 -6.66 15.87
C ILE B 103 -15.85 -5.98 14.88
N GLY B 104 -15.54 -4.73 14.52
CA GLY B 104 -16.48 -3.91 13.78
C GLY B 104 -15.97 -3.20 12.55
N LEU B 105 -15.09 -3.84 11.77
CA LEU B 105 -14.60 -3.32 10.50
C LEU B 105 -13.62 -2.17 10.67
N GLY B 106 -13.45 -1.70 11.90
CA GLY B 106 -12.55 -0.59 12.13
C GLY B 106 -11.83 -0.66 13.45
N GLY B 107 -11.90 -1.79 14.12
CA GLY B 107 -11.30 -1.94 15.43
C GLY B 107 -12.11 -2.88 16.28
N VAL B 108 -11.64 -3.06 17.51
CA VAL B 108 -12.24 -3.99 18.47
C VAL B 108 -12.68 -3.23 19.72
N ASN B 109 -13.41 -3.95 20.58
CA ASN B 109 -13.88 -3.43 21.86
C ASN B 109 -13.75 -4.55 22.89
N ILE B 110 -12.65 -4.58 23.62
CA ILE B 110 -12.51 -5.53 24.72
C ILE B 110 -13.24 -4.98 25.93
N THR B 111 -14.12 -5.78 26.51
CA THR B 111 -14.95 -5.36 27.64
C THR B 111 -14.73 -6.37 28.78
N LEU B 112 -13.93 -5.98 29.77
CA LEU B 112 -13.66 -6.82 30.92
C LEU B 112 -14.39 -6.25 32.13
N THR B 113 -15.48 -6.89 32.52
CA THR B 113 -16.25 -6.51 33.70
C THR B 113 -16.43 -7.71 34.60
N GLY B 114 -16.42 -7.47 35.92
CA GLY B 114 -16.46 -8.56 36.87
C GLY B 114 -17.86 -9.10 37.08
N THR B 115 -17.92 -10.32 37.63
CA THR B 115 -19.22 -10.90 37.96
C THR B 115 -19.92 -10.08 39.05
N PRO B 116 -19.29 -9.71 40.17
CA PRO B 116 -19.68 -8.49 40.84
C PRO B 116 -18.86 -7.32 40.32
N VAL B 117 -19.38 -6.12 40.53
CA VAL B 117 -18.70 -4.91 40.10
C VAL B 117 -17.93 -4.26 41.25
N GLN B 118 -17.69 -5.01 42.33
CA GLN B 118 -16.84 -4.57 43.44
C GLN B 118 -16.10 -5.81 43.93
N GLN B 119 -14.89 -6.03 43.40
CA GLN B 119 -14.15 -7.25 43.65
C GLN B 119 -13.08 -7.09 44.72
N LEU B 120 -12.12 -6.18 44.51
CA LEU B 120 -10.99 -6.01 45.42
C LEU B 120 -10.87 -4.52 45.75
N ASN B 121 -11.73 -4.04 46.66
CA ASN B 121 -11.83 -2.62 46.97
C ASN B 121 -11.78 -1.81 45.68
N GLU B 122 -12.50 -2.25 44.66
CA GLU B 122 -12.35 -1.74 43.30
C GLU B 122 -13.71 -1.72 42.63
N THR B 123 -13.70 -1.48 41.32
CA THR B 123 -14.90 -1.56 40.50
C THR B 123 -14.44 -1.81 39.07
N ILE B 124 -14.94 -2.88 38.46
CA ILE B 124 -14.37 -3.40 37.22
C ILE B 124 -15.42 -3.31 36.13
N ASN B 125 -15.35 -2.26 35.31
CA ASN B 125 -16.15 -2.19 34.10
C ASN B 125 -15.35 -1.43 33.05
N TYR B 126 -14.61 -2.17 32.23
CA TYR B 126 -13.75 -1.60 31.22
C TYR B 126 -14.37 -1.79 29.84
N ASN B 127 -14.14 -0.80 28.96
CA ASN B 127 -14.54 -0.92 27.56
C ASN B 127 -13.53 -0.09 26.75
N GLU B 128 -12.51 -0.76 26.22
CA GLU B 128 -11.44 -0.10 25.49
C GLU B 128 -11.49 -0.47 24.02
N ALA B 129 -11.10 0.47 23.17
CA ALA B 129 -11.13 0.30 21.73
C ALA B 129 -9.73 0.44 21.16
N PHE B 130 -9.40 -0.42 20.19
CA PHE B 130 -8.14 -0.38 19.48
C PHE B 130 -8.44 -0.43 17.99
N ALA B 131 -8.22 0.68 17.30
CA ALA B 131 -8.64 0.82 15.91
C ALA B 131 -7.46 0.62 14.97
N TRP B 132 -7.70 -0.12 13.89
CA TRP B 132 -6.68 -0.42 12.90
C TRP B 132 -7.00 0.18 11.53
N ARG B 133 -8.04 1.00 11.43
CA ARG B 133 -8.45 1.53 10.14
C ARG B 133 -7.38 2.46 9.57
N LEU B 134 -7.57 2.84 8.31
CA LEU B 134 -6.56 3.60 7.57
C LEU B 134 -6.25 4.95 8.20
N GLY B 135 -7.06 5.42 9.14
CA GLY B 135 -6.79 6.67 9.81
C GLY B 135 -5.81 6.53 10.97
N ARG B 136 -6.13 5.68 11.93
CA ARG B 136 -5.35 5.53 13.14
C ARG B 136 -4.39 4.35 13.02
N SER B 137 -3.66 4.09 14.10
CA SER B 137 -2.68 3.00 14.15
C SER B 137 -2.94 2.12 15.35
N TYR B 138 -2.75 0.81 15.16
CA TYR B 138 -2.97 -0.14 16.24
C TYR B 138 -1.75 -0.23 17.15
N ALA B 139 -0.55 -0.19 16.57
CA ALA B 139 0.66 -0.33 17.38
C ALA B 139 0.78 0.79 18.41
N GLU B 140 0.54 2.03 17.99
CA GLU B 140 0.63 3.15 18.92
C GLU B 140 -0.43 3.06 20.00
N GLU B 141 -1.65 2.62 19.64
CA GLU B 141 -2.71 2.50 20.64
C GLU B 141 -2.37 1.42 21.67
N TYR B 142 -1.86 0.28 21.22
CA TYR B 142 -1.47 -0.76 22.15
C TYR B 142 -0.31 -0.31 23.04
N ALA B 143 0.66 0.40 22.45
CA ALA B 143 1.82 0.83 23.23
C ALA B 143 1.47 1.94 24.22
N LYS B 144 0.43 2.73 23.93
CA LYS B 144 -0.02 3.75 24.87
C LYS B 144 -0.97 3.19 25.92
N ALA B 145 -1.68 2.11 25.60
CA ALA B 145 -2.49 1.45 26.62
C ALA B 145 -1.65 0.59 27.55
N LEU B 146 -0.52 0.08 27.05
CA LEU B 146 0.32 -0.78 27.88
C LEU B 146 0.98 0.00 29.01
N GLU B 147 1.10 1.33 28.86
CA GLU B 147 1.64 2.16 29.93
C GLU B 147 0.58 2.47 30.98
N LYS B 148 -0.67 2.66 30.58
CA LYS B 148 -1.73 3.04 31.51
C LYS B 148 -2.04 1.95 32.51
N GLY B 149 -1.63 0.71 32.25
CA GLY B 149 -1.84 -0.37 33.19
C GLY B 149 -3.25 -0.94 33.13
N LEU B 150 -3.75 -1.19 31.92
CA LEU B 150 -5.02 -1.86 31.77
C LEU B 150 -4.94 -3.26 32.36
N PRO B 151 -6.07 -3.86 32.74
CA PRO B 151 -6.03 -5.21 33.30
C PRO B 151 -5.47 -6.20 32.30
N ASP B 152 -4.78 -7.22 32.81
CA ASP B 152 -3.97 -8.10 31.98
C ASP B 152 -4.72 -8.75 30.82
N PRO B 153 -5.92 -9.32 30.99
CA PRO B 153 -6.58 -9.96 29.84
C PRO B 153 -6.94 -8.98 28.73
N VAL B 154 -7.23 -7.72 29.06
CA VAL B 154 -7.48 -6.73 28.02
C VAL B 154 -6.25 -6.54 27.16
N LEU B 155 -5.08 -6.42 27.78
CA LEU B 155 -3.85 -6.28 27.03
C LEU B 155 -3.54 -7.54 26.24
N TYR B 156 -3.79 -8.71 26.83
CA TYR B 156 -3.64 -9.98 26.13
C TYR B 156 -4.44 -9.97 24.82
N LEU B 157 -5.75 -9.74 24.93
CA LEU B 157 -6.60 -9.80 23.74
C LEU B 157 -6.30 -8.66 22.78
N ALA B 158 -5.74 -7.55 23.26
CA ALA B 158 -5.35 -6.47 22.37
C ALA B 158 -4.07 -6.80 21.61
N GLU B 159 -3.21 -7.63 22.19
CA GLU B 159 -1.95 -7.97 21.54
C GLU B 159 -2.18 -8.82 20.29
N LYS B 160 -3.19 -9.68 20.32
CA LYS B 160 -3.40 -10.64 19.23
C LYS B 160 -3.52 -9.95 17.87
N PHE B 161 -4.11 -8.77 17.85
CA PHE B 161 -4.38 -8.08 16.58
C PHE B 161 -3.27 -7.11 16.19
N THR B 162 -2.23 -6.96 17.01
CA THR B 162 -1.15 -6.03 16.70
C THR B 162 -0.44 -6.45 15.41
N PRO B 163 0.25 -5.52 14.76
CA PRO B 163 1.02 -5.89 13.56
C PRO B 163 2.25 -6.69 13.93
N ARG B 164 2.62 -7.63 13.05
CA ARG B 164 3.72 -8.56 13.28
C ARG B 164 3.52 -9.36 14.57
N SER B 165 2.43 -10.12 14.57
CA SER B 165 2.11 -11.05 15.63
C SER B 165 1.93 -12.45 15.04
N PRO B 166 2.36 -13.50 15.75
CA PRO B 166 2.26 -14.85 15.19
C PRO B 166 0.91 -15.21 14.61
N CYS B 167 -0.19 -14.85 15.28
CA CYS B 167 -1.51 -15.20 14.76
C CYS B 167 -1.76 -14.54 13.41
N GLY B 168 -1.44 -13.26 13.29
CA GLY B 168 -1.61 -12.56 12.03
C GLY B 168 -3.03 -12.11 11.75
N LEU B 169 -3.73 -11.60 12.77
CA LEU B 169 -5.11 -11.16 12.62
C LEU B 169 -5.23 -9.68 12.31
N TYR B 170 -4.20 -9.08 11.73
CA TYR B 170 -4.18 -7.65 11.44
C TYR B 170 -4.28 -7.36 9.95
N ASN B 171 -3.49 -8.06 9.13
CA ASN B 171 -3.50 -7.79 7.69
C ASN B 171 -4.64 -8.44 6.95
N GLN B 172 -5.43 -9.31 7.61
CA GLN B 172 -6.63 -9.84 7.01
C GLN B 172 -7.89 -9.15 7.51
N TYR B 173 -7.81 -8.47 8.65
CA TYR B 173 -8.92 -7.68 9.16
C TYR B 173 -8.87 -6.25 8.66
N ARG B 174 -7.67 -5.70 8.52
CA ARG B 174 -7.51 -4.34 8.01
C ARG B 174 -7.95 -4.22 6.55
N LEU B 175 -8.00 -5.33 5.82
CA LEU B 175 -8.45 -5.32 4.44
C LEU B 175 -9.95 -5.61 4.32
N ALA B 176 -10.47 -6.53 5.13
CA ALA B 176 -11.91 -6.74 5.19
C ALA B 176 -12.62 -5.48 5.64
N GLY B 177 -12.22 -4.92 6.78
CA GLY B 177 -12.83 -3.69 7.24
C GLY B 177 -12.55 -2.48 6.37
N HIS B 178 -11.87 -2.65 5.25
CA HIS B 178 -11.64 -1.58 4.30
C HIS B 178 -12.35 -1.80 2.97
N TYR B 179 -12.62 -3.04 2.61
CA TYR B 179 -13.37 -3.34 1.39
C TYR B 179 -14.85 -3.55 1.65
N ALA B 180 -15.20 -4.34 2.67
CA ALA B 180 -16.58 -4.47 3.08
C ALA B 180 -17.14 -3.20 3.71
N SER B 181 -16.33 -2.15 3.83
CA SER B 181 -16.79 -0.86 4.30
C SER B 181 -16.90 0.18 3.21
N ALA B 182 -16.26 -0.04 2.06
CA ALA B 182 -16.49 0.77 0.88
C ALA B 182 -17.63 0.21 0.03
N MET B 183 -17.80 -1.11 0.04
CA MET B 183 -18.95 -1.72 -0.60
C MET B 183 -20.22 -1.57 0.23
N LEU B 184 -20.18 -0.79 1.31
CA LEU B 184 -21.37 -0.33 2.01
C LEU B 184 -21.62 1.15 1.79
N TRP B 185 -20.66 1.89 1.21
CA TRP B 185 -20.88 3.23 0.71
C TRP B 185 -21.38 3.21 -0.73
N VAL B 186 -20.88 2.26 -1.52
CA VAL B 186 -21.40 2.07 -2.87
C VAL B 186 -22.86 1.64 -2.81
N ALA B 187 -23.19 0.72 -1.88
CA ALA B 187 -24.57 0.29 -1.69
C ALA B 187 -25.44 1.33 -1.01
N PHE B 188 -24.90 2.50 -0.72
CA PHE B 188 -25.67 3.64 -0.24
C PHE B 188 -25.87 4.68 -1.33
N LEU B 189 -24.82 4.93 -2.14
CA LEU B 189 -25.01 5.70 -3.36
C LEU B 189 -26.06 5.06 -4.25
N CYS B 190 -26.02 3.73 -4.39
CA CYS B 190 -27.02 3.04 -5.20
C CYS B 190 -28.42 3.21 -4.60
N TRP B 191 -28.51 3.23 -3.27
CA TRP B 191 -29.81 3.42 -2.63
C TRP B 191 -30.35 4.84 -2.88
N LEU B 192 -29.48 5.84 -2.77
CA LEU B 192 -29.90 7.21 -3.09
C LEU B 192 -30.39 7.33 -4.52
N LEU B 193 -29.65 6.73 -5.46
CA LEU B 193 -30.05 6.82 -6.86
C LEU B 193 -31.34 6.05 -7.13
N ALA B 194 -31.54 4.91 -6.44
CA ALA B 194 -32.78 4.18 -6.61
C ALA B 194 -33.96 4.93 -6.02
N ASN B 195 -33.73 5.73 -4.98
CA ASN B 195 -34.81 6.57 -4.47
C ASN B 195 -35.10 7.72 -5.40
N VAL B 196 -34.07 8.29 -6.03
CA VAL B 196 -34.29 9.38 -6.97
C VAL B 196 -35.03 8.86 -8.21
N MET B 197 -34.75 7.63 -8.62
CA MET B 197 -35.46 7.00 -9.73
C MET B 197 -36.81 6.43 -9.33
N LEU B 198 -37.31 6.74 -8.13
CA LEU B 198 -38.65 6.35 -7.70
C LEU B 198 -39.66 7.47 -7.95
N SER B 199 -39.47 8.22 -9.04
CA SER B 199 -40.24 9.41 -9.33
C SER B 199 -40.51 9.41 -10.83
N MET B 200 -40.82 10.58 -11.39
CA MET B 200 -41.05 10.79 -12.82
C MET B 200 -40.14 9.96 -13.74
N PRO B 201 -38.84 9.84 -13.47
CA PRO B 201 -38.02 8.94 -14.29
C PRO B 201 -38.54 7.51 -14.27
N VAL B 202 -38.29 6.78 -15.36
CA VAL B 202 -38.86 5.46 -15.53
C VAL B 202 -38.44 4.55 -14.38
N LEU B 203 -39.41 3.76 -13.88
CA LEU B 203 -39.22 3.01 -12.64
C LEU B 203 -38.45 1.71 -12.84
N VAL B 204 -38.26 1.25 -14.08
CA VAL B 204 -37.48 0.02 -14.28
C VAL B 204 -36.02 0.24 -13.93
N TYR B 205 -35.49 1.44 -14.17
CA TYR B 205 -34.13 1.75 -13.76
C TYR B 205 -34.02 1.85 -12.24
N GLY B 206 -35.06 2.39 -11.58
CA GLY B 206 -35.09 2.35 -10.13
C GLY B 206 -35.09 0.93 -9.59
N GLY B 207 -35.82 0.03 -10.25
CA GLY B 207 -35.81 -1.37 -9.83
C GLY B 207 -34.45 -2.01 -10.04
N HIS B 208 -33.79 -1.70 -11.15
CA HIS B 208 -32.44 -2.22 -11.38
C HIS B 208 -31.47 -1.72 -10.32
N MET B 209 -31.58 -0.44 -9.94
CA MET B 209 -30.70 0.07 -8.90
C MET B 209 -31.05 -0.51 -7.54
N LEU B 210 -32.31 -0.87 -7.32
CA LEU B 210 -32.68 -1.58 -6.10
C LEU B 210 -32.10 -3.00 -6.09
N LEU B 211 -31.98 -3.62 -7.27
CA LEU B 211 -31.19 -4.85 -7.35
C LEU B 211 -29.75 -4.60 -6.94
N ALA B 212 -29.15 -3.54 -7.50
CA ALA B 212 -27.73 -3.27 -7.27
C ALA B 212 -27.44 -2.98 -5.80
N THR B 213 -28.39 -2.35 -5.10
CA THR B 213 -28.21 -2.08 -3.68
C THR B 213 -27.97 -3.36 -2.90
N GLY B 214 -28.90 -4.32 -2.99
CA GLY B 214 -28.72 -5.59 -2.31
C GLY B 214 -27.57 -6.41 -2.84
N LEU B 215 -27.25 -6.28 -4.13
CA LEU B 215 -26.10 -7.00 -4.67
C LEU B 215 -24.81 -6.50 -4.04
N PHE B 216 -24.65 -5.19 -3.91
CA PHE B 216 -23.46 -4.65 -3.26
C PHE B 216 -23.45 -4.94 -1.76
N GLN B 217 -24.62 -4.96 -1.12
CA GLN B 217 -24.66 -5.34 0.28
C GLN B 217 -24.16 -6.77 0.49
N LEU B 218 -24.59 -7.70 -0.37
CA LEU B 218 -24.10 -9.06 -0.25
C LEU B 218 -22.64 -9.19 -0.63
N LEU B 219 -22.19 -8.43 -1.63
CA LEU B 219 -20.78 -8.46 -2.00
C LEU B 219 -19.90 -7.89 -0.89
N ALA B 220 -20.45 -7.00 -0.06
CA ALA B 220 -19.73 -6.51 1.10
C ALA B 220 -19.74 -7.54 2.22
N LEU B 221 -20.92 -8.13 2.49
CA LEU B 221 -21.03 -9.17 3.50
C LEU B 221 -20.15 -10.38 3.18
N PHE B 222 -19.82 -10.59 1.91
CA PHE B 222 -18.95 -11.70 1.55
C PHE B 222 -17.50 -11.46 1.97
N PHE B 223 -17.05 -10.20 1.97
CA PHE B 223 -15.66 -9.91 2.30
C PHE B 223 -15.36 -10.09 3.77
N PHE B 224 -16.34 -9.98 4.65
CA PHE B 224 -16.15 -10.31 6.05
C PHE B 224 -16.39 -11.79 6.34
N SER B 225 -16.40 -12.62 5.30
CA SER B 225 -16.46 -14.07 5.49
C SER B 225 -15.10 -14.73 5.29
N MET B 226 -14.16 -14.04 4.65
CA MET B 226 -12.80 -14.53 4.50
C MET B 226 -11.93 -14.27 5.73
N THR B 227 -12.53 -13.80 6.81
CA THR B 227 -11.82 -13.56 8.08
C THR B 227 -12.40 -14.45 9.17
N THR B 228 -12.66 -15.72 8.83
CA THR B 228 -13.04 -16.73 9.80
C THR B 228 -12.17 -17.97 9.71
N SER B 229 -11.35 -18.11 8.68
CA SER B 229 -10.44 -19.24 8.54
C SER B 229 -9.18 -19.09 9.39
N LEU B 230 -8.91 -17.89 9.92
CA LEU B 230 -7.70 -17.65 10.70
C LEU B 230 -7.98 -17.20 12.13
N ILE B 231 -9.18 -16.70 12.42
CA ILE B 231 -9.52 -16.37 13.80
C ILE B 231 -9.87 -17.62 14.60
N SER B 232 -10.25 -18.70 13.92
CA SER B 232 -10.57 -19.96 14.59
C SER B 232 -9.30 -20.69 15.04
N PRO B 233 -8.24 -20.78 14.23
CA PRO B 233 -7.00 -21.39 14.75
C PRO B 233 -6.37 -20.62 15.90
N CYS B 234 -6.32 -19.28 15.80
CA CYS B 234 -5.69 -18.45 16.81
C CYS B 234 -6.33 -18.67 18.17
N PRO B 235 -5.62 -19.27 19.12
CA PRO B 235 -6.23 -19.56 20.44
C PRO B 235 -6.39 -18.30 21.26
N LEU B 236 -7.42 -18.29 22.08
CA LEU B 236 -7.75 -17.18 22.96
C LEU B 236 -8.04 -17.68 24.36
N ARG B 237 -7.17 -18.55 24.88
CA ARG B 237 -7.38 -19.18 26.17
C ARG B 237 -7.16 -18.17 27.29
N LEU B 238 -8.25 -17.70 27.90
CA LEU B 238 -8.19 -16.80 29.05
C LEU B 238 -8.30 -17.65 30.31
N GLY B 239 -7.24 -17.69 31.10
CA GLY B 239 -7.23 -18.50 32.30
C GLY B 239 -7.49 -19.97 32.01
N THR B 240 -8.71 -20.43 32.34
CA THR B 240 -9.11 -21.81 32.09
C THR B 240 -10.28 -21.90 31.12
N ALA B 241 -10.58 -20.82 30.40
CA ALA B 241 -11.71 -20.79 29.49
C ALA B 241 -11.28 -20.27 28.12
N VAL B 242 -12.01 -20.67 27.09
CA VAL B 242 -11.73 -20.28 25.72
C VAL B 242 -12.73 -19.18 25.35
N LEU B 243 -12.44 -18.42 24.28
CA LEU B 243 -13.28 -17.30 23.86
C LEU B 243 -13.56 -17.47 22.37
N HIS B 244 -14.70 -18.11 22.06
CA HIS B 244 -15.06 -18.35 20.67
C HIS B 244 -15.74 -17.12 20.07
N THR B 245 -15.39 -16.83 18.82
CA THR B 245 -15.97 -15.71 18.09
C THR B 245 -16.78 -16.24 16.91
N HIS B 246 -17.96 -15.69 16.71
CA HIS B 246 -18.85 -16.08 15.62
C HIS B 246 -19.58 -14.84 15.12
N HIS B 247 -20.00 -14.90 13.86
CA HIS B 247 -20.71 -13.79 13.21
C HIS B 247 -21.84 -13.27 14.08
N GLY B 248 -21.87 -11.96 14.26
CA GLY B 248 -22.77 -11.32 15.20
C GLY B 248 -24.01 -10.75 14.54
N PRO B 249 -24.73 -9.92 15.28
CA PRO B 249 -25.98 -9.35 14.73
C PRO B 249 -25.78 -8.58 13.44
N ALA B 250 -24.84 -7.64 13.40
CA ALA B 250 -24.63 -6.80 12.24
C ALA B 250 -24.13 -7.57 11.03
N PHE B 251 -24.00 -8.88 11.12
CA PHE B 251 -23.71 -9.71 9.96
C PHE B 251 -24.95 -10.44 9.46
N TRP B 252 -25.94 -10.69 10.32
CA TRP B 252 -27.19 -11.30 9.91
C TRP B 252 -28.20 -10.25 9.44
N ILE B 253 -28.21 -9.09 10.09
CA ILE B 253 -29.13 -8.03 9.69
C ILE B 253 -28.82 -7.57 8.27
N THR B 254 -27.54 -7.49 7.92
CA THR B 254 -27.14 -7.13 6.57
C THR B 254 -27.59 -8.19 5.57
N LEU B 255 -27.47 -9.47 5.93
CA LEU B 255 -27.95 -10.53 5.05
C LEU B 255 -29.45 -10.40 4.81
N ALA B 256 -30.22 -10.17 5.88
CA ALA B 256 -31.65 -10.00 5.73
C ALA B 256 -31.99 -8.81 4.84
N THR B 257 -31.31 -7.69 5.03
CA THR B 257 -31.60 -6.50 4.23
C THR B 257 -31.23 -6.72 2.76
N GLY B 258 -30.10 -7.38 2.50
CA GLY B 258 -29.73 -7.68 1.13
C GLY B 258 -30.72 -8.60 0.45
N LEU B 259 -31.18 -9.63 1.15
CA LEU B 259 -32.19 -10.51 0.58
C LEU B 259 -33.48 -9.75 0.30
N LEU B 260 -33.90 -8.88 1.23
CA LEU B 260 -35.10 -8.08 1.02
C LEU B 260 -34.95 -7.19 -0.20
N CYS B 261 -33.78 -6.57 -0.38
CA CYS B 261 -33.57 -5.70 -1.53
C CYS B 261 -33.60 -6.47 -2.83
N ILE B 262 -32.95 -7.65 -2.86
CA ILE B 262 -32.97 -8.47 -4.06
C ILE B 262 -34.40 -8.88 -4.40
N LEU B 263 -35.18 -9.28 -3.40
CA LEU B 263 -36.54 -9.71 -3.65
C LEU B 263 -37.40 -8.56 -4.15
N LEU B 264 -37.29 -7.39 -3.52
CA LEU B 264 -38.02 -6.22 -3.98
C LEU B 264 -37.67 -5.88 -5.43
N GLY B 265 -36.38 -5.93 -5.76
CA GLY B 265 -35.98 -5.62 -7.12
C GLY B 265 -36.51 -6.62 -8.13
N LEU B 266 -36.44 -7.92 -7.81
CA LEU B 266 -36.96 -8.92 -8.72
C LEU B 266 -38.46 -8.76 -8.92
N VAL B 267 -39.19 -8.46 -7.84
CA VAL B 267 -40.63 -8.28 -7.96
C VAL B 267 -40.96 -7.06 -8.79
N MET B 268 -40.23 -5.96 -8.59
CA MET B 268 -40.44 -4.76 -9.41
C MET B 268 -40.17 -5.05 -10.88
N ALA B 269 -39.09 -5.80 -11.17
CA ALA B 269 -38.77 -6.13 -12.55
C ALA B 269 -39.87 -6.98 -13.18
N VAL B 270 -40.33 -8.00 -12.47
CA VAL B 270 -41.39 -8.87 -12.99
C VAL B 270 -42.66 -8.07 -13.23
N ALA B 271 -43.01 -7.18 -12.29
CA ALA B 271 -44.22 -6.38 -12.45
C ALA B 271 -44.12 -5.48 -13.67
N HIS B 272 -43.06 -4.68 -13.76
CA HIS B 272 -42.94 -3.77 -14.90
C HIS B 272 -42.62 -4.49 -16.20
N ARG B 273 -42.33 -5.79 -16.17
CA ARG B 273 -42.18 -6.55 -17.40
C ARG B 273 -43.44 -7.29 -17.81
N MET B 274 -44.39 -7.47 -16.88
CA MET B 274 -45.61 -8.21 -17.19
C MET B 274 -46.88 -7.40 -17.02
N GLN B 275 -46.91 -6.40 -16.15
CA GLN B 275 -48.13 -5.63 -15.88
C GLN B 275 -47.75 -4.23 -15.44
N PRO B 276 -47.73 -3.27 -16.36
CA PRO B 276 -47.45 -1.88 -15.96
C PRO B 276 -48.62 -1.26 -15.21
N HIS B 277 -48.80 -1.66 -13.95
CA HIS B 277 -49.88 -1.15 -13.14
C HIS B 277 -49.52 0.10 -12.37
C1 NAG C . -15.43 0.82 22.13
C2 NAG C . -16.89 1.19 22.42
C3 NAG C . -17.06 2.70 22.38
C4 NAG C . -16.05 3.39 23.28
C5 NAG C . -14.63 2.94 22.91
C6 NAG C . -13.57 3.50 23.83
C7 NAG C . -19.06 0.24 21.78
C8 NAG C . -19.83 -0.44 20.69
N2 NAG C . -17.79 0.54 21.50
O3 NAG C . -18.38 3.05 22.79
O4 NAG C . -16.15 4.81 23.15
O5 NAG C . -14.56 1.51 23.02
O6 NAG C . -13.84 3.18 25.19
O7 NAG C . -19.56 0.50 22.87
C1 NAG C . -16.26 5.47 24.45
C2 NAG C . -15.90 6.94 24.27
C3 NAG C . -15.98 7.68 25.60
C4 NAG C . -17.34 7.45 26.25
C5 NAG C . -17.65 5.96 26.34
C6 NAG C . -19.03 5.68 26.87
C7 NAG C . -14.17 8.19 23.05
C8 NAG C . -12.75 8.18 22.54
N2 NAG C . -14.56 7.10 23.71
O3 NAG C . -15.78 9.06 25.39
O4 NAG C . -17.37 8.01 27.56
O5 NAG C . -17.58 5.37 25.03
O6 NAG C . -19.32 6.50 28.00
O7 NAG C . -14.91 9.13 22.86
C1 BMA C . -16.18 7.74 28.33
C2 BMA C . -15.82 9.03 29.11
C3 BMA C . -14.72 8.78 30.15
C4 BMA C . -14.98 7.51 30.96
C5 BMA C . -15.19 6.33 30.00
C6 BMA C . -15.43 5.03 30.73
O2 BMA C . -16.95 9.50 29.83
O3 BMA C . -14.58 9.88 31.03
O4 BMA C . -13.88 7.23 31.80
O5 BMA C . -16.34 6.63 29.20
O6 BMA C . -14.42 4.89 31.73
C1 MAN C . -14.00 3.52 31.79
C2 MAN C . -14.03 3.09 33.29
C3 MAN C . -12.93 3.83 34.07
C4 MAN C . -11.55 3.76 33.34
C5 MAN C . -11.70 4.19 31.88
C6 MAN C . -10.43 4.04 31.08
O2 MAN C . -13.79 1.69 33.43
O3 MAN C . -12.86 3.41 35.48
O4 MAN C . -10.62 4.62 33.97
O5 MAN C . -12.71 3.38 31.25
O6 MAN C . -10.75 3.36 29.87
C1 MAN C . -11.89 2.37 35.74
C2 MAN C . -12.51 1.38 36.77
C3 MAN C . -12.44 1.94 38.19
C4 MAN C . -11.05 2.47 38.51
C5 MAN C . -10.69 3.55 37.49
C6 MAN C . -9.33 4.15 37.72
O2 MAN C . -11.80 0.15 36.81
O3 MAN C . -12.81 0.96 39.16
O4 MAN C . -11.04 3.04 39.81
O5 MAN C . -10.66 2.92 36.20
O6 MAN C . -8.36 3.30 37.11
PA FAD D . -19.15 15.05 -36.83
O1A FAD D . -18.76 15.30 -38.25
O2A FAD D . -18.47 14.00 -36.02
O5B FAD D . -18.99 16.43 -36.03
C5B FAD D . -18.47 17.61 -36.63
C4B FAD D . -18.70 18.78 -35.68
O4B FAD D . -20.01 18.70 -35.15
C3B FAD D . -17.72 18.75 -34.53
O3B FAD D . -17.09 20.03 -34.39
C2B FAD D . -18.56 18.41 -33.32
O2B FAD D . -18.12 19.12 -32.15
C1B FAD D . -19.97 18.77 -33.73
N9A FAD D . -20.94 17.87 -33.07
C8A FAD D . -21.00 16.54 -33.21
N7A FAD D . -21.99 16.01 -32.46
C5A FAD D . -22.56 17.01 -31.81
C6A FAD D . -23.65 17.14 -30.86
N6A FAD D . -24.32 16.05 -30.45
N1A FAD D . -23.96 18.36 -30.42
C2A FAD D . -23.29 19.46 -30.81
N3A FAD D . -22.28 19.41 -31.68
C4A FAD D . -21.88 18.23 -32.21
N1 FAD D . -25.40 22.53 -33.35
C2 FAD D . -25.76 23.19 -32.23
O2 FAD D . -25.13 22.99 -31.19
N3 FAD D . -26.75 24.05 -32.18
C4 FAD D . -27.44 24.31 -33.24
O4 FAD D . -28.34 25.13 -33.16
C4X FAD D . -27.13 23.65 -34.52
N5 FAD D . -27.81 23.89 -35.64
C5X FAD D . -27.49 23.26 -36.79
C6 FAD D . -28.21 23.53 -37.92
C7 FAD D . -27.93 22.90 -39.09
C7M FAD D . -28.77 23.24 -40.28
C8 FAD D . -26.83 21.94 -39.13
C8M FAD D . -26.44 21.20 -40.38
C9 FAD D . -26.10 21.67 -38.02
C9A FAD D . -26.39 22.30 -36.84
N10 FAD D . -25.66 22.01 -35.69
C10 FAD D . -26.02 22.70 -34.52
C1' FAD D . -24.55 21.07 -35.72
C2' FAD D . -24.96 19.66 -36.06
O2' FAD D . -24.87 18.86 -34.90
C3' FAD D . -24.04 19.08 -37.11
O3' FAD D . -24.52 19.50 -38.37
C4' FAD D . -24.10 17.58 -37.04
O4' FAD D . -23.93 17.26 -35.67
C5' FAD D . -23.05 16.83 -37.87
O5' FAD D . -22.91 15.52 -37.36
P FAD D . -21.73 14.59 -37.86
O1P FAD D . -22.23 13.19 -37.84
O2P FAD D . -21.15 15.17 -39.11
O3P FAD D . -20.71 14.80 -36.67
C1 NAG E . 43.16 -30.93 30.00
C2 NAG E . 43.90 -31.26 31.29
C3 NAG E . 45.15 -32.09 30.99
C4 NAG E . 44.78 -33.31 30.17
C5 NAG E . 44.02 -32.90 28.92
C6 NAG E . 43.54 -34.07 28.11
C7 NAG E . 44.38 -30.01 33.35
C8 NAG E . 44.74 -28.68 33.93
N2 NAG E . 44.24 -30.05 32.02
O3 NAG E . 45.75 -32.48 32.22
O4 NAG E . 45.97 -34.02 29.80
O5 NAG E . 42.86 -32.14 29.28
O6 NAG E . 44.32 -35.23 28.36
O7 NAG E . 44.23 -31.00 34.05
C1 NAG F . 27.43 -47.13 22.49
C2 NAG F . 26.33 -48.21 22.53
C3 NAG F . 26.91 -49.61 22.30
C4 NAG F . 27.75 -49.62 21.03
C5 NAG F . 28.80 -48.51 21.06
C6 NAG F . 29.58 -48.40 19.78
C7 NAG F . 25.82 -48.34 25.02
C8 NAG F . 27.25 -48.68 25.33
N2 NAG F . 25.48 -48.16 23.72
O3 NAG F . 25.86 -50.56 22.20
O4 NAG F . 28.41 -50.87 20.91
O5 NAG F . 28.16 -47.24 21.27
O6 NAG F . 28.85 -48.93 18.68
O7 NAG F . 24.98 -48.25 25.91
C1 NAG G . 24.22 -30.68 47.55
C2 NAG G . 24.26 -32.00 46.77
C3 NAG G . 25.70 -32.38 46.44
C4 NAG G . 26.38 -31.22 45.74
C5 NAG G . 26.55 -30.09 46.74
C6 NAG G . 26.39 -28.71 46.13
C7 NAG G . 22.65 -33.84 47.01
C8 NAG G . 22.26 -33.56 45.59
N2 NAG G . 23.61 -33.07 47.52
O3 NAG G . 25.70 -33.53 45.59
O4 NAG G . 27.66 -31.63 45.26
O5 NAG G . 25.61 -30.18 47.82
O6 NAG G . 26.49 -28.76 44.71
O7 NAG G . 22.12 -34.73 47.67
FE HEB H . -16.35 9.70 -25.70
CHA HEB H . -19.68 10.56 -26.03
CHB HEB H . -15.88 10.26 -29.05
CHC HEB H . -13.02 8.78 -25.38
CHD HEB H . -16.83 9.17 -22.33
NA HEB H . -17.53 10.29 -27.20
C1A HEB H . -18.86 10.59 -27.15
C2A HEB H . -19.30 10.94 -28.43
C3A HEB H . -18.19 10.85 -29.26
C4A HEB H . -17.13 10.44 -28.48
CMA HEB H . -18.16 11.11 -30.74
CAA HEB H . -20.67 11.33 -28.95
CBA HEB H . -21.54 12.18 -28.04
CGA HEB H . -22.88 12.35 -28.71
O1A HEB H . -23.01 11.92 -29.88
O2A HEB H . -23.80 12.91 -28.07
NB HEB H . -14.79 9.56 -26.93
C1B HEB H . -14.81 9.84 -28.26
C2B HEB H . -13.56 9.63 -28.82
C3B HEB H . -12.77 9.20 -27.76
C4B HEB H . -13.54 9.17 -26.61
CMB HEB H . -13.19 9.81 -30.26
CAB HEB H . -11.33 8.83 -27.83
CBB HEB H . -10.44 9.60 -28.41
NC HEB H . -15.17 9.10 -24.19
C1C HEB H . -13.86 8.78 -24.27
C2C HEB H . -13.39 8.41 -23.00
C3C HEB H . -14.49 8.53 -22.17
C4C HEB H . -15.58 8.96 -22.92
CMC HEB H . -12.00 7.98 -22.66
CAC HEB H . -14.58 8.25 -20.71
CBC HEB H . -13.64 8.64 -19.87
ND HEB H . -17.90 9.84 -24.46
C1D HEB H . -17.88 9.59 -23.13
C2D HEB H . -19.13 9.80 -22.60
C3D HEB H . -19.95 10.19 -23.65
C4D HEB H . -19.16 10.19 -24.79
CMD HEB H . -19.52 9.63 -21.15
CAD HEB H . -21.42 10.55 -23.58
CBD HEB H . -22.24 9.26 -23.52
CGD HEB H . -23.71 9.58 -23.40
O1D HEB H . -24.07 10.78 -23.35
O2D HEB H . -24.51 8.63 -23.34
FE HEB I . -2.26 2.37 -12.03
CHA HEB I . -2.31 4.01 -9.02
CHB HEB I . -0.07 0.05 -10.72
CHC HEB I . -2.21 0.72 -15.05
CHD HEB I . -4.47 4.69 -13.34
NA HEB I . -1.37 2.09 -10.26
C1A HEB I . -1.56 2.86 -9.17
C2A HEB I . -0.82 2.34 -8.12
C3A HEB I . -0.18 1.20 -8.59
C4A HEB I . -0.55 1.08 -9.92
CMA HEB I . 0.73 0.27 -7.83
CAA HEB I . -0.75 2.89 -6.71
CBA HEB I . -1.76 2.16 -5.84
CGA HEB I . -2.20 3.05 -4.71
O1A HEB I . -1.58 4.13 -4.51
O2A HEB I . -3.17 2.69 -4.01
NB HEB I . -1.34 0.75 -12.73
C1B HEB I . -0.48 -0.04 -12.04
C2B HEB I . -0.02 -1.06 -12.86
C3B HEB I . -0.62 -0.85 -14.08
C4B HEB I . -1.44 0.27 -13.98
CMB HEB I . 0.96 -2.15 -12.47
CAB HEB I . -0.47 -1.66 -15.31
CBB HEB I . 0.72 -1.99 -15.78
NC HEB I . -3.13 2.66 -13.80
C1C HEB I . -3.00 1.85 -14.88
C2C HEB I . -3.78 2.32 -15.93
C3C HEB I . -4.41 3.44 -15.43
C4C HEB I . -4.02 3.64 -14.12
CMC HEB I . -3.91 1.70 -17.29
CAC HEB I . -5.38 4.26 -16.19
CBC HEB I . -6.60 4.47 -15.74
ND HEB I . -3.19 3.99 -11.34
C1D HEB I . -4.03 4.80 -12.03
C2D HEB I . -4.46 5.83 -11.21
C3D HEB I . -3.84 5.64 -9.98
C4D HEB I . -3.06 4.50 -10.09
CMD HEB I . -5.39 6.94 -11.59
CAD HEB I . -3.99 6.52 -8.77
CBD HEB I . -5.11 5.99 -7.87
CGD HEB I . -5.30 6.99 -6.76
O1D HEB I . -4.66 8.05 -6.82
O2D HEB I . -6.08 6.70 -5.84
PA NDP J . -17.48 31.72 -41.93
O1A NDP J . -17.60 31.03 -43.25
O2A NDP J . -16.19 31.70 -41.26
O5B NDP J . -17.86 33.21 -42.15
C5B NDP J . -16.96 34.17 -41.73
C4B NDP J . -17.79 35.36 -41.92
O4B NDP J . -17.36 36.27 -40.96
C3B NDP J . -17.35 35.92 -43.18
O3B NDP J . -18.47 36.67 -43.53
C2B NDP J . -16.24 36.81 -42.70
O2B NDP J . -15.77 37.75 -43.65
C1B NDP J . -16.94 37.47 -41.57
N9A NDP J . -16.05 38.22 -40.65
C8A NDP J . -15.28 37.69 -39.68
N7A NDP J . -14.62 38.64 -38.99
C5A NDP J . -14.98 39.82 -39.54
C6A NDP J . -14.62 41.23 -39.34
N6A NDP J . -13.75 41.58 -38.35
N1A NDP J . -15.21 42.16 -40.12
C2A NDP J . -16.07 41.86 -41.07
N3A NDP J . -16.38 40.59 -41.30
C4A NDP J . -15.91 39.54 -40.60
O3 NDP J . -18.63 31.18 -41.00
PN NDP J . -18.06 30.93 -39.59
O1N NDP J . -17.29 29.70 -39.87
O2N NDP J . -17.53 32.25 -39.15
O5D NDP J . -19.12 30.59 -38.47
C5D NDP J . -18.76 31.02 -37.18
C4D NDP J . -19.91 31.14 -36.19
O4D NDP J . -21.25 31.20 -36.67
C3D NDP J . -19.94 30.02 -35.19
O3D NDP J . -18.78 30.10 -34.37
C2D NDP J . -21.22 30.36 -34.46
O2D NDP J . -21.10 31.25 -33.36
C1D NDP J . -22.02 31.08 -35.50
N1N NDP J . -23.10 30.15 -35.67
P2B NDP J . -14.42 37.55 -44.51
O1X NDP J . -14.95 37.77 -45.89
O2X NDP J . -13.53 38.64 -44.02
O3X NDP J . -13.85 36.17 -44.39
C1 PLC K . -11.68 23.73 -33.14
C2 PLC K . -10.63 23.75 -32.01
C3 PLC K . -10.81 22.54 -31.10
C4 PLC K . -15.39 26.86 -34.30
C5 PLC K . -14.93 28.07 -35.09
C6 PLC K . -15.54 30.24 -35.92
C7 PLC K . -17.12 28.43 -35.99
C8 PLC K . -16.51 29.44 -33.91
C' PLC K . -8.53 24.78 -31.70
C1' PLC K . -7.44 25.63 -32.31
C2' PLC K . -6.84 26.48 -31.20
C3' PLC K . -5.73 25.74 -30.47
C4' PLC K . -5.38 26.43 -29.15
C5' PLC K . -3.99 26.00 -28.67
C6' PLC K . -3.75 26.42 -27.23
C7' PLC K . -2.30 26.17 -26.83
C8' PLC K . -2.16 26.12 -25.32
C9' PLC K . -0.71 25.96 -24.89
CA' PLC K . -0.61 25.62 -23.40
CB' PLC K . 0.83 25.62 -22.94
CB PLC K . -11.45 22.97 -28.75
C1B PLC K . -12.37 23.65 -27.77
C2B PLC K . -11.66 23.77 -26.44
C3B PLC K . -12.40 24.74 -25.51
C4B PLC K . -13.77 24.21 -25.12
C5B PLC K . -14.20 24.84 -23.81
C6B PLC K . -15.66 24.55 -23.47
C7B PLC K . -15.95 23.06 -23.52
C8B PLC K . -17.32 22.75 -22.93
C9B PLC K . -17.30 22.93 -21.42
CAA PLC K . -18.58 22.43 -20.79
CBA PLC K . -18.54 22.53 -19.29
O' PLC K . -8.78 24.88 -30.52
OB PLC K . -10.40 22.50 -28.38
O2 PLC K . -9.30 23.85 -32.51
O3 PLC K . -11.82 22.89 -30.15
O1P PLC K . -15.30 24.15 -32.78
O2P PLC K . -13.84 24.10 -34.96
O3P PLC K . -12.78 24.51 -32.70
O4P PLC K . -14.25 26.25 -33.71
N PLC K . -16.03 29.05 -35.23
P PLC K . -14.12 24.65 -33.59
CA CA L . 15.26 -12.72 28.22
C1 NAG M . -13.98 -19.20 39.16
C2 NAG M . -14.32 -20.68 38.98
C3 NAG M . -15.44 -21.09 39.92
C4 NAG M . -15.11 -20.70 41.36
C5 NAG M . -14.77 -19.22 41.43
C6 NAG M . -14.32 -18.78 42.80
C7 NAG M . -13.89 -21.64 36.76
C8 NAG M . -14.42 -21.84 35.37
N2 NAG M . -14.69 -20.97 37.60
O3 NAG M . -15.65 -22.50 39.84
O4 NAG M . -16.21 -20.98 42.22
O5 NAG M . -13.69 -18.93 40.53
O6 NAG M . -14.88 -19.61 43.81
O7 NAG M . -12.79 -22.05 37.10
#